data_1LOP
# 
_entry.id   1LOP 
# 
_audit_conform.dict_name       mmcif_pdbx.dic 
_audit_conform.dict_version    5.403 
_audit_conform.dict_location   http://mmcif.pdb.org/dictionaries/ascii/mmcif_pdbx.dic 
# 
loop_
_database_2.database_id 
_database_2.database_code 
_database_2.pdbx_database_accession 
_database_2.pdbx_DOI 
PDB   1LOP         pdb_00001lop 10.2210/pdb1lop/pdb 
WWPDB D_1000174783 ?            ?                   
# 
loop_
_pdbx_audit_revision_history.ordinal 
_pdbx_audit_revision_history.data_content_type 
_pdbx_audit_revision_history.major_revision 
_pdbx_audit_revision_history.minor_revision 
_pdbx_audit_revision_history.revision_date 
_pdbx_audit_revision_history.part_number 
1 'Structure model' 1 0 1996-12-23 ? 
2 'Structure model' 1 1 2008-03-24 ? 
3 'Structure model' 1 2 2011-07-13 ? 
4 'Structure model' 1 3 2012-12-12 ? 
5 'Structure model' 1 4 2017-11-29 ? 
6 'Structure model' 1 5 2025-03-26 ? 
# 
_pdbx_audit_revision_details.ordinal             1 
_pdbx_audit_revision_details.revision_ordinal    1 
_pdbx_audit_revision_details.data_content_type   'Structure model' 
_pdbx_audit_revision_details.provider            repository 
_pdbx_audit_revision_details.type                'Initial release' 
_pdbx_audit_revision_details.description         ? 
_pdbx_audit_revision_details.details             ? 
# 
loop_
_pdbx_audit_revision_group.ordinal 
_pdbx_audit_revision_group.revision_ordinal 
_pdbx_audit_revision_group.data_content_type 
_pdbx_audit_revision_group.group 
1  2 'Structure model' 'Version format compliance' 
2  3 'Structure model' 'Atomic model'              
3  3 'Structure model' 'Database references'       
4  3 'Structure model' 'Derived calculations'      
5  3 'Structure model' 'Non-polymer description'   
6  3 'Structure model' 'Structure summary'         
7  3 'Structure model' 'Version format compliance' 
8  4 'Structure model' Other                       
9  5 'Structure model' 'Derived calculations'      
10 5 'Structure model' Other                       
11 6 'Structure model' 'Data collection'           
12 6 'Structure model' 'Database references'       
13 6 'Structure model' 'Derived calculations'      
14 6 'Structure model' 'Structure summary'         
# 
loop_
_pdbx_audit_revision_category.ordinal 
_pdbx_audit_revision_category.revision_ordinal 
_pdbx_audit_revision_category.data_content_type 
_pdbx_audit_revision_category.category 
1  5 'Structure model' pdbx_database_status      
2  5 'Structure model' struct_conf               
3  5 'Structure model' struct_conf_type          
4  6 'Structure model' chem_comp_atom            
5  6 'Structure model' chem_comp_bond            
6  6 'Structure model' database_2                
7  6 'Structure model' pdbx_entry_details        
8  6 'Structure model' pdbx_modification_feature 
9  6 'Structure model' struct_conn               
10 6 'Structure model' struct_ref_seq_dif        
# 
loop_
_pdbx_audit_revision_item.ordinal 
_pdbx_audit_revision_item.revision_ordinal 
_pdbx_audit_revision_item.data_content_type 
_pdbx_audit_revision_item.item 
1  5 'Structure model' '_pdbx_database_status.process_site'  
2  6 'Structure model' '_database_2.pdbx_DOI'                
3  6 'Structure model' '_database_2.pdbx_database_accession' 
4  6 'Structure model' '_struct_conn.pdbx_leaving_atom_flag' 
5  6 'Structure model' '_struct_conn.ptnr1_auth_comp_id'     
6  6 'Structure model' '_struct_conn.ptnr1_auth_seq_id'      
7  6 'Structure model' '_struct_conn.ptnr1_label_atom_id'    
8  6 'Structure model' '_struct_conn.ptnr1_label_comp_id'    
9  6 'Structure model' '_struct_conn.ptnr1_label_seq_id'     
10 6 'Structure model' '_struct_conn.ptnr2_auth_comp_id'     
11 6 'Structure model' '_struct_conn.ptnr2_auth_seq_id'      
12 6 'Structure model' '_struct_conn.ptnr2_label_atom_id'    
13 6 'Structure model' '_struct_conn.ptnr2_label_comp_id'    
14 6 'Structure model' '_struct_conn.ptnr2_label_seq_id'     
15 6 'Structure model' '_struct_ref_seq_dif.details'         
# 
_pdbx_database_status.status_code                     REL 
_pdbx_database_status.entry_id                        1LOP 
_pdbx_database_status.recvd_initial_deposition_date   1996-06-17 
_pdbx_database_status.deposit_site                    ? 
_pdbx_database_status.process_site                    BNL 
_pdbx_database_status.status_code_sf                  REL 
_pdbx_database_status.status_code_mr                  ? 
_pdbx_database_status.SG_entry                        ? 
_pdbx_database_status.status_code_cs                  ? 
_pdbx_database_status.pdb_format_compatible           Y 
_pdbx_database_status.methods_development_category    ? 
_pdbx_database_status.status_code_nmr_data            ? 
# 
_audit_author.name           'Konno, M.' 
_audit_author.pdbx_ordinal   1 
# 
_citation.id                        primary 
_citation.title                     
;The substrate-binding site in Escherichia coli cyclophilin A preferably recognizes a cis-proline isomer or a highly distorted form of the trans isomer.
;
_citation.journal_abbrev            J.Mol.Biol. 
_citation.journal_volume            256 
_citation.page_first                897 
_citation.page_last                 908 
_citation.year                      1996 
_citation.journal_id_ASTM           JMOBAK 
_citation.country                   UK 
_citation.journal_id_ISSN           0022-2836 
_citation.journal_id_CSD            0070 
_citation.book_publisher            ? 
_citation.pdbx_database_id_PubMed   8601841 
_citation.pdbx_database_id_DOI      10.1006/jmbi.1996.0136 
# 
loop_
_citation_author.citation_id 
_citation_author.name 
_citation_author.ordinal 
_citation_author.identifier_ORCID 
primary 'Konno, M.'     1 ? 
primary 'Ito, M.'       2 ? 
primary 'Hayano, T.'    3 ? 
primary 'Takahashi, N.' 4 ? 
# 
loop_
_entity.id 
_entity.type 
_entity.src_method 
_entity.pdbx_description 
_entity.formula_weight 
_entity.pdbx_number_of_molecules 
_entity.pdbx_ec 
_entity.pdbx_mutation 
_entity.pdbx_fragment 
_entity.details 
1 polymer nat 'CYCLOPHILIN A'                     18204.432 1   5.2.1.8 ? ? ? 
2 polymer syn SUCCINYL-ALA-PRO-ALA-P-NITROANILIDE 477.467   1   ?       ? ? ? 
3 water   nat water                               18.015    133 ?       ? ? ? 
# 
loop_
_entity_poly.entity_id 
_entity_poly.type 
_entity_poly.nstd_linkage 
_entity_poly.nstd_monomer 
_entity_poly.pdbx_seq_one_letter_code 
_entity_poly.pdbx_seq_one_letter_code_can 
_entity_poly.pdbx_strand_id 
_entity_poly.pdbx_target_identifier 
1 'polypeptide(L)' no no  
;MVTFHTNHGDIVIKTFDDKAPETVKNFLDYCREGFYNNTIFHRVINGFMIQGGGFEPGMKQKATKEPIKNEANNGLKNTR
GTLAMARTQAPHSATAQFFINVVDNDFLNFSGESLQGWGYCVFAEVVDGMDEVDKIKGVATGRSGMHQDVPKEDVIIESV
TVSE
;
;MVTFHTNHGDIVIKTFDDKAPETVKNFLDYCREGFYNNTIFHRVINGFMIQGGGFEPGMKQKATKEPIKNEANNGLKNTR
GTLAMARTQAPHSATAQFFINVVDNDFLNFSGESLQGWGYCVFAEVVDGMDEVDKIKGVATGRSGMHQDVPKEDVIIESV
TVSE
;
A ? 
2 'polypeptide(L)' no yes '(SIN)APA(NIT)' XAPAX B ? 
# 
_pdbx_entity_nonpoly.entity_id   3 
_pdbx_entity_nonpoly.name        water 
_pdbx_entity_nonpoly.comp_id     HOH 
# 
loop_
_entity_poly_seq.entity_id 
_entity_poly_seq.num 
_entity_poly_seq.mon_id 
_entity_poly_seq.hetero 
1 1   MET n 
1 2   VAL n 
1 3   THR n 
1 4   PHE n 
1 5   HIS n 
1 6   THR n 
1 7   ASN n 
1 8   HIS n 
1 9   GLY n 
1 10  ASP n 
1 11  ILE n 
1 12  VAL n 
1 13  ILE n 
1 14  LYS n 
1 15  THR n 
1 16  PHE n 
1 17  ASP n 
1 18  ASP n 
1 19  LYS n 
1 20  ALA n 
1 21  PRO n 
1 22  GLU n 
1 23  THR n 
1 24  VAL n 
1 25  LYS n 
1 26  ASN n 
1 27  PHE n 
1 28  LEU n 
1 29  ASP n 
1 30  TYR n 
1 31  CYS n 
1 32  ARG n 
1 33  GLU n 
1 34  GLY n 
1 35  PHE n 
1 36  TYR n 
1 37  ASN n 
1 38  ASN n 
1 39  THR n 
1 40  ILE n 
1 41  PHE n 
1 42  HIS n 
1 43  ARG n 
1 44  VAL n 
1 45  ILE n 
1 46  ASN n 
1 47  GLY n 
1 48  PHE n 
1 49  MET n 
1 50  ILE n 
1 51  GLN n 
1 52  GLY n 
1 53  GLY n 
1 54  GLY n 
1 55  PHE n 
1 56  GLU n 
1 57  PRO n 
1 58  GLY n 
1 59  MET n 
1 60  LYS n 
1 61  GLN n 
1 62  LYS n 
1 63  ALA n 
1 64  THR n 
1 65  LYS n 
1 66  GLU n 
1 67  PRO n 
1 68  ILE n 
1 69  LYS n 
1 70  ASN n 
1 71  GLU n 
1 72  ALA n 
1 73  ASN n 
1 74  ASN n 
1 75  GLY n 
1 76  LEU n 
1 77  LYS n 
1 78  ASN n 
1 79  THR n 
1 80  ARG n 
1 81  GLY n 
1 82  THR n 
1 83  LEU n 
1 84  ALA n 
1 85  MET n 
1 86  ALA n 
1 87  ARG n 
1 88  THR n 
1 89  GLN n 
1 90  ALA n 
1 91  PRO n 
1 92  HIS n 
1 93  SER n 
1 94  ALA n 
1 95  THR n 
1 96  ALA n 
1 97  GLN n 
1 98  PHE n 
1 99  PHE n 
1 100 ILE n 
1 101 ASN n 
1 102 VAL n 
1 103 VAL n 
1 104 ASP n 
1 105 ASN n 
1 106 ASP n 
1 107 PHE n 
1 108 LEU n 
1 109 ASN n 
1 110 PHE n 
1 111 SER n 
1 112 GLY n 
1 113 GLU n 
1 114 SER n 
1 115 LEU n 
1 116 GLN n 
1 117 GLY n 
1 118 TRP n 
1 119 GLY n 
1 120 TYR n 
1 121 CYS n 
1 122 VAL n 
1 123 PHE n 
1 124 ALA n 
1 125 GLU n 
1 126 VAL n 
1 127 VAL n 
1 128 ASP n 
1 129 GLY n 
1 130 MET n 
1 131 ASP n 
1 132 GLU n 
1 133 VAL n 
1 134 ASP n 
1 135 LYS n 
1 136 ILE n 
1 137 LYS n 
1 138 GLY n 
1 139 VAL n 
1 140 ALA n 
1 141 THR n 
1 142 GLY n 
1 143 ARG n 
1 144 SER n 
1 145 GLY n 
1 146 MET n 
1 147 HIS n 
1 148 GLN n 
1 149 ASP n 
1 150 VAL n 
1 151 PRO n 
1 152 LYS n 
1 153 GLU n 
1 154 ASP n 
1 155 VAL n 
1 156 ILE n 
1 157 ILE n 
1 158 GLU n 
1 159 SER n 
1 160 VAL n 
1 161 THR n 
1 162 VAL n 
1 163 SER n 
1 164 GLU n 
2 1   SIN n 
2 2   ALA n 
2 3   PRO n 
2 4   ALA n 
2 5   NIT n 
# 
_entity_src_nat.entity_id                  1 
_entity_src_nat.pdbx_src_id                1 
_entity_src_nat.pdbx_alt_source_flag       sample 
_entity_src_nat.pdbx_beg_seq_num           ? 
_entity_src_nat.pdbx_end_seq_num           ? 
_entity_src_nat.common_name                ? 
_entity_src_nat.pdbx_organism_scientific   'Escherichia coli' 
_entity_src_nat.pdbx_ncbi_taxonomy_id      562 
_entity_src_nat.genus                      ? 
_entity_src_nat.species                    ? 
_entity_src_nat.strain                     ? 
_entity_src_nat.tissue                     ? 
_entity_src_nat.tissue_fraction            ? 
_entity_src_nat.pdbx_secretion             ? 
_entity_src_nat.pdbx_fragment              ? 
_entity_src_nat.pdbx_variant               ? 
_entity_src_nat.pdbx_cell_line             ? 
_entity_src_nat.pdbx_atcc                  ? 
_entity_src_nat.pdbx_cellular_location     ? 
_entity_src_nat.pdbx_organ                 ? 
_entity_src_nat.pdbx_organelle             ? 
_entity_src_nat.pdbx_cell                  ? 
_entity_src_nat.pdbx_plasmid_name          ? 
_entity_src_nat.pdbx_plasmid_details       ? 
_entity_src_nat.details                    ? 
# 
loop_
_chem_comp.id 
_chem_comp.type 
_chem_comp.mon_nstd_flag 
_chem_comp.name 
_chem_comp.pdbx_synonyms 
_chem_comp.formula 
_chem_comp.formula_weight 
ALA 'L-peptide linking' y ALANINE         ?                'C3 H7 N O2'     89.093  
ARG 'L-peptide linking' y ARGININE        ?                'C6 H15 N4 O2 1' 175.209 
ASN 'L-peptide linking' y ASPARAGINE      ?                'C4 H8 N2 O3'    132.118 
ASP 'L-peptide linking' y 'ASPARTIC ACID' ?                'C4 H7 N O4'     133.103 
CYS 'L-peptide linking' y CYSTEINE        ?                'C3 H7 N O2 S'   121.158 
GLN 'L-peptide linking' y GLUTAMINE       ?                'C5 H10 N2 O3'   146.144 
GLU 'L-peptide linking' y 'GLUTAMIC ACID' ?                'C5 H9 N O4'     147.129 
GLY 'peptide linking'   y GLYCINE         ?                'C2 H5 N O2'     75.067  
HIS 'L-peptide linking' y HISTIDINE       ?                'C6 H10 N3 O2 1' 156.162 
HOH non-polymer         . WATER           ?                'H2 O'           18.015  
ILE 'L-peptide linking' y ISOLEUCINE      ?                'C6 H13 N O2'    131.173 
LEU 'L-peptide linking' y LEUCINE         ?                'C6 H13 N O2'    131.173 
LYS 'L-peptide linking' y LYSINE          ?                'C6 H15 N2 O2 1' 147.195 
MET 'L-peptide linking' y METHIONINE      ?                'C5 H11 N O2 S'  149.211 
NIT non-polymer         . 4-NITROANILINE  PARANITROANILINE 'C6 H6 N2 O2'    138.124 
PHE 'L-peptide linking' y PHENYLALANINE   ?                'C9 H11 N O2'    165.189 
PRO 'L-peptide linking' y PROLINE         ?                'C5 H9 N O2'     115.130 
SER 'L-peptide linking' y SERINE          ?                'C3 H7 N O3'     105.093 
SIN non-polymer         . 'SUCCINIC ACID' ?                'C4 H6 O4'       118.088 
THR 'L-peptide linking' y THREONINE       ?                'C4 H9 N O3'     119.119 
TRP 'L-peptide linking' y TRYPTOPHAN      ?                'C11 H12 N2 O2'  204.225 
TYR 'L-peptide linking' y TYROSINE        ?                'C9 H11 N O3'    181.189 
VAL 'L-peptide linking' y VALINE          ?                'C5 H11 N O2'    117.146 
# 
loop_
_pdbx_poly_seq_scheme.asym_id 
_pdbx_poly_seq_scheme.entity_id 
_pdbx_poly_seq_scheme.seq_id 
_pdbx_poly_seq_scheme.mon_id 
_pdbx_poly_seq_scheme.ndb_seq_num 
_pdbx_poly_seq_scheme.pdb_seq_num 
_pdbx_poly_seq_scheme.auth_seq_num 
_pdbx_poly_seq_scheme.pdb_mon_id 
_pdbx_poly_seq_scheme.auth_mon_id 
_pdbx_poly_seq_scheme.pdb_strand_id 
_pdbx_poly_seq_scheme.pdb_ins_code 
_pdbx_poly_seq_scheme.hetero 
A 1 1   MET 1   1   1   MET MET A . n 
A 1 2   VAL 2   2   2   VAL VAL A . n 
A 1 3   THR 3   3   3   THR THR A . n 
A 1 4   PHE 4   4   4   PHE PHE A . n 
A 1 5   HIS 5   5   5   HIS HIS A . n 
A 1 6   THR 6   6   6   THR THR A . n 
A 1 7   ASN 7   7   7   ASN ASN A . n 
A 1 8   HIS 8   8   8   HIS HIS A . n 
A 1 9   GLY 9   9   9   GLY GLY A . n 
A 1 10  ASP 10  10  10  ASP ASP A . n 
A 1 11  ILE 11  11  11  ILE ILE A . n 
A 1 12  VAL 12  12  12  VAL VAL A . n 
A 1 13  ILE 13  13  13  ILE ILE A . n 
A 1 14  LYS 14  14  14  LYS LYS A . n 
A 1 15  THR 15  15  15  THR THR A . n 
A 1 16  PHE 16  16  16  PHE PHE A . n 
A 1 17  ASP 17  17  17  ASP ASP A . n 
A 1 18  ASP 18  18  18  ASP ASP A . n 
A 1 19  LYS 19  19  19  LYS LYS A . n 
A 1 20  ALA 20  20  20  ALA ALA A . n 
A 1 21  PRO 21  21  21  PRO PRO A . n 
A 1 22  GLU 22  22  22  GLU GLU A . n 
A 1 23  THR 23  23  23  THR THR A . n 
A 1 24  VAL 24  24  24  VAL VAL A . n 
A 1 25  LYS 25  25  25  LYS LYS A . n 
A 1 26  ASN 26  26  26  ASN ASN A . n 
A 1 27  PHE 27  27  27  PHE PHE A . n 
A 1 28  LEU 28  28  28  LEU LEU A . n 
A 1 29  ASP 29  29  29  ASP ASP A . n 
A 1 30  TYR 30  30  30  TYR TYR A . n 
A 1 31  CYS 31  31  31  CYS CYS A . n 
A 1 32  ARG 32  32  32  ARG ARG A . n 
A 1 33  GLU 33  33  33  GLU GLU A . n 
A 1 34  GLY 34  34  34  GLY GLY A . n 
A 1 35  PHE 35  35  35  PHE PHE A . n 
A 1 36  TYR 36  36  36  TYR TYR A . n 
A 1 37  ASN 37  37  37  ASN ASN A . n 
A 1 38  ASN 38  38  38  ASN ASN A . n 
A 1 39  THR 39  39  39  THR THR A . n 
A 1 40  ILE 40  40  40  ILE ILE A . n 
A 1 41  PHE 41  41  41  PHE PHE A . n 
A 1 42  HIS 42  42  42  HIS HIS A . n 
A 1 43  ARG 43  43  43  ARG ARG A . n 
A 1 44  VAL 44  44  44  VAL VAL A . n 
A 1 45  ILE 45  45  45  ILE ILE A . n 
A 1 46  ASN 46  46  46  ASN ASN A . n 
A 1 47  GLY 47  47  47  GLY GLY A . n 
A 1 48  PHE 48  48  48  PHE PHE A . n 
A 1 49  MET 49  49  49  MET MET A . n 
A 1 50  ILE 50  50  50  ILE ILE A . n 
A 1 51  GLN 51  51  51  GLN GLN A . n 
A 1 52  GLY 52  52  52  GLY GLY A . n 
A 1 53  GLY 53  53  53  GLY GLY A . n 
A 1 54  GLY 54  54  54  GLY GLY A . n 
A 1 55  PHE 55  55  55  PHE PHE A . n 
A 1 56  GLU 56  56  56  GLU GLU A . n 
A 1 57  PRO 57  57  57  PRO PRO A . n 
A 1 58  GLY 58  58  58  GLY GLY A . n 
A 1 59  MET 59  59  59  MET MET A . n 
A 1 60  LYS 60  60  60  LYS LYS A . n 
A 1 61  GLN 61  61  61  GLN GLN A . n 
A 1 62  LYS 62  62  62  LYS LYS A . n 
A 1 63  ALA 63  63  63  ALA ALA A . n 
A 1 64  THR 64  64  64  THR THR A . n 
A 1 65  LYS 65  65  65  LYS LYS A . n 
A 1 66  GLU 66  66  66  GLU GLU A . n 
A 1 67  PRO 67  67  67  PRO PRO A . n 
A 1 68  ILE 68  68  68  ILE ILE A . n 
A 1 69  LYS 69  69  69  LYS LYS A . n 
A 1 70  ASN 70  70  70  ASN ASN A . n 
A 1 71  GLU 71  71  71  GLU GLU A . n 
A 1 72  ALA 72  72  72  ALA ALA A . n 
A 1 73  ASN 73  73  73  ASN ASN A . n 
A 1 74  ASN 74  74  74  ASN ASN A . n 
A 1 75  GLY 75  75  75  GLY GLY A . n 
A 1 76  LEU 76  76  76  LEU LEU A . n 
A 1 77  LYS 77  77  77  LYS LYS A . n 
A 1 78  ASN 78  78  78  ASN ASN A . n 
A 1 79  THR 79  79  79  THR THR A . n 
A 1 80  ARG 80  80  80  ARG ARG A . n 
A 1 81  GLY 81  81  81  GLY GLY A . n 
A 1 82  THR 82  82  82  THR THR A . n 
A 1 83  LEU 83  83  83  LEU LEU A . n 
A 1 84  ALA 84  84  84  ALA ALA A . n 
A 1 85  MET 85  85  85  MET MET A . n 
A 1 86  ALA 86  86  86  ALA ALA A . n 
A 1 87  ARG 87  87  87  ARG ARG A . n 
A 1 88  THR 88  88  88  THR THR A . n 
A 1 89  GLN 89  89  89  GLN GLN A . n 
A 1 90  ALA 90  90  90  ALA ALA A . n 
A 1 91  PRO 91  91  91  PRO PRO A . n 
A 1 92  HIS 92  92  92  HIS HIS A . n 
A 1 93  SER 93  93  93  SER SER A . n 
A 1 94  ALA 94  94  94  ALA ALA A . n 
A 1 95  THR 95  95  95  THR THR A . n 
A 1 96  ALA 96  96  96  ALA ALA A . n 
A 1 97  GLN 97  97  97  GLN GLN A . n 
A 1 98  PHE 98  98  98  PHE PHE A . n 
A 1 99  PHE 99  99  99  PHE PHE A . n 
A 1 100 ILE 100 100 100 ILE ILE A . n 
A 1 101 ASN 101 101 101 ASN ASN A . n 
A 1 102 VAL 102 102 102 VAL VAL A . n 
A 1 103 VAL 103 103 103 VAL VAL A . n 
A 1 104 ASP 104 104 104 ASP ASP A . n 
A 1 105 ASN 105 105 105 ASN ASN A . n 
A 1 106 ASP 106 106 106 ASP ASP A . n 
A 1 107 PHE 107 107 107 PHE PHE A . n 
A 1 108 LEU 108 108 108 LEU LEU A . n 
A 1 109 ASN 109 109 109 ASN ASN A . n 
A 1 110 PHE 110 110 110 PHE PHE A . n 
A 1 111 SER 111 111 111 SER SER A . n 
A 1 112 GLY 112 112 112 GLY GLY A . n 
A 1 113 GLU 113 113 113 GLU GLU A . n 
A 1 114 SER 114 114 114 SER SER A . n 
A 1 115 LEU 115 115 115 LEU LEU A . n 
A 1 116 GLN 116 116 116 GLN GLN A . n 
A 1 117 GLY 117 117 117 GLY GLY A . n 
A 1 118 TRP 118 118 118 TRP TRP A . n 
A 1 119 GLY 119 119 119 GLY GLY A . n 
A 1 120 TYR 120 120 120 TYR TYR A . n 
A 1 121 CYS 121 121 121 CYS CYS A . n 
A 1 122 VAL 122 122 122 VAL VAL A . n 
A 1 123 PHE 123 123 123 PHE PHE A . n 
A 1 124 ALA 124 124 124 ALA ALA A . n 
A 1 125 GLU 125 125 125 GLU GLU A . n 
A 1 126 VAL 126 126 126 VAL VAL A . n 
A 1 127 VAL 127 127 127 VAL VAL A . n 
A 1 128 ASP 128 128 128 ASP ASP A . n 
A 1 129 GLY 129 129 129 GLY GLY A . n 
A 1 130 MET 130 130 130 MET MET A . n 
A 1 131 ASP 131 131 131 ASP ASP A . n 
A 1 132 GLU 132 132 132 GLU GLU A . n 
A 1 133 VAL 133 133 133 VAL VAL A . n 
A 1 134 ASP 134 134 134 ASP ASP A . n 
A 1 135 LYS 135 135 135 LYS LYS A . n 
A 1 136 ILE 136 136 136 ILE ILE A . n 
A 1 137 LYS 137 137 137 LYS LYS A . n 
A 1 138 GLY 138 138 138 GLY GLY A . n 
A 1 139 VAL 139 139 139 VAL VAL A . n 
A 1 140 ALA 140 140 140 ALA ALA A . n 
A 1 141 THR 141 141 141 THR THR A . n 
A 1 142 GLY 142 142 142 GLY GLY A . n 
A 1 143 ARG 143 143 143 ARG ARG A . n 
A 1 144 SER 144 144 144 SER SER A . n 
A 1 145 GLY 145 145 145 GLY GLY A . n 
A 1 146 MET 146 146 146 MET MET A . n 
A 1 147 HIS 147 147 147 HIS HIS A . n 
A 1 148 GLN 148 148 148 GLN GLN A . n 
A 1 149 ASP 149 149 149 ASP ASP A . n 
A 1 150 VAL 150 150 150 VAL VAL A . n 
A 1 151 PRO 151 151 151 PRO PRO A . n 
A 1 152 LYS 152 152 152 LYS LYS A . n 
A 1 153 GLU 153 153 153 GLU GLU A . n 
A 1 154 ASP 154 154 154 ASP ASP A . n 
A 1 155 VAL 155 155 155 VAL VAL A . n 
A 1 156 ILE 156 156 156 ILE ILE A . n 
A 1 157 ILE 157 157 157 ILE ILE A . n 
A 1 158 GLU 158 158 158 GLU GLU A . n 
A 1 159 SER 159 159 159 SER SER A . n 
A 1 160 VAL 160 160 160 VAL VAL A . n 
A 1 161 THR 161 161 161 THR THR A . n 
A 1 162 VAL 162 162 162 VAL VAL A . n 
A 1 163 SER 163 163 163 SER SER A . n 
A 1 164 GLU 164 164 164 GLU GLU A . n 
B 2 1   SIN 1   0   0   SIN SIN B . n 
B 2 2   ALA 2   1   1   ALA ALA B . n 
B 2 3   PRO 3   2   2   PRO PRO B . n 
B 2 4   ALA 4   3   3   ALA ALA B . n 
B 2 5   NIT 5   4   4   NIT NIT B . n 
# 
loop_
_pdbx_nonpoly_scheme.asym_id 
_pdbx_nonpoly_scheme.entity_id 
_pdbx_nonpoly_scheme.mon_id 
_pdbx_nonpoly_scheme.ndb_seq_num 
_pdbx_nonpoly_scheme.pdb_seq_num 
_pdbx_nonpoly_scheme.auth_seq_num 
_pdbx_nonpoly_scheme.pdb_mon_id 
_pdbx_nonpoly_scheme.auth_mon_id 
_pdbx_nonpoly_scheme.pdb_strand_id 
_pdbx_nonpoly_scheme.pdb_ins_code 
C 3 HOH 1   251 251 HOH HOH A . 
C 3 HOH 2   252 252 HOH HOH A . 
C 3 HOH 3   253 253 HOH HOH A . 
C 3 HOH 4   254 254 HOH HOH A . 
C 3 HOH 5   255 255 HOH HOH A . 
C 3 HOH 6   256 256 HOH HOH A . 
C 3 HOH 7   257 257 HOH HOH A . 
C 3 HOH 8   258 258 HOH HOH A . 
C 3 HOH 9   259 259 HOH HOH A . 
C 3 HOH 10  260 260 HOH HOH A . 
C 3 HOH 11  261 261 HOH HOH A . 
C 3 HOH 12  262 262 HOH HOH A . 
C 3 HOH 13  263 263 HOH HOH A . 
C 3 HOH 14  264 264 HOH HOH A . 
C 3 HOH 15  265 265 HOH HOH A . 
C 3 HOH 16  266 266 HOH HOH A . 
C 3 HOH 17  267 267 HOH HOH A . 
C 3 HOH 18  268 268 HOH HOH A . 
C 3 HOH 19  269 269 HOH HOH A . 
C 3 HOH 20  270 270 HOH HOH A . 
C 3 HOH 21  271 271 HOH HOH A . 
C 3 HOH 22  272 272 HOH HOH A . 
C 3 HOH 23  273 273 HOH HOH A . 
C 3 HOH 24  274 274 HOH HOH A . 
C 3 HOH 25  275 275 HOH HOH A . 
C 3 HOH 26  276 276 HOH HOH A . 
C 3 HOH 27  277 277 HOH HOH A . 
C 3 HOH 28  278 278 HOH HOH A . 
C 3 HOH 29  279 279 HOH HOH A . 
C 3 HOH 30  280 280 HOH HOH A . 
C 3 HOH 31  281 281 HOH HOH A . 
C 3 HOH 32  282 282 HOH HOH A . 
C 3 HOH 33  284 284 HOH HOH A . 
C 3 HOH 34  285 285 HOH HOH A . 
C 3 HOH 35  286 286 HOH HOH A . 
C 3 HOH 36  287 287 HOH HOH A . 
C 3 HOH 37  288 288 HOH HOH A . 
C 3 HOH 38  289 289 HOH HOH A . 
C 3 HOH 39  290 290 HOH HOH A . 
C 3 HOH 40  291 291 HOH HOH A . 
C 3 HOH 41  292 292 HOH HOH A . 
C 3 HOH 42  293 293 HOH HOH A . 
C 3 HOH 43  294 294 HOH HOH A . 
C 3 HOH 44  295 295 HOH HOH A . 
C 3 HOH 45  296 296 HOH HOH A . 
C 3 HOH 46  297 297 HOH HOH A . 
C 3 HOH 47  298 298 HOH HOH A . 
C 3 HOH 48  300 300 HOH HOH A . 
C 3 HOH 49  301 301 HOH HOH A . 
C 3 HOH 50  302 302 HOH HOH A . 
C 3 HOH 51  303 303 HOH HOH A . 
C 3 HOH 52  304 304 HOH HOH A . 
C 3 HOH 53  305 305 HOH HOH A . 
C 3 HOH 54  306 306 HOH HOH A . 
C 3 HOH 55  307 307 HOH HOH A . 
C 3 HOH 56  308 308 HOH HOH A . 
C 3 HOH 57  309 309 HOH HOH A . 
C 3 HOH 58  310 310 HOH HOH A . 
C 3 HOH 59  311 311 HOH HOH A . 
C 3 HOH 60  312 312 HOH HOH A . 
C 3 HOH 61  313 313 HOH HOH A . 
C 3 HOH 62  314 314 HOH HOH A . 
C 3 HOH 63  315 315 HOH HOH A . 
C 3 HOH 64  316 316 HOH HOH A . 
C 3 HOH 65  317 317 HOH HOH A . 
C 3 HOH 66  318 318 HOH HOH A . 
C 3 HOH 67  319 319 HOH HOH A . 
C 3 HOH 68  320 320 HOH HOH A . 
C 3 HOH 69  321 321 HOH HOH A . 
C 3 HOH 70  322 322 HOH HOH A . 
C 3 HOH 71  323 323 HOH HOH A . 
C 3 HOH 72  324 324 HOH HOH A . 
C 3 HOH 73  325 325 HOH HOH A . 
C 3 HOH 74  326 326 HOH HOH A . 
C 3 HOH 75  327 327 HOH HOH A . 
C 3 HOH 76  328 328 HOH HOH A . 
C 3 HOH 77  329 329 HOH HOH A . 
C 3 HOH 78  330 330 HOH HOH A . 
C 3 HOH 79  331 331 HOH HOH A . 
C 3 HOH 80  332 332 HOH HOH A . 
C 3 HOH 81  333 333 HOH HOH A . 
C 3 HOH 82  334 334 HOH HOH A . 
C 3 HOH 83  335 335 HOH HOH A . 
C 3 HOH 84  336 336 HOH HOH A . 
C 3 HOH 85  337 337 HOH HOH A . 
C 3 HOH 86  338 338 HOH HOH A . 
C 3 HOH 87  339 339 HOH HOH A . 
C 3 HOH 88  340 340 HOH HOH A . 
C 3 HOH 89  341 341 HOH HOH A . 
C 3 HOH 90  342 342 HOH HOH A . 
C 3 HOH 91  343 343 HOH HOH A . 
C 3 HOH 92  344 344 HOH HOH A . 
C 3 HOH 93  345 345 HOH HOH A . 
C 3 HOH 94  346 346 HOH HOH A . 
C 3 HOH 95  347 347 HOH HOH A . 
C 3 HOH 96  348 348 HOH HOH A . 
C 3 HOH 97  350 350 HOH HOH A . 
C 3 HOH 98  351 351 HOH HOH A . 
C 3 HOH 99  352 352 HOH HOH A . 
C 3 HOH 100 353 353 HOH HOH A . 
C 3 HOH 101 356 356 HOH HOH A . 
C 3 HOH 102 357 357 HOH HOH A . 
C 3 HOH 103 358 358 HOH HOH A . 
C 3 HOH 104 359 359 HOH HOH A . 
C 3 HOH 105 360 360 HOH HOH A . 
C 3 HOH 106 361 361 HOH HOH A . 
C 3 HOH 107 362 362 HOH HOH A . 
C 3 HOH 108 363 363 HOH HOH A . 
C 3 HOH 109 364 364 HOH HOH A . 
C 3 HOH 110 365 365 HOH HOH A . 
C 3 HOH 111 366 366 HOH HOH A . 
C 3 HOH 112 367 367 HOH HOH A . 
C 3 HOH 113 368 368 HOH HOH A . 
C 3 HOH 114 369 369 HOH HOH A . 
C 3 HOH 115 370 370 HOH HOH A . 
C 3 HOH 116 371 371 HOH HOH A . 
C 3 HOH 117 372 372 HOH HOH A . 
C 3 HOH 118 373 373 HOH HOH A . 
C 3 HOH 119 374 374 HOH HOH A . 
C 3 HOH 120 375 375 HOH HOH A . 
C 3 HOH 121 376 376 HOH HOH A . 
C 3 HOH 122 377 377 HOH HOH A . 
C 3 HOH 123 378 378 HOH HOH A . 
C 3 HOH 124 379 379 HOH HOH A . 
C 3 HOH 125 380 380 HOH HOH A . 
C 3 HOH 126 381 381 HOH HOH A . 
C 3 HOH 127 382 382 HOH HOH A . 
C 3 HOH 128 383 383 HOH HOH A . 
D 3 HOH 1   283 283 HOH HOH B . 
D 3 HOH 2   299 299 HOH HOH B . 
D 3 HOH 3   349 349 HOH HOH B . 
D 3 HOH 4   354 354 HOH HOH B . 
D 3 HOH 5   355 355 HOH HOH B . 
# 
loop_
_software.name 
_software.classification 
_software.version 
_software.citation_id 
_software.pdbx_ordinal 
X-PLOR 'model building' . ? 1 
X-PLOR refinement       . ? 2 
WEIS   'data reduction' . ? 3 
X-PLOR phasing          . ? 4 
# 
_cell.entry_id           1LOP 
_cell.length_a           66.330 
_cell.length_b           68.230 
_cell.length_c           40.030 
_cell.angle_alpha        90.00 
_cell.angle_beta         90.00 
_cell.angle_gamma        90.00 
_cell.Z_PDB              4 
_cell.pdbx_unique_axis   ? 
_cell.length_a_esd       ? 
_cell.length_b_esd       ? 
_cell.length_c_esd       ? 
_cell.angle_alpha_esd    ? 
_cell.angle_beta_esd     ? 
_cell.angle_gamma_esd    ? 
# 
_symmetry.entry_id                         1LOP 
_symmetry.space_group_name_H-M             'P 21 21 21' 
_symmetry.pdbx_full_space_group_name_H-M   ? 
_symmetry.cell_setting                     ? 
_symmetry.Int_Tables_number                19 
_symmetry.space_group_name_Hall            ? 
# 
_exptl.entry_id          1LOP 
_exptl.method            'X-RAY DIFFRACTION' 
_exptl.crystals_number   2 
# 
_exptl_crystal.id                    1 
_exptl_crystal.density_meas          ? 
_exptl_crystal.density_Matthews      2.43 
_exptl_crystal.density_percent_sol   49.4 
_exptl_crystal.description           ? 
_exptl_crystal.F_000                 ? 
_exptl_crystal.preparation           ? 
# 
_exptl_crystal_grow.crystal_id      1 
_exptl_crystal_grow.method          ? 
_exptl_crystal_grow.temp            ? 
_exptl_crystal_grow.temp_details    ? 
_exptl_crystal_grow.pH              8.0 
_exptl_crystal_grow.pdbx_pH_range   ? 
_exptl_crystal_grow.pdbx_details    'pH 8.0' 
# 
_diffrn.id                     1 
_diffrn.ambient_temp           288 
_diffrn.ambient_temp_details   ? 
_diffrn.crystal_id             1 
# 
_diffrn_detector.diffrn_id              1 
_diffrn_detector.detector               'IMAGE PLATE' 
_diffrn_detector.type                   RIGAKU 
_diffrn_detector.pdbx_collection_date   ? 
_diffrn_detector.details                ? 
# 
_diffrn_radiation.diffrn_id                        1 
_diffrn_radiation.wavelength_id                    1 
_diffrn_radiation.pdbx_monochromatic_or_laue_m_l   M 
_diffrn_radiation.monochromator                    ? 
_diffrn_radiation.pdbx_diffrn_protocol             ? 
_diffrn_radiation.pdbx_scattering_type             x-ray 
# 
_diffrn_radiation_wavelength.id           1 
_diffrn_radiation_wavelength.wavelength   1.0 
_diffrn_radiation_wavelength.wt           1.0 
# 
_diffrn_source.diffrn_id                   1 
_diffrn_source.source                      SYNCHROTRON 
_diffrn_source.type                        'PHOTON FACTORY BEAMLINE BL-6A' 
_diffrn_source.pdbx_synchrotron_site       'Photon Factory' 
_diffrn_source.pdbx_synchrotron_beamline   BL-6A 
_diffrn_source.pdbx_wavelength             1.0 
_diffrn_source.pdbx_wavelength_list        ? 
# 
_reflns.entry_id                     1LOP 
_reflns.observed_criterion_sigma_I   2. 
_reflns.observed_criterion_sigma_F   ? 
_reflns.d_resolution_low             ? 
_reflns.d_resolution_high            1.8 
_reflns.number_obs                   13690 
_reflns.number_all                   ? 
_reflns.percent_possible_obs         79. 
_reflns.pdbx_Rmerge_I_obs            0.0690000 
_reflns.pdbx_Rsym_value              ? 
_reflns.pdbx_netI_over_sigmaI        ? 
_reflns.B_iso_Wilson_estimate        ? 
_reflns.pdbx_redundancy              ? 
_reflns.R_free_details               ? 
_reflns.limit_h_max                  ? 
_reflns.limit_h_min                  ? 
_reflns.limit_k_max                  ? 
_reflns.limit_k_min                  ? 
_reflns.limit_l_max                  ? 
_reflns.limit_l_min                  ? 
_reflns.observed_criterion_F_max     ? 
_reflns.observed_criterion_F_min     ? 
_reflns.pdbx_chi_squared             ? 
_reflns.pdbx_scaling_rejects         ? 
_reflns.pdbx_ordinal                 1 
_reflns.pdbx_diffrn_id               1 
# 
_refine.entry_id                                 1LOP 
_refine.ls_number_reflns_obs                     12783 
_refine.ls_number_reflns_all                     ? 
_refine.pdbx_ls_sigma_I                          ? 
_refine.pdbx_ls_sigma_F                          2.0 
_refine.pdbx_data_cutoff_high_absF               ? 
_refine.pdbx_data_cutoff_low_absF                ? 
_refine.pdbx_data_cutoff_high_rms_absF           ? 
_refine.ls_d_res_low                             5.0 
_refine.ls_d_res_high                            1.8 
_refine.ls_percent_reflns_obs                    79. 
_refine.ls_R_factor_obs                          0.1760000 
_refine.ls_R_factor_all                          ? 
_refine.ls_R_factor_R_work                       0.1760000 
_refine.ls_R_factor_R_free                       ? 
_refine.ls_R_factor_R_free_error                 ? 
_refine.ls_R_factor_R_free_error_details         ? 
_refine.ls_percent_reflns_R_free                 ? 
_refine.ls_number_reflns_R_free                  ? 
_refine.ls_number_parameters                     ? 
_refine.ls_number_restraints                     ? 
_refine.occupancy_min                            ? 
_refine.occupancy_max                            ? 
_refine.B_iso_mean                               16. 
_refine.aniso_B[1][1]                            ? 
_refine.aniso_B[2][2]                            ? 
_refine.aniso_B[3][3]                            ? 
_refine.aniso_B[1][2]                            ? 
_refine.aniso_B[1][3]                            ? 
_refine.aniso_B[2][3]                            ? 
_refine.solvent_model_details                    ? 
_refine.solvent_model_param_ksol                 ? 
_refine.solvent_model_param_bsol                 ? 
_refine.pdbx_ls_cross_valid_method               ? 
_refine.details                                  ? 
_refine.pdbx_starting_model                      ? 
_refine.pdbx_method_to_determine_struct          'MULTIPLE ISOMORPHOUS REPLACEMENT' 
_refine.pdbx_isotropic_thermal_model             ? 
_refine.pdbx_stereochemistry_target_values       ? 
_refine.pdbx_stereochem_target_val_spec_case     ? 
_refine.pdbx_R_Free_selection_details            ? 
_refine.pdbx_overall_ESU_R_Free                  ? 
_refine.overall_SU_ML                            ? 
_refine.overall_SU_B                             ? 
_refine.pdbx_refine_id                           'X-RAY DIFFRACTION' 
_refine.ls_redundancy_reflns_obs                 ? 
_refine.pdbx_overall_ESU_R                       ? 
_refine.pdbx_overall_phase_error                 ? 
_refine.B_iso_min                                ? 
_refine.B_iso_max                                ? 
_refine.correlation_coeff_Fo_to_Fc               ? 
_refine.correlation_coeff_Fo_to_Fc_free          ? 
_refine.pdbx_solvent_vdw_probe_radii             ? 
_refine.pdbx_solvent_ion_probe_radii             ? 
_refine.pdbx_solvent_shrinkage_radii             ? 
_refine.overall_SU_R_Cruickshank_DPI             ? 
_refine.overall_SU_R_free                        ? 
_refine.ls_wR_factor_R_free                      ? 
_refine.ls_wR_factor_R_work                      ? 
_refine.overall_FOM_free_R_set                   ? 
_refine.overall_FOM_work_R_set                   ? 
_refine.pdbx_diffrn_id                           1 
_refine.pdbx_TLS_residual_ADP_flag               ? 
_refine.pdbx_overall_SU_R_free_Cruickshank_DPI   ? 
_refine.pdbx_overall_SU_R_Blow_DPI               ? 
_refine.pdbx_overall_SU_R_free_Blow_DPI          ? 
# 
_refine_analyze.entry_id                        1LOP 
_refine_analyze.Luzzati_coordinate_error_obs    0.15 
_refine_analyze.Luzzati_sigma_a_obs             ? 
_refine_analyze.Luzzati_d_res_low_obs           ? 
_refine_analyze.Luzzati_coordinate_error_free   ? 
_refine_analyze.Luzzati_sigma_a_free            ? 
_refine_analyze.Luzzati_d_res_low_free          ? 
_refine_analyze.number_disordered_residues      ? 
_refine_analyze.occupancy_sum_hydrogen          ? 
_refine_analyze.occupancy_sum_non_hydrogen      ? 
_refine_analyze.pdbx_refine_id                  'X-RAY DIFFRACTION' 
_refine_analyze.pdbx_Luzzati_d_res_high_obs     ? 
# 
_refine_hist.pdbx_refine_id                   'X-RAY DIFFRACTION' 
_refine_hist.cycle_id                         LAST 
_refine_hist.pdbx_number_atoms_protein        1312 
_refine_hist.pdbx_number_atoms_nucleic_acid   0 
_refine_hist.pdbx_number_atoms_ligand         0 
_refine_hist.number_atoms_solvent             133 
_refine_hist.number_atoms_total               1445 
_refine_hist.d_res_high                       1.8 
_refine_hist.d_res_low                        5.0 
# 
loop_
_refine_ls_restr.type 
_refine_ls_restr.dev_ideal 
_refine_ls_restr.dev_ideal_target 
_refine_ls_restr.weight 
_refine_ls_restr.number 
_refine_ls_restr.pdbx_refine_id 
_refine_ls_restr.pdbx_restraint_function 
x_bond_d                0.014 ? ? ? 'X-RAY DIFFRACTION' ? 
x_bond_d_na             ?     ? ? ? 'X-RAY DIFFRACTION' ? 
x_bond_d_prot           ?     ? ? ? 'X-RAY DIFFRACTION' ? 
x_angle_d               ?     ? ? ? 'X-RAY DIFFRACTION' ? 
x_angle_d_na            ?     ? ? ? 'X-RAY DIFFRACTION' ? 
x_angle_d_prot          ?     ? ? ? 'X-RAY DIFFRACTION' ? 
x_angle_deg             2.7   ? ? ? 'X-RAY DIFFRACTION' ? 
x_angle_deg_na          ?     ? ? ? 'X-RAY DIFFRACTION' ? 
x_angle_deg_prot        ?     ? ? ? 'X-RAY DIFFRACTION' ? 
x_dihedral_angle_d      ?     ? ? ? 'X-RAY DIFFRACTION' ? 
x_dihedral_angle_d_na   ?     ? ? ? 'X-RAY DIFFRACTION' ? 
x_dihedral_angle_d_prot ?     ? ? ? 'X-RAY DIFFRACTION' ? 
x_improper_angle_d      ?     ? ? ? 'X-RAY DIFFRACTION' ? 
x_improper_angle_d_na   ?     ? ? ? 'X-RAY DIFFRACTION' ? 
x_improper_angle_d_prot ?     ? ? ? 'X-RAY DIFFRACTION' ? 
x_mcbond_it             ?     ? ? ? 'X-RAY DIFFRACTION' ? 
x_mcangle_it            ?     ? ? ? 'X-RAY DIFFRACTION' ? 
x_scbond_it             ?     ? ? ? 'X-RAY DIFFRACTION' ? 
x_scangle_it            ?     ? ? ? 'X-RAY DIFFRACTION' ? 
# 
_struct.entry_id                  1LOP 
_struct.title                     'CYCLOPHILIN A COMPLEXED WITH SUCCINYL-ALA-PRO-ALA-P-NITROANILIDE' 
_struct.pdbx_model_details        ? 
_struct.pdbx_CASP_flag            ? 
_struct.pdbx_model_type_details   ? 
# 
_struct_keywords.entry_id        1LOP 
_struct_keywords.pdbx_keywords   'ISOMERASE/ISOMERASE INHIBITOR' 
_struct_keywords.text            'ROTAMASE, ISOMERASE-ISOMERASE INHIBITOR complex' 
# 
loop_
_struct_asym.id 
_struct_asym.pdbx_blank_PDB_chainid_flag 
_struct_asym.pdbx_modified 
_struct_asym.entity_id 
_struct_asym.details 
A N N 1 ? 
B N N 2 ? 
C N N 3 ? 
D N N 3 ? 
# 
loop_
_struct_ref.id 
_struct_ref.db_name 
_struct_ref.db_code 
_struct_ref.entity_id 
_struct_ref.pdbx_db_accession 
_struct_ref.pdbx_align_begin 
_struct_ref.pdbx_seq_one_letter_code 
_struct_ref.pdbx_db_isoform 
1 UNP PPIB_ECOLI 1 P23869 1 
;MVTFHTNHGDIVIKTFDDKAPETVKNFLDYCREGFYNNTIFHRVINGFMIQGGGFEPGMKQKATKEPIKNEANNGLKNTR
GTLAMARTQAPHSATAQFFINVVDNDFLNFSGESLQGWGYCVFAEVVDGMDVVDKIKGVATGRSGMHQDVPKEDVIIESV
TVSE
;
? 
2 PDB 1LOP       2 1LOP   1 XAPAX ? 
# 
loop_
_struct_ref_seq.align_id 
_struct_ref_seq.ref_id 
_struct_ref_seq.pdbx_PDB_id_code 
_struct_ref_seq.pdbx_strand_id 
_struct_ref_seq.seq_align_beg 
_struct_ref_seq.pdbx_seq_align_beg_ins_code 
_struct_ref_seq.seq_align_end 
_struct_ref_seq.pdbx_seq_align_end_ins_code 
_struct_ref_seq.pdbx_db_accession 
_struct_ref_seq.db_align_beg 
_struct_ref_seq.pdbx_db_align_beg_ins_code 
_struct_ref_seq.db_align_end 
_struct_ref_seq.pdbx_db_align_end_ins_code 
_struct_ref_seq.pdbx_auth_seq_align_beg 
_struct_ref_seq.pdbx_auth_seq_align_end 
1 1 1LOP A 1 ? 164 ? P23869 1 ? 164 ? 1 164 
2 2 1LOP B 1 ? 5   ? 1LOP   0 ? 4   ? 0 4   
# 
_struct_ref_seq_dif.align_id                     1 
_struct_ref_seq_dif.pdbx_pdb_id_code             1LOP 
_struct_ref_seq_dif.mon_id                       GLU 
_struct_ref_seq_dif.pdbx_pdb_strand_id           A 
_struct_ref_seq_dif.seq_num                      132 
_struct_ref_seq_dif.pdbx_pdb_ins_code            ? 
_struct_ref_seq_dif.pdbx_seq_db_name             UNP 
_struct_ref_seq_dif.pdbx_seq_db_accession_code   P23869 
_struct_ref_seq_dif.db_mon_id                    VAL 
_struct_ref_seq_dif.pdbx_seq_db_seq_num          132 
_struct_ref_seq_dif.details                      conflict 
_struct_ref_seq_dif.pdbx_auth_seq_num            132 
_struct_ref_seq_dif.pdbx_ordinal                 1 
# 
_pdbx_struct_assembly.id                   1 
_pdbx_struct_assembly.details              author_defined_assembly 
_pdbx_struct_assembly.method_details       ? 
_pdbx_struct_assembly.oligomeric_details   dimeric 
_pdbx_struct_assembly.oligomeric_count     2 
# 
_pdbx_struct_assembly_gen.assembly_id       1 
_pdbx_struct_assembly_gen.oper_expression   1 
_pdbx_struct_assembly_gen.asym_id_list      A,B,C,D 
# 
_pdbx_struct_oper_list.id                   1 
_pdbx_struct_oper_list.type                 'identity operation' 
_pdbx_struct_oper_list.name                 1_555 
_pdbx_struct_oper_list.symmetry_operation   x,y,z 
_pdbx_struct_oper_list.matrix[1][1]         1.0000000000 
_pdbx_struct_oper_list.matrix[1][2]         0.0000000000 
_pdbx_struct_oper_list.matrix[1][3]         0.0000000000 
_pdbx_struct_oper_list.vector[1]            0.0000000000 
_pdbx_struct_oper_list.matrix[2][1]         0.0000000000 
_pdbx_struct_oper_list.matrix[2][2]         1.0000000000 
_pdbx_struct_oper_list.matrix[2][3]         0.0000000000 
_pdbx_struct_oper_list.vector[2]            0.0000000000 
_pdbx_struct_oper_list.matrix[3][1]         0.0000000000 
_pdbx_struct_oper_list.matrix[3][2]         0.0000000000 
_pdbx_struct_oper_list.matrix[3][3]         1.0000000000 
_pdbx_struct_oper_list.vector[3]            0.0000000000 
# 
_struct_biol.id        1 
_struct_biol.details   ? 
# 
loop_
_struct_conf.conf_type_id 
_struct_conf.id 
_struct_conf.pdbx_PDB_helix_id 
_struct_conf.beg_label_comp_id 
_struct_conf.beg_label_asym_id 
_struct_conf.beg_label_seq_id 
_struct_conf.pdbx_beg_PDB_ins_code 
_struct_conf.end_label_comp_id 
_struct_conf.end_label_asym_id 
_struct_conf.end_label_seq_id 
_struct_conf.pdbx_end_PDB_ins_code 
_struct_conf.beg_auth_comp_id 
_struct_conf.beg_auth_asym_id 
_struct_conf.beg_auth_seq_id 
_struct_conf.end_auth_comp_id 
_struct_conf.end_auth_asym_id 
_struct_conf.end_auth_seq_id 
_struct_conf.pdbx_PDB_helix_class 
_struct_conf.details 
_struct_conf.pdbx_PDB_helix_length 
HELX_P HELX_P1 H1 PHE A 16  ? ALA A 20  ? PHE A 16  ALA A 20  5 ? 5  
HELX_P HELX_P2 H2 PRO A 21  ? GLU A 33  ? PRO A 21  GLU A 33  1 ? 13 
HELX_P HELX_P3 H3 ASN A 105 ? LEU A 108 ? ASN A 105 LEU A 108 5 ? 4  
HELX_P HELX_P4 H4 GLY A 129 ? LYS A 137 ? GLY A 129 LYS A 137 1 ? 9  
# 
_struct_conf_type.id          HELX_P 
_struct_conf_type.criteria    ? 
_struct_conf_type.reference   ? 
# 
loop_
_struct_conn.id 
_struct_conn.conn_type_id 
_struct_conn.pdbx_leaving_atom_flag 
_struct_conn.pdbx_PDB_id 
_struct_conn.ptnr1_label_asym_id 
_struct_conn.ptnr1_label_comp_id 
_struct_conn.ptnr1_label_seq_id 
_struct_conn.ptnr1_label_atom_id 
_struct_conn.pdbx_ptnr1_label_alt_id 
_struct_conn.pdbx_ptnr1_PDB_ins_code 
_struct_conn.pdbx_ptnr1_standard_comp_id 
_struct_conn.ptnr1_symmetry 
_struct_conn.ptnr2_label_asym_id 
_struct_conn.ptnr2_label_comp_id 
_struct_conn.ptnr2_label_seq_id 
_struct_conn.ptnr2_label_atom_id 
_struct_conn.pdbx_ptnr2_label_alt_id 
_struct_conn.pdbx_ptnr2_PDB_ins_code 
_struct_conn.ptnr1_auth_asym_id 
_struct_conn.ptnr1_auth_comp_id 
_struct_conn.ptnr1_auth_seq_id 
_struct_conn.ptnr2_auth_asym_id 
_struct_conn.ptnr2_auth_comp_id 
_struct_conn.ptnr2_auth_seq_id 
_struct_conn.ptnr2_symmetry 
_struct_conn.pdbx_ptnr3_label_atom_id 
_struct_conn.pdbx_ptnr3_label_seq_id 
_struct_conn.pdbx_ptnr3_label_comp_id 
_struct_conn.pdbx_ptnr3_label_asym_id 
_struct_conn.pdbx_ptnr3_label_alt_id 
_struct_conn.pdbx_ptnr3_PDB_ins_code 
_struct_conn.details 
_struct_conn.pdbx_dist_value 
_struct_conn.pdbx_value_order 
_struct_conn.pdbx_role 
covale1 covale both ? B SIN 1 C4 ? ? ? 1_555 B ALA 2 N  ? ? B SIN 0 B ALA 1 1_555 ? ? ? ? ? ? ? 1.323 ? ? 
covale2 covale both ? B ALA 4 C  ? ? ? 1_555 B NIT 5 N1 ? ? B ALA 3 B NIT 4 1_555 ? ? ? ? ? ? ? 1.339 ? ? 
# 
_struct_conn_type.id          covale 
_struct_conn_type.criteria    ? 
_struct_conn_type.reference   ? 
# 
_struct_mon_prot_cis.pdbx_id                1 
_struct_mon_prot_cis.label_comp_id          ALA 
_struct_mon_prot_cis.label_seq_id           2 
_struct_mon_prot_cis.label_asym_id          B 
_struct_mon_prot_cis.label_alt_id           . 
_struct_mon_prot_cis.pdbx_PDB_ins_code      ? 
_struct_mon_prot_cis.auth_comp_id           ALA 
_struct_mon_prot_cis.auth_seq_id            1 
_struct_mon_prot_cis.auth_asym_id           B 
_struct_mon_prot_cis.pdbx_label_comp_id_2   PRO 
_struct_mon_prot_cis.pdbx_label_seq_id_2    3 
_struct_mon_prot_cis.pdbx_label_asym_id_2   B 
_struct_mon_prot_cis.pdbx_PDB_ins_code_2    ? 
_struct_mon_prot_cis.pdbx_auth_comp_id_2    PRO 
_struct_mon_prot_cis.pdbx_auth_seq_id_2     2 
_struct_mon_prot_cis.pdbx_auth_asym_id_2    B 
_struct_mon_prot_cis.pdbx_PDB_model_num     1 
_struct_mon_prot_cis.pdbx_omega_angle       1.25 
# 
loop_
_struct_sheet.id 
_struct_sheet.type 
_struct_sheet.number_strands 
_struct_sheet.details 
A ? 9 ? 
B ? 2 ? 
# 
loop_
_struct_sheet_order.sheet_id 
_struct_sheet_order.range_id_1 
_struct_sheet_order.range_id_2 
_struct_sheet_order.offset 
_struct_sheet_order.sense 
A 1 2 ? anti-parallel 
A 2 3 ? anti-parallel 
A 3 4 ? anti-parallel 
A 4 5 ? anti-parallel 
A 5 6 ? anti-parallel 
A 6 7 ? anti-parallel 
A 7 8 ? anti-parallel 
A 8 9 ? anti-parallel 
B 1 2 ? anti-parallel 
# 
loop_
_struct_sheet_range.sheet_id 
_struct_sheet_range.id 
_struct_sheet_range.beg_label_comp_id 
_struct_sheet_range.beg_label_asym_id 
_struct_sheet_range.beg_label_seq_id 
_struct_sheet_range.pdbx_beg_PDB_ins_code 
_struct_sheet_range.end_label_comp_id 
_struct_sheet_range.end_label_asym_id 
_struct_sheet_range.end_label_seq_id 
_struct_sheet_range.pdbx_end_PDB_ins_code 
_struct_sheet_range.beg_auth_comp_id 
_struct_sheet_range.beg_auth_asym_id 
_struct_sheet_range.beg_auth_seq_id 
_struct_sheet_range.end_auth_comp_id 
_struct_sheet_range.end_auth_asym_id 
_struct_sheet_range.end_auth_seq_id 
A 1 MET A 1   ? HIS A 5   ? MET A 1   HIS A 5   
A 2 ASP A 10  ? THR A 15  ? ASP A 10  THR A 15  
A 3 CYS A 121 ? ASP A 128 ? CYS A 121 ASP A 128 
A 4 GLY A 81  ? ALA A 86  ? GLY A 81  ALA A 86  
A 5 GLN A 97  ? VAL A 102 ? GLN A 97  VAL A 102 
A 6 MET A 49  ? GLY A 52  ? MET A 49  GLY A 52  
A 7 ASN A 38  ? VAL A 44  ? ASN A 38  VAL A 44  
A 8 VAL A 155 ? SER A 163 ? VAL A 155 SER A 163 
A 9 MET A 1   ? HIS A 5   ? MET A 1   HIS A 5   
B 1 GLY A 142 ? ARG A 143 ? GLY A 142 ARG A 143 
B 2 GLN A 148 ? ASP A 149 ? GLN A 148 ASP A 149 
# 
loop_
_pdbx_struct_sheet_hbond.sheet_id 
_pdbx_struct_sheet_hbond.range_id_1 
_pdbx_struct_sheet_hbond.range_id_2 
_pdbx_struct_sheet_hbond.range_1_label_atom_id 
_pdbx_struct_sheet_hbond.range_1_label_comp_id 
_pdbx_struct_sheet_hbond.range_1_label_asym_id 
_pdbx_struct_sheet_hbond.range_1_label_seq_id 
_pdbx_struct_sheet_hbond.range_1_PDB_ins_code 
_pdbx_struct_sheet_hbond.range_1_auth_atom_id 
_pdbx_struct_sheet_hbond.range_1_auth_comp_id 
_pdbx_struct_sheet_hbond.range_1_auth_asym_id 
_pdbx_struct_sheet_hbond.range_1_auth_seq_id 
_pdbx_struct_sheet_hbond.range_2_label_atom_id 
_pdbx_struct_sheet_hbond.range_2_label_comp_id 
_pdbx_struct_sheet_hbond.range_2_label_asym_id 
_pdbx_struct_sheet_hbond.range_2_label_seq_id 
_pdbx_struct_sheet_hbond.range_2_PDB_ins_code 
_pdbx_struct_sheet_hbond.range_2_auth_atom_id 
_pdbx_struct_sheet_hbond.range_2_auth_comp_id 
_pdbx_struct_sheet_hbond.range_2_auth_asym_id 
_pdbx_struct_sheet_hbond.range_2_auth_seq_id 
A 1 2 O VAL A 2   ? O VAL A 2   N ILE A 13  ? N ILE A 13  
A 2 3 O VAL A 12  ? O VAL A 12  N ASP A 128 ? N ASP A 128 
A 3 4 O PHE A 123 ? O PHE A 123 N LEU A 83  ? N LEU A 83  
A 4 5 O ALA A 84  ? O ALA A 84  N PHE A 99  ? N PHE A 99  
A 5 6 O PHE A 98  ? O PHE A 98  N GLY A 52  ? N GLY A 52  
A 8 9 O GLU A 158 ? O GLU A 158 N HIS A 5   ? N HIS A 5   
# 
_struct_site.id                   AC1 
_struct_site.pdbx_evidence_code   Software 
_struct_site.pdbx_auth_asym_id    ? 
_struct_site.pdbx_auth_comp_id    ? 
_struct_site.pdbx_auth_seq_id     ? 
_struct_site.pdbx_auth_ins_code   ? 
_struct_site.pdbx_num_residues    19 
_struct_site.details              'BINDING SITE FOR CHAIN B OF SUCCINYL-ALA-PRO-ALA-P-NITROANILIDE' 
# 
loop_
_struct_site_gen.id 
_struct_site_gen.site_id 
_struct_site_gen.pdbx_num_res 
_struct_site_gen.label_comp_id 
_struct_site_gen.label_asym_id 
_struct_site_gen.label_seq_id 
_struct_site_gen.pdbx_auth_ins_code 
_struct_site_gen.auth_comp_id 
_struct_site_gen.auth_asym_id 
_struct_site_gen.auth_seq_id 
_struct_site_gen.label_atom_id 
_struct_site_gen.label_alt_id 
_struct_site_gen.symmetry 
_struct_site_gen.details 
1  AC1 19 ARG A 43  ? ARG A 43  . ? 1_555 ? 
2  AC1 19 ILE A 45  ? ILE A 45  . ? 1_555 ? 
3  AC1 19 PHE A 48  ? PHE A 48  . ? 1_555 ? 
4  AC1 19 MET A 49  ? MET A 49  . ? 1_555 ? 
5  AC1 19 ALA A 86  ? ALA A 86  . ? 1_555 ? 
6  AC1 19 ARG A 87  ? ARG A 87  . ? 1_555 ? 
7  AC1 19 THR A 88  ? THR A 88  . ? 1_555 ? 
8  AC1 19 ALA A 90  ? ALA A 90  . ? 2_464 ? 
9  AC1 19 HIS A 92  ? HIS A 92  . ? 2_464 ? 
10 AC1 19 SER A 93  ? SER A 93  . ? 2_464 ? 
11 AC1 19 PHE A 99  ? PHE A 99  . ? 1_555 ? 
12 AC1 19 ASP A 106 ? ASP A 106 . ? 2_465 ? 
13 AC1 19 PHE A 107 ? PHE A 107 . ? 2_465 ? 
14 AC1 19 TYR A 120 ? TYR A 120 . ? 1_555 ? 
15 AC1 19 HOH C .   ? HOH A 277 . ? 2_464 ? 
16 AC1 19 HOH D .   ? HOH B 299 . ? 1_555 ? 
17 AC1 19 HOH D .   ? HOH B 349 . ? 1_555 ? 
18 AC1 19 HOH D .   ? HOH B 354 . ? 1_555 ? 
19 AC1 19 HOH D .   ? HOH B 355 . ? 1_555 ? 
# 
_pdbx_entry_details.entry_id                   1LOP 
_pdbx_entry_details.compound_details           ? 
_pdbx_entry_details.source_details             ? 
_pdbx_entry_details.nonpolymer_details         ? 
_pdbx_entry_details.sequence_details           ? 
_pdbx_entry_details.has_ligand_of_interest     ? 
_pdbx_entry_details.has_protein_modification   Y 
# 
loop_
_pdbx_validate_rmsd_bond.id 
_pdbx_validate_rmsd_bond.PDB_model_num 
_pdbx_validate_rmsd_bond.auth_atom_id_1 
_pdbx_validate_rmsd_bond.auth_asym_id_1 
_pdbx_validate_rmsd_bond.auth_comp_id_1 
_pdbx_validate_rmsd_bond.auth_seq_id_1 
_pdbx_validate_rmsd_bond.PDB_ins_code_1 
_pdbx_validate_rmsd_bond.label_alt_id_1 
_pdbx_validate_rmsd_bond.auth_atom_id_2 
_pdbx_validate_rmsd_bond.auth_asym_id_2 
_pdbx_validate_rmsd_bond.auth_comp_id_2 
_pdbx_validate_rmsd_bond.auth_seq_id_2 
_pdbx_validate_rmsd_bond.PDB_ins_code_2 
_pdbx_validate_rmsd_bond.label_alt_id_2 
_pdbx_validate_rmsd_bond.bond_value 
_pdbx_validate_rmsd_bond.bond_target_value 
_pdbx_validate_rmsd_bond.bond_deviation 
_pdbx_validate_rmsd_bond.bond_standard_deviation 
_pdbx_validate_rmsd_bond.linker_flag 
1 1 NE2 A HIS 5  ? ? CD2 A HIS 5  ? ? 1.304 1.373 -0.069 0.011 N 
2 1 NE2 A HIS 8  ? ? CD2 A HIS 8  ? ? 1.306 1.373 -0.067 0.011 N 
3 1 NE2 A HIS 42 ? ? CD2 A HIS 42 ? ? 1.301 1.373 -0.072 0.011 N 
4 1 NE2 A HIS 92 ? ? CD2 A HIS 92 ? ? 1.303 1.373 -0.070 0.011 N 
# 
loop_
_pdbx_validate_rmsd_angle.id 
_pdbx_validate_rmsd_angle.PDB_model_num 
_pdbx_validate_rmsd_angle.auth_atom_id_1 
_pdbx_validate_rmsd_angle.auth_asym_id_1 
_pdbx_validate_rmsd_angle.auth_comp_id_1 
_pdbx_validate_rmsd_angle.auth_seq_id_1 
_pdbx_validate_rmsd_angle.PDB_ins_code_1 
_pdbx_validate_rmsd_angle.label_alt_id_1 
_pdbx_validate_rmsd_angle.auth_atom_id_2 
_pdbx_validate_rmsd_angle.auth_asym_id_2 
_pdbx_validate_rmsd_angle.auth_comp_id_2 
_pdbx_validate_rmsd_angle.auth_seq_id_2 
_pdbx_validate_rmsd_angle.PDB_ins_code_2 
_pdbx_validate_rmsd_angle.label_alt_id_2 
_pdbx_validate_rmsd_angle.auth_atom_id_3 
_pdbx_validate_rmsd_angle.auth_asym_id_3 
_pdbx_validate_rmsd_angle.auth_comp_id_3 
_pdbx_validate_rmsd_angle.auth_seq_id_3 
_pdbx_validate_rmsd_angle.PDB_ins_code_3 
_pdbx_validate_rmsd_angle.label_alt_id_3 
_pdbx_validate_rmsd_angle.angle_value 
_pdbx_validate_rmsd_angle.angle_target_value 
_pdbx_validate_rmsd_angle.angle_deviation 
_pdbx_validate_rmsd_angle.angle_standard_deviation 
_pdbx_validate_rmsd_angle.linker_flag 
1 1 NE  A ARG 32  ? ? CZ  A ARG 32  ? ? NH1 A ARG 32  ? ? 124.71 120.30 4.41   0.50 N 
2 1 NE  A ARG 32  ? ? CZ  A ARG 32  ? ? NH2 A ARG 32  ? ? 116.66 120.30 -3.64  0.50 N 
3 1 NE  A ARG 43  ? ? CZ  A ARG 43  ? ? NH1 A ARG 43  ? ? 125.65 120.30 5.35   0.50 N 
4 1 CG  A ARG 80  ? ? CD  A ARG 80  ? ? NE  A ARG 80  ? ? 96.98  111.80 -14.82 2.10 N 
5 1 NE  A ARG 80  ? ? CZ  A ARG 80  ? ? NH1 A ARG 80  ? ? 128.30 120.30 8.00   0.50 N 
6 1 NE  A ARG 80  ? ? CZ  A ARG 80  ? ? NH2 A ARG 80  ? ? 110.84 120.30 -9.46  0.50 N 
7 1 CD1 A TRP 118 ? ? CG  A TRP 118 ? ? CD2 A TRP 118 ? ? 111.89 106.30 5.59   0.80 N 
8 1 CE2 A TRP 118 ? ? CD2 A TRP 118 ? ? CG  A TRP 118 ? ? 101.42 107.30 -5.88  0.80 N 
# 
loop_
_pdbx_validate_torsion.id 
_pdbx_validate_torsion.PDB_model_num 
_pdbx_validate_torsion.auth_comp_id 
_pdbx_validate_torsion.auth_asym_id 
_pdbx_validate_torsion.auth_seq_id 
_pdbx_validate_torsion.PDB_ins_code 
_pdbx_validate_torsion.label_alt_id 
_pdbx_validate_torsion.phi 
_pdbx_validate_torsion.psi 
1 1 PHE A 48  ? ? -139.61 -76.59  
2 1 ARG A 87  ? ? -163.34 -169.73 
3 1 HIS A 92  ? ? -101.90 44.77   
4 1 THR A 95  ? ? -120.19 -85.13  
5 1 ASN A 105 ? ? -110.18 76.06   
# 
_pdbx_molecule_features.prd_id    PRD_000400 
_pdbx_molecule_features.name      SUCCINYL-ALA-PRO-ALA-P-NITROANILIDE 
_pdbx_molecule_features.type      Peptide-like 
_pdbx_molecule_features.class     Inhibitor 
_pdbx_molecule_features.details   ? 
# 
_pdbx_molecule.instance_id   1 
_pdbx_molecule.prd_id        PRD_000400 
_pdbx_molecule.asym_id       B 
# 
loop_
_chem_comp_atom.comp_id 
_chem_comp_atom.atom_id 
_chem_comp_atom.type_symbol 
_chem_comp_atom.pdbx_aromatic_flag 
_chem_comp_atom.pdbx_stereo_config 
_chem_comp_atom.pdbx_ordinal 
ALA N    N N N 1   
ALA CA   C N S 2   
ALA C    C N N 3   
ALA O    O N N 4   
ALA CB   C N N 5   
ALA OXT  O N N 6   
ALA H    H N N 7   
ALA H2   H N N 8   
ALA HA   H N N 9   
ALA HB1  H N N 10  
ALA HB2  H N N 11  
ALA HB3  H N N 12  
ALA HXT  H N N 13  
ARG N    N N N 14  
ARG CA   C N S 15  
ARG C    C N N 16  
ARG O    O N N 17  
ARG CB   C N N 18  
ARG CG   C N N 19  
ARG CD   C N N 20  
ARG NE   N N N 21  
ARG CZ   C N N 22  
ARG NH1  N N N 23  
ARG NH2  N N N 24  
ARG OXT  O N N 25  
ARG H    H N N 26  
ARG H2   H N N 27  
ARG HA   H N N 28  
ARG HB2  H N N 29  
ARG HB3  H N N 30  
ARG HG2  H N N 31  
ARG HG3  H N N 32  
ARG HD2  H N N 33  
ARG HD3  H N N 34  
ARG HE   H N N 35  
ARG HH11 H N N 36  
ARG HH12 H N N 37  
ARG HH21 H N N 38  
ARG HH22 H N N 39  
ARG HXT  H N N 40  
ASN N    N N N 41  
ASN CA   C N S 42  
ASN C    C N N 43  
ASN O    O N N 44  
ASN CB   C N N 45  
ASN CG   C N N 46  
ASN OD1  O N N 47  
ASN ND2  N N N 48  
ASN OXT  O N N 49  
ASN H    H N N 50  
ASN H2   H N N 51  
ASN HA   H N N 52  
ASN HB2  H N N 53  
ASN HB3  H N N 54  
ASN HD21 H N N 55  
ASN HD22 H N N 56  
ASN HXT  H N N 57  
ASP N    N N N 58  
ASP CA   C N S 59  
ASP C    C N N 60  
ASP O    O N N 61  
ASP CB   C N N 62  
ASP CG   C N N 63  
ASP OD1  O N N 64  
ASP OD2  O N N 65  
ASP OXT  O N N 66  
ASP H    H N N 67  
ASP H2   H N N 68  
ASP HA   H N N 69  
ASP HB2  H N N 70  
ASP HB3  H N N 71  
ASP HD2  H N N 72  
ASP HXT  H N N 73  
CYS N    N N N 74  
CYS CA   C N R 75  
CYS C    C N N 76  
CYS O    O N N 77  
CYS CB   C N N 78  
CYS SG   S N N 79  
CYS OXT  O N N 80  
CYS H    H N N 81  
CYS H2   H N N 82  
CYS HA   H N N 83  
CYS HB2  H N N 84  
CYS HB3  H N N 85  
CYS HG   H N N 86  
CYS HXT  H N N 87  
GLN N    N N N 88  
GLN CA   C N S 89  
GLN C    C N N 90  
GLN O    O N N 91  
GLN CB   C N N 92  
GLN CG   C N N 93  
GLN CD   C N N 94  
GLN OE1  O N N 95  
GLN NE2  N N N 96  
GLN OXT  O N N 97  
GLN H    H N N 98  
GLN H2   H N N 99  
GLN HA   H N N 100 
GLN HB2  H N N 101 
GLN HB3  H N N 102 
GLN HG2  H N N 103 
GLN HG3  H N N 104 
GLN HE21 H N N 105 
GLN HE22 H N N 106 
GLN HXT  H N N 107 
GLU N    N N N 108 
GLU CA   C N S 109 
GLU C    C N N 110 
GLU O    O N N 111 
GLU CB   C N N 112 
GLU CG   C N N 113 
GLU CD   C N N 114 
GLU OE1  O N N 115 
GLU OE2  O N N 116 
GLU OXT  O N N 117 
GLU H    H N N 118 
GLU H2   H N N 119 
GLU HA   H N N 120 
GLU HB2  H N N 121 
GLU HB3  H N N 122 
GLU HG2  H N N 123 
GLU HG3  H N N 124 
GLU HE2  H N N 125 
GLU HXT  H N N 126 
GLY N    N N N 127 
GLY CA   C N N 128 
GLY C    C N N 129 
GLY O    O N N 130 
GLY OXT  O N N 131 
GLY H    H N N 132 
GLY H2   H N N 133 
GLY HA2  H N N 134 
GLY HA3  H N N 135 
GLY HXT  H N N 136 
HIS N    N N N 137 
HIS CA   C N S 138 
HIS C    C N N 139 
HIS O    O N N 140 
HIS CB   C N N 141 
HIS CG   C Y N 142 
HIS ND1  N Y N 143 
HIS CD2  C Y N 144 
HIS CE1  C Y N 145 
HIS NE2  N Y N 146 
HIS OXT  O N N 147 
HIS H    H N N 148 
HIS H2   H N N 149 
HIS HA   H N N 150 
HIS HB2  H N N 151 
HIS HB3  H N N 152 
HIS HD1  H N N 153 
HIS HD2  H N N 154 
HIS HE1  H N N 155 
HIS HE2  H N N 156 
HIS HXT  H N N 157 
HOH O    O N N 158 
HOH H1   H N N 159 
HOH H2   H N N 160 
ILE N    N N N 161 
ILE CA   C N S 162 
ILE C    C N N 163 
ILE O    O N N 164 
ILE CB   C N S 165 
ILE CG1  C N N 166 
ILE CG2  C N N 167 
ILE CD1  C N N 168 
ILE OXT  O N N 169 
ILE H    H N N 170 
ILE H2   H N N 171 
ILE HA   H N N 172 
ILE HB   H N N 173 
ILE HG12 H N N 174 
ILE HG13 H N N 175 
ILE HG21 H N N 176 
ILE HG22 H N N 177 
ILE HG23 H N N 178 
ILE HD11 H N N 179 
ILE HD12 H N N 180 
ILE HD13 H N N 181 
ILE HXT  H N N 182 
LEU N    N N N 183 
LEU CA   C N S 184 
LEU C    C N N 185 
LEU O    O N N 186 
LEU CB   C N N 187 
LEU CG   C N N 188 
LEU CD1  C N N 189 
LEU CD2  C N N 190 
LEU OXT  O N N 191 
LEU H    H N N 192 
LEU H2   H N N 193 
LEU HA   H N N 194 
LEU HB2  H N N 195 
LEU HB3  H N N 196 
LEU HG   H N N 197 
LEU HD11 H N N 198 
LEU HD12 H N N 199 
LEU HD13 H N N 200 
LEU HD21 H N N 201 
LEU HD22 H N N 202 
LEU HD23 H N N 203 
LEU HXT  H N N 204 
LYS N    N N N 205 
LYS CA   C N S 206 
LYS C    C N N 207 
LYS O    O N N 208 
LYS CB   C N N 209 
LYS CG   C N N 210 
LYS CD   C N N 211 
LYS CE   C N N 212 
LYS NZ   N N N 213 
LYS OXT  O N N 214 
LYS H    H N N 215 
LYS H2   H N N 216 
LYS HA   H N N 217 
LYS HB2  H N N 218 
LYS HB3  H N N 219 
LYS HG2  H N N 220 
LYS HG3  H N N 221 
LYS HD2  H N N 222 
LYS HD3  H N N 223 
LYS HE2  H N N 224 
LYS HE3  H N N 225 
LYS HZ1  H N N 226 
LYS HZ2  H N N 227 
LYS HZ3  H N N 228 
LYS HXT  H N N 229 
MET N    N N N 230 
MET CA   C N S 231 
MET C    C N N 232 
MET O    O N N 233 
MET CB   C N N 234 
MET CG   C N N 235 
MET SD   S N N 236 
MET CE   C N N 237 
MET OXT  O N N 238 
MET H    H N N 239 
MET H2   H N N 240 
MET HA   H N N 241 
MET HB2  H N N 242 
MET HB3  H N N 243 
MET HG2  H N N 244 
MET HG3  H N N 245 
MET HE1  H N N 246 
MET HE2  H N N 247 
MET HE3  H N N 248 
MET HXT  H N N 249 
NIT N1   N N N 250 
NIT C1   C Y N 251 
NIT C2   C Y N 252 
NIT C3   C Y N 253 
NIT C4   C Y N 254 
NIT N4   N N N 255 
NIT ON1  O N N 256 
NIT ON2  O N N 257 
NIT C5   C Y N 258 
NIT C6   C Y N 259 
NIT HN11 H N N 260 
NIT HN12 H N N 261 
NIT H2   H N N 262 
NIT H3   H N N 263 
NIT H5   H N N 264 
NIT H6   H N N 265 
PHE N    N N N 266 
PHE CA   C N S 267 
PHE C    C N N 268 
PHE O    O N N 269 
PHE CB   C N N 270 
PHE CG   C Y N 271 
PHE CD1  C Y N 272 
PHE CD2  C Y N 273 
PHE CE1  C Y N 274 
PHE CE2  C Y N 275 
PHE CZ   C Y N 276 
PHE OXT  O N N 277 
PHE H    H N N 278 
PHE H2   H N N 279 
PHE HA   H N N 280 
PHE HB2  H N N 281 
PHE HB3  H N N 282 
PHE HD1  H N N 283 
PHE HD2  H N N 284 
PHE HE1  H N N 285 
PHE HE2  H N N 286 
PHE HZ   H N N 287 
PHE HXT  H N N 288 
PRO N    N N N 289 
PRO CA   C N S 290 
PRO C    C N N 291 
PRO O    O N N 292 
PRO CB   C N N 293 
PRO CG   C N N 294 
PRO CD   C N N 295 
PRO OXT  O N N 296 
PRO H    H N N 297 
PRO HA   H N N 298 
PRO HB2  H N N 299 
PRO HB3  H N N 300 
PRO HG2  H N N 301 
PRO HG3  H N N 302 
PRO HD2  H N N 303 
PRO HD3  H N N 304 
PRO HXT  H N N 305 
SER N    N N N 306 
SER CA   C N S 307 
SER C    C N N 308 
SER O    O N N 309 
SER CB   C N N 310 
SER OG   O N N 311 
SER OXT  O N N 312 
SER H    H N N 313 
SER H2   H N N 314 
SER HA   H N N 315 
SER HB2  H N N 316 
SER HB3  H N N 317 
SER HG   H N N 318 
SER HXT  H N N 319 
SIN C1   C N N 320 
SIN O1   O N N 321 
SIN O2   O N N 322 
SIN C2   C N N 323 
SIN C3   C N N 324 
SIN C4   C N N 325 
SIN O3   O N N 326 
SIN O4   O N N 327 
SIN HO2  H N N 328 
SIN H21  H N N 329 
SIN H22  H N N 330 
SIN H31  H N N 331 
SIN H32  H N N 332 
SIN HO4  H N N 333 
THR N    N N N 334 
THR CA   C N S 335 
THR C    C N N 336 
THR O    O N N 337 
THR CB   C N R 338 
THR OG1  O N N 339 
THR CG2  C N N 340 
THR OXT  O N N 341 
THR H    H N N 342 
THR H2   H N N 343 
THR HA   H N N 344 
THR HB   H N N 345 
THR HG1  H N N 346 
THR HG21 H N N 347 
THR HG22 H N N 348 
THR HG23 H N N 349 
THR HXT  H N N 350 
TRP N    N N N 351 
TRP CA   C N S 352 
TRP C    C N N 353 
TRP O    O N N 354 
TRP CB   C N N 355 
TRP CG   C Y N 356 
TRP CD1  C Y N 357 
TRP CD2  C Y N 358 
TRP NE1  N Y N 359 
TRP CE2  C Y N 360 
TRP CE3  C Y N 361 
TRP CZ2  C Y N 362 
TRP CZ3  C Y N 363 
TRP CH2  C Y N 364 
TRP OXT  O N N 365 
TRP H    H N N 366 
TRP H2   H N N 367 
TRP HA   H N N 368 
TRP HB2  H N N 369 
TRP HB3  H N N 370 
TRP HD1  H N N 371 
TRP HE1  H N N 372 
TRP HE3  H N N 373 
TRP HZ2  H N N 374 
TRP HZ3  H N N 375 
TRP HH2  H N N 376 
TRP HXT  H N N 377 
TYR N    N N N 378 
TYR CA   C N S 379 
TYR C    C N N 380 
TYR O    O N N 381 
TYR CB   C N N 382 
TYR CG   C Y N 383 
TYR CD1  C Y N 384 
TYR CD2  C Y N 385 
TYR CE1  C Y N 386 
TYR CE2  C Y N 387 
TYR CZ   C Y N 388 
TYR OH   O N N 389 
TYR OXT  O N N 390 
TYR H    H N N 391 
TYR H2   H N N 392 
TYR HA   H N N 393 
TYR HB2  H N N 394 
TYR HB3  H N N 395 
TYR HD1  H N N 396 
TYR HD2  H N N 397 
TYR HE1  H N N 398 
TYR HE2  H N N 399 
TYR HH   H N N 400 
TYR HXT  H N N 401 
VAL N    N N N 402 
VAL CA   C N S 403 
VAL C    C N N 404 
VAL O    O N N 405 
VAL CB   C N N 406 
VAL CG1  C N N 407 
VAL CG2  C N N 408 
VAL OXT  O N N 409 
VAL H    H N N 410 
VAL H2   H N N 411 
VAL HA   H N N 412 
VAL HB   H N N 413 
VAL HG11 H N N 414 
VAL HG12 H N N 415 
VAL HG13 H N N 416 
VAL HG21 H N N 417 
VAL HG22 H N N 418 
VAL HG23 H N N 419 
VAL HXT  H N N 420 
# 
loop_
_chem_comp_bond.comp_id 
_chem_comp_bond.atom_id_1 
_chem_comp_bond.atom_id_2 
_chem_comp_bond.value_order 
_chem_comp_bond.pdbx_aromatic_flag 
_chem_comp_bond.pdbx_stereo_config 
_chem_comp_bond.pdbx_ordinal 
ALA N   CA   sing N N 1   
ALA N   H    sing N N 2   
ALA N   H2   sing N N 3   
ALA CA  C    sing N N 4   
ALA CA  CB   sing N N 5   
ALA CA  HA   sing N N 6   
ALA C   O    doub N N 7   
ALA C   OXT  sing N N 8   
ALA CB  HB1  sing N N 9   
ALA CB  HB2  sing N N 10  
ALA CB  HB3  sing N N 11  
ALA OXT HXT  sing N N 12  
ARG N   CA   sing N N 13  
ARG N   H    sing N N 14  
ARG N   H2   sing N N 15  
ARG CA  C    sing N N 16  
ARG CA  CB   sing N N 17  
ARG CA  HA   sing N N 18  
ARG C   O    doub N N 19  
ARG C   OXT  sing N N 20  
ARG CB  CG   sing N N 21  
ARG CB  HB2  sing N N 22  
ARG CB  HB3  sing N N 23  
ARG CG  CD   sing N N 24  
ARG CG  HG2  sing N N 25  
ARG CG  HG3  sing N N 26  
ARG CD  NE   sing N N 27  
ARG CD  HD2  sing N N 28  
ARG CD  HD3  sing N N 29  
ARG NE  CZ   sing N N 30  
ARG NE  HE   sing N N 31  
ARG CZ  NH1  sing N N 32  
ARG CZ  NH2  doub N N 33  
ARG NH1 HH11 sing N N 34  
ARG NH1 HH12 sing N N 35  
ARG NH2 HH21 sing N N 36  
ARG NH2 HH22 sing N N 37  
ARG OXT HXT  sing N N 38  
ASN N   CA   sing N N 39  
ASN N   H    sing N N 40  
ASN N   H2   sing N N 41  
ASN CA  C    sing N N 42  
ASN CA  CB   sing N N 43  
ASN CA  HA   sing N N 44  
ASN C   O    doub N N 45  
ASN C   OXT  sing N N 46  
ASN CB  CG   sing N N 47  
ASN CB  HB2  sing N N 48  
ASN CB  HB3  sing N N 49  
ASN CG  OD1  doub N N 50  
ASN CG  ND2  sing N N 51  
ASN ND2 HD21 sing N N 52  
ASN ND2 HD22 sing N N 53  
ASN OXT HXT  sing N N 54  
ASP N   CA   sing N N 55  
ASP N   H    sing N N 56  
ASP N   H2   sing N N 57  
ASP CA  C    sing N N 58  
ASP CA  CB   sing N N 59  
ASP CA  HA   sing N N 60  
ASP C   O    doub N N 61  
ASP C   OXT  sing N N 62  
ASP CB  CG   sing N N 63  
ASP CB  HB2  sing N N 64  
ASP CB  HB3  sing N N 65  
ASP CG  OD1  doub N N 66  
ASP CG  OD2  sing N N 67  
ASP OD2 HD2  sing N N 68  
ASP OXT HXT  sing N N 69  
CYS N   CA   sing N N 70  
CYS N   H    sing N N 71  
CYS N   H2   sing N N 72  
CYS CA  C    sing N N 73  
CYS CA  CB   sing N N 74  
CYS CA  HA   sing N N 75  
CYS C   O    doub N N 76  
CYS C   OXT  sing N N 77  
CYS CB  SG   sing N N 78  
CYS CB  HB2  sing N N 79  
CYS CB  HB3  sing N N 80  
CYS SG  HG   sing N N 81  
CYS OXT HXT  sing N N 82  
GLN N   CA   sing N N 83  
GLN N   H    sing N N 84  
GLN N   H2   sing N N 85  
GLN CA  C    sing N N 86  
GLN CA  CB   sing N N 87  
GLN CA  HA   sing N N 88  
GLN C   O    doub N N 89  
GLN C   OXT  sing N N 90  
GLN CB  CG   sing N N 91  
GLN CB  HB2  sing N N 92  
GLN CB  HB3  sing N N 93  
GLN CG  CD   sing N N 94  
GLN CG  HG2  sing N N 95  
GLN CG  HG3  sing N N 96  
GLN CD  OE1  doub N N 97  
GLN CD  NE2  sing N N 98  
GLN NE2 HE21 sing N N 99  
GLN NE2 HE22 sing N N 100 
GLN OXT HXT  sing N N 101 
GLU N   CA   sing N N 102 
GLU N   H    sing N N 103 
GLU N   H2   sing N N 104 
GLU CA  C    sing N N 105 
GLU CA  CB   sing N N 106 
GLU CA  HA   sing N N 107 
GLU C   O    doub N N 108 
GLU C   OXT  sing N N 109 
GLU CB  CG   sing N N 110 
GLU CB  HB2  sing N N 111 
GLU CB  HB3  sing N N 112 
GLU CG  CD   sing N N 113 
GLU CG  HG2  sing N N 114 
GLU CG  HG3  sing N N 115 
GLU CD  OE1  doub N N 116 
GLU CD  OE2  sing N N 117 
GLU OE2 HE2  sing N N 118 
GLU OXT HXT  sing N N 119 
GLY N   CA   sing N N 120 
GLY N   H    sing N N 121 
GLY N   H2   sing N N 122 
GLY CA  C    sing N N 123 
GLY CA  HA2  sing N N 124 
GLY CA  HA3  sing N N 125 
GLY C   O    doub N N 126 
GLY C   OXT  sing N N 127 
GLY OXT HXT  sing N N 128 
HIS N   CA   sing N N 129 
HIS N   H    sing N N 130 
HIS N   H2   sing N N 131 
HIS CA  C    sing N N 132 
HIS CA  CB   sing N N 133 
HIS CA  HA   sing N N 134 
HIS C   O    doub N N 135 
HIS C   OXT  sing N N 136 
HIS CB  CG   sing N N 137 
HIS CB  HB2  sing N N 138 
HIS CB  HB3  sing N N 139 
HIS CG  ND1  sing Y N 140 
HIS CG  CD2  doub Y N 141 
HIS ND1 CE1  doub Y N 142 
HIS ND1 HD1  sing N N 143 
HIS CD2 NE2  sing Y N 144 
HIS CD2 HD2  sing N N 145 
HIS CE1 NE2  sing Y N 146 
HIS CE1 HE1  sing N N 147 
HIS NE2 HE2  sing N N 148 
HIS OXT HXT  sing N N 149 
HOH O   H1   sing N N 150 
HOH O   H2   sing N N 151 
ILE N   CA   sing N N 152 
ILE N   H    sing N N 153 
ILE N   H2   sing N N 154 
ILE CA  C    sing N N 155 
ILE CA  CB   sing N N 156 
ILE CA  HA   sing N N 157 
ILE C   O    doub N N 158 
ILE C   OXT  sing N N 159 
ILE CB  CG1  sing N N 160 
ILE CB  CG2  sing N N 161 
ILE CB  HB   sing N N 162 
ILE CG1 CD1  sing N N 163 
ILE CG1 HG12 sing N N 164 
ILE CG1 HG13 sing N N 165 
ILE CG2 HG21 sing N N 166 
ILE CG2 HG22 sing N N 167 
ILE CG2 HG23 sing N N 168 
ILE CD1 HD11 sing N N 169 
ILE CD1 HD12 sing N N 170 
ILE CD1 HD13 sing N N 171 
ILE OXT HXT  sing N N 172 
LEU N   CA   sing N N 173 
LEU N   H    sing N N 174 
LEU N   H2   sing N N 175 
LEU CA  C    sing N N 176 
LEU CA  CB   sing N N 177 
LEU CA  HA   sing N N 178 
LEU C   O    doub N N 179 
LEU C   OXT  sing N N 180 
LEU CB  CG   sing N N 181 
LEU CB  HB2  sing N N 182 
LEU CB  HB3  sing N N 183 
LEU CG  CD1  sing N N 184 
LEU CG  CD2  sing N N 185 
LEU CG  HG   sing N N 186 
LEU CD1 HD11 sing N N 187 
LEU CD1 HD12 sing N N 188 
LEU CD1 HD13 sing N N 189 
LEU CD2 HD21 sing N N 190 
LEU CD2 HD22 sing N N 191 
LEU CD2 HD23 sing N N 192 
LEU OXT HXT  sing N N 193 
LYS N   CA   sing N N 194 
LYS N   H    sing N N 195 
LYS N   H2   sing N N 196 
LYS CA  C    sing N N 197 
LYS CA  CB   sing N N 198 
LYS CA  HA   sing N N 199 
LYS C   O    doub N N 200 
LYS C   OXT  sing N N 201 
LYS CB  CG   sing N N 202 
LYS CB  HB2  sing N N 203 
LYS CB  HB3  sing N N 204 
LYS CG  CD   sing N N 205 
LYS CG  HG2  sing N N 206 
LYS CG  HG3  sing N N 207 
LYS CD  CE   sing N N 208 
LYS CD  HD2  sing N N 209 
LYS CD  HD3  sing N N 210 
LYS CE  NZ   sing N N 211 
LYS CE  HE2  sing N N 212 
LYS CE  HE3  sing N N 213 
LYS NZ  HZ1  sing N N 214 
LYS NZ  HZ2  sing N N 215 
LYS NZ  HZ3  sing N N 216 
LYS OXT HXT  sing N N 217 
MET N   CA   sing N N 218 
MET N   H    sing N N 219 
MET N   H2   sing N N 220 
MET CA  C    sing N N 221 
MET CA  CB   sing N N 222 
MET CA  HA   sing N N 223 
MET C   O    doub N N 224 
MET C   OXT  sing N N 225 
MET CB  CG   sing N N 226 
MET CB  HB2  sing N N 227 
MET CB  HB3  sing N N 228 
MET CG  SD   sing N N 229 
MET CG  HG2  sing N N 230 
MET CG  HG3  sing N N 231 
MET SD  CE   sing N N 232 
MET CE  HE1  sing N N 233 
MET CE  HE2  sing N N 234 
MET CE  HE3  sing N N 235 
MET OXT HXT  sing N N 236 
NIT N1  C1   sing N N 237 
NIT N1  HN11 sing N N 238 
NIT N1  HN12 sing N N 239 
NIT C1  C2   doub Y N 240 
NIT C1  C6   sing Y N 241 
NIT C2  C3   sing Y N 242 
NIT C2  H2   sing N N 243 
NIT C3  C4   doub Y N 244 
NIT C3  H3   sing N N 245 
NIT C4  N4   sing N N 246 
NIT C4  C5   sing Y N 247 
NIT N4  ON1  sing N N 248 
NIT N4  ON2  doub N N 249 
NIT C5  C6   doub Y N 250 
NIT C5  H5   sing N N 251 
NIT C6  H6   sing N N 252 
PHE N   CA   sing N N 253 
PHE N   H    sing N N 254 
PHE N   H2   sing N N 255 
PHE CA  C    sing N N 256 
PHE CA  CB   sing N N 257 
PHE CA  HA   sing N N 258 
PHE C   O    doub N N 259 
PHE C   OXT  sing N N 260 
PHE CB  CG   sing N N 261 
PHE CB  HB2  sing N N 262 
PHE CB  HB3  sing N N 263 
PHE CG  CD1  doub Y N 264 
PHE CG  CD2  sing Y N 265 
PHE CD1 CE1  sing Y N 266 
PHE CD1 HD1  sing N N 267 
PHE CD2 CE2  doub Y N 268 
PHE CD2 HD2  sing N N 269 
PHE CE1 CZ   doub Y N 270 
PHE CE1 HE1  sing N N 271 
PHE CE2 CZ   sing Y N 272 
PHE CE2 HE2  sing N N 273 
PHE CZ  HZ   sing N N 274 
PHE OXT HXT  sing N N 275 
PRO N   CA   sing N N 276 
PRO N   CD   sing N N 277 
PRO N   H    sing N N 278 
PRO CA  C    sing N N 279 
PRO CA  CB   sing N N 280 
PRO CA  HA   sing N N 281 
PRO C   O    doub N N 282 
PRO C   OXT  sing N N 283 
PRO CB  CG   sing N N 284 
PRO CB  HB2  sing N N 285 
PRO CB  HB3  sing N N 286 
PRO CG  CD   sing N N 287 
PRO CG  HG2  sing N N 288 
PRO CG  HG3  sing N N 289 
PRO CD  HD2  sing N N 290 
PRO CD  HD3  sing N N 291 
PRO OXT HXT  sing N N 292 
SER N   CA   sing N N 293 
SER N   H    sing N N 294 
SER N   H2   sing N N 295 
SER CA  C    sing N N 296 
SER CA  CB   sing N N 297 
SER CA  HA   sing N N 298 
SER C   O    doub N N 299 
SER C   OXT  sing N N 300 
SER CB  OG   sing N N 301 
SER CB  HB2  sing N N 302 
SER CB  HB3  sing N N 303 
SER OG  HG   sing N N 304 
SER OXT HXT  sing N N 305 
SIN C1  O1   doub N N 306 
SIN C1  O2   sing N N 307 
SIN C1  C2   sing N N 308 
SIN O2  HO2  sing N N 309 
SIN C2  C3   sing N N 310 
SIN C2  H21  sing N N 311 
SIN C2  H22  sing N N 312 
SIN C3  C4   sing N N 313 
SIN C3  H31  sing N N 314 
SIN C3  H32  sing N N 315 
SIN C4  O3   doub N N 316 
SIN C4  O4   sing N N 317 
SIN O4  HO4  sing N N 318 
THR N   CA   sing N N 319 
THR N   H    sing N N 320 
THR N   H2   sing N N 321 
THR CA  C    sing N N 322 
THR CA  CB   sing N N 323 
THR CA  HA   sing N N 324 
THR C   O    doub N N 325 
THR C   OXT  sing N N 326 
THR CB  OG1  sing N N 327 
THR CB  CG2  sing N N 328 
THR CB  HB   sing N N 329 
THR OG1 HG1  sing N N 330 
THR CG2 HG21 sing N N 331 
THR CG2 HG22 sing N N 332 
THR CG2 HG23 sing N N 333 
THR OXT HXT  sing N N 334 
TRP N   CA   sing N N 335 
TRP N   H    sing N N 336 
TRP N   H2   sing N N 337 
TRP CA  C    sing N N 338 
TRP CA  CB   sing N N 339 
TRP CA  HA   sing N N 340 
TRP C   O    doub N N 341 
TRP C   OXT  sing N N 342 
TRP CB  CG   sing N N 343 
TRP CB  HB2  sing N N 344 
TRP CB  HB3  sing N N 345 
TRP CG  CD1  doub Y N 346 
TRP CG  CD2  sing Y N 347 
TRP CD1 NE1  sing Y N 348 
TRP CD1 HD1  sing N N 349 
TRP CD2 CE2  doub Y N 350 
TRP CD2 CE3  sing Y N 351 
TRP NE1 CE2  sing Y N 352 
TRP NE1 HE1  sing N N 353 
TRP CE2 CZ2  sing Y N 354 
TRP CE3 CZ3  doub Y N 355 
TRP CE3 HE3  sing N N 356 
TRP CZ2 CH2  doub Y N 357 
TRP CZ2 HZ2  sing N N 358 
TRP CZ3 CH2  sing Y N 359 
TRP CZ3 HZ3  sing N N 360 
TRP CH2 HH2  sing N N 361 
TRP OXT HXT  sing N N 362 
TYR N   CA   sing N N 363 
TYR N   H    sing N N 364 
TYR N   H2   sing N N 365 
TYR CA  C    sing N N 366 
TYR CA  CB   sing N N 367 
TYR CA  HA   sing N N 368 
TYR C   O    doub N N 369 
TYR C   OXT  sing N N 370 
TYR CB  CG   sing N N 371 
TYR CB  HB2  sing N N 372 
TYR CB  HB3  sing N N 373 
TYR CG  CD1  doub Y N 374 
TYR CG  CD2  sing Y N 375 
TYR CD1 CE1  sing Y N 376 
TYR CD1 HD1  sing N N 377 
TYR CD2 CE2  doub Y N 378 
TYR CD2 HD2  sing N N 379 
TYR CE1 CZ   doub Y N 380 
TYR CE1 HE1  sing N N 381 
TYR CE2 CZ   sing Y N 382 
TYR CE2 HE2  sing N N 383 
TYR CZ  OH   sing N N 384 
TYR OH  HH   sing N N 385 
TYR OXT HXT  sing N N 386 
VAL N   CA   sing N N 387 
VAL N   H    sing N N 388 
VAL N   H2   sing N N 389 
VAL CA  C    sing N N 390 
VAL CA  CB   sing N N 391 
VAL CA  HA   sing N N 392 
VAL C   O    doub N N 393 
VAL C   OXT  sing N N 394 
VAL CB  CG1  sing N N 395 
VAL CB  CG2  sing N N 396 
VAL CB  HB   sing N N 397 
VAL CG1 HG11 sing N N 398 
VAL CG1 HG12 sing N N 399 
VAL CG1 HG13 sing N N 400 
VAL CG2 HG21 sing N N 401 
VAL CG2 HG22 sing N N 402 
VAL CG2 HG23 sing N N 403 
VAL OXT HXT  sing N N 404 
# 
_atom_sites.entry_id                    1LOP 
_atom_sites.fract_transf_matrix[1][1]   -0.01142735 
_atom_sites.fract_transf_matrix[1][2]   0.00681809 
_atom_sites.fract_transf_matrix[1][3]   -0.00708627 
_atom_sites.fract_transf_matrix[2][1]   0.00756411 
_atom_sites.fract_transf_matrix[2][2]   0.01255262 
_atom_sites.fract_transf_matrix[2][3]   -0.00012035 
_atom_sites.fract_transf_matrix[3][1]   0.00996403 
_atom_sites.fract_transf_matrix[3][2]   -0.00621565 
_atom_sites.fract_transf_matrix[3][3]   -0.02204845 
_atom_sites.fract_transf_vector[1]      -0.093480 
_atom_sites.fract_transf_vector[2]      0.410990 
_atom_sites.fract_transf_vector[3]      0.378609 
# 
loop_
_atom_type.symbol 
C 
H 
N 
O 
S 
# 
loop_
_atom_site.group_PDB 
_atom_site.id 
_atom_site.type_symbol 
_atom_site.label_atom_id 
_atom_site.label_alt_id 
_atom_site.label_comp_id 
_atom_site.label_asym_id 
_atom_site.label_entity_id 
_atom_site.label_seq_id 
_atom_site.pdbx_PDB_ins_code 
_atom_site.Cartn_x 
_atom_site.Cartn_y 
_atom_site.Cartn_z 
_atom_site.occupancy 
_atom_site.B_iso_or_equiv 
_atom_site.pdbx_formal_charge 
_atom_site.auth_seq_id 
_atom_site.auth_comp_id 
_atom_site.auth_asym_id 
_atom_site.auth_atom_id 
_atom_site.pdbx_PDB_model_num 
ATOM   1    N N    . MET A 1 1   ? -12.006 6.968   -8.584  1.00 22.75 ? 1   MET A N    1 
ATOM   2    C CA   . MET A 1 1   ? -12.211 6.012   -7.488  1.00 21.44 ? 1   MET A CA   1 
ATOM   3    C C    . MET A 1 1   ? -11.646 4.612   -7.751  1.00 19.16 ? 1   MET A C    1 
ATOM   4    O O    . MET A 1 1   ? -11.693 4.170   -8.892  1.00 18.36 ? 1   MET A O    1 
ATOM   5    C CB   . MET A 1 1   ? -13.671 5.778   -7.190  1.00 25.78 ? 1   MET A CB   1 
ATOM   6    C CG   . MET A 1 1   ? -13.905 5.417   -5.755  1.00 31.20 ? 1   MET A CG   1 
ATOM   7    S SD   . MET A 1 1   ? -14.558 6.937   -5.013  1.00 37.65 ? 1   MET A SD   1 
ATOM   8    C CE   . MET A 1 1   ? -13.740 7.048   -3.464  1.00 37.57 ? 1   MET A CE   1 
ATOM   9    H H1   . MET A 1 1   ? -11.022 7.137   -8.860  1.00 0.00  ? 1   MET A H1   1 
ATOM   10   H H2   . MET A 1 1   ? -12.503 6.660   -9.455  1.00 0.00  ? 1   MET A H2   1 
ATOM   11   H H3   . MET A 1 1   ? -12.455 7.898   -8.409  1.00 0.00  ? 1   MET A H3   1 
ATOM   12   N N    . VAL A 1 2   ? -11.080 3.897   -6.782  1.00 15.52 ? 2   VAL A N    1 
ATOM   13   C CA   . VAL A 1 2   ? -10.601 2.538   -7.013  1.00 12.27 ? 2   VAL A CA   1 
ATOM   14   C C    . VAL A 1 2   ? -11.196 1.543   -6.015  1.00 11.38 ? 2   VAL A C    1 
ATOM   15   O O    . VAL A 1 2   ? -11.242 1.812   -4.811  1.00 13.44 ? 2   VAL A O    1 
ATOM   16   C CB   . VAL A 1 2   ? -9.051  2.474   -6.937  1.00 11.85 ? 2   VAL A CB   1 
ATOM   17   C CG1  . VAL A 1 2   ? -8.530  1.069   -7.133  1.00 12.02 ? 2   VAL A CG1  1 
ATOM   18   C CG2  . VAL A 1 2   ? -8.435  3.264   -8.072  1.00 12.77 ? 2   VAL A CG2  1 
ATOM   19   H H    . VAL A 1 2   ? -10.982 4.264   -5.881  1.00 0.00  ? 2   VAL A H    1 
ATOM   20   N N    . THR A 1 3   ? -11.692 0.403   -6.464  1.00 9.81  ? 3   THR A N    1 
ATOM   21   C CA   . THR A 1 3   ? -12.128 -0.622  -5.535  1.00 8.39  ? 3   THR A CA   1 
ATOM   22   C C    . THR A 1 3   ? -11.263 -1.863  -5.619  1.00 7.23  ? 3   THR A C    1 
ATOM   23   O O    . THR A 1 3   ? -11.070 -2.460  -6.682  1.00 9.17  ? 3   THR A O    1 
ATOM   24   C CB   . THR A 1 3   ? -13.591 -1.076  -5.767  1.00 7.86  ? 3   THR A CB   1 
ATOM   25   O OG1  . THR A 1 3   ? -14.413 0.055   -5.595  1.00 7.04  ? 3   THR A OG1  1 
ATOM   26   C CG2  . THR A 1 3   ? -14.073 -2.126  -4.755  1.00 7.72  ? 3   THR A CG2  1 
ATOM   27   H H    . THR A 1 3   ? -11.833 0.323   -7.428  1.00 0.00  ? 3   THR A H    1 
ATOM   28   H HG1  . THR A 1 3   ? -14.071 0.588   -4.875  1.00 0.00  ? 3   THR A HG1  1 
ATOM   29   N N    . PHE A 1 4   ? -10.717 -2.243  -4.465  1.00 7.73  ? 4   PHE A N    1 
ATOM   30   C CA   . PHE A 1 4   ? -10.027 -3.517  -4.274  1.00 10.22 ? 4   PHE A CA   1 
ATOM   31   C C    . PHE A 1 4   ? -11.016 -4.626  -3.917  1.00 10.12 ? 4   PHE A C    1 
ATOM   32   O O    . PHE A 1 4   ? -11.635 -4.623  -2.854  1.00 9.62  ? 4   PHE A O    1 
ATOM   33   C CB   . PHE A 1 4   ? -9.028  -3.499  -3.137  1.00 10.98 ? 4   PHE A CB   1 
ATOM   34   C CG   . PHE A 1 4   ? -7.778  -2.669  -3.354  1.00 15.87 ? 4   PHE A CG   1 
ATOM   35   C CD1  . PHE A 1 4   ? -7.276  -2.456  -4.632  1.00 15.88 ? 4   PHE A CD1  1 
ATOM   36   C CD2  . PHE A 1 4   ? -7.136  -2.136  -2.248  1.00 16.28 ? 4   PHE A CD2  1 
ATOM   37   C CE1  . PHE A 1 4   ? -6.132  -1.709  -4.817  1.00 16.76 ? 4   PHE A CE1  1 
ATOM   38   C CE2  . PHE A 1 4   ? -5.991  -1.392  -2.440  1.00 18.85 ? 4   PHE A CE2  1 
ATOM   39   C CZ   . PHE A 1 4   ? -5.497  -1.181  -3.717  1.00 17.95 ? 4   PHE A CZ   1 
ATOM   40   H H    . PHE A 1 4   ? -10.775 -1.605  -3.728  1.00 0.00  ? 4   PHE A H    1 
ATOM   41   N N    . HIS A 1 5   ? -11.264 -5.572  -4.820  1.00 8.68  ? 5   HIS A N    1 
ATOM   42   C CA   . HIS A 1 5   ? -12.172 -6.687  -4.547  1.00 10.00 ? 5   HIS A CA   1 
ATOM   43   C C    . HIS A 1 5   ? -11.363 -7.842  -3.947  1.00 9.13  ? 5   HIS A C    1 
ATOM   44   O O    . HIS A 1 5   ? -10.717 -8.626  -4.647  1.00 11.59 ? 5   HIS A O    1 
ATOM   45   C CB   . HIS A 1 5   ? -12.854 -7.134  -5.850  1.00 7.30  ? 5   HIS A CB   1 
ATOM   46   C CG   . HIS A 1 5   ? -13.671 -6.014  -6.497  1.00 7.90  ? 5   HIS A CG   1 
ATOM   47   N ND1  . HIS A 1 5   ? -14.863 -5.540  -6.126  1.00 7.40  ? 5   HIS A ND1  1 
ATOM   48   C CD2  . HIS A 1 5   ? -13.268 -5.281  -7.587  1.00 6.31  ? 5   HIS A CD2  1 
ATOM   49   C CE1  . HIS A 1 5   ? -15.212 -4.568  -6.915  1.00 5.53  ? 5   HIS A CE1  1 
ATOM   50   N NE2  . HIS A 1 5   ? -14.241 -4.435  -7.778  1.00 8.45  ? 5   HIS A NE2  1 
ATOM   51   H H    . HIS A 1 5   ? -10.740 -5.535  -5.648  1.00 0.00  ? 5   HIS A H    1 
ATOM   52   H HD1  . HIS A 1 5   ? -15.423 -5.922  -5.422  1.00 0.00  ? 5   HIS A HD1  1 
ATOM   53   H HE2  . HIS A 1 5   ? -14.275 -3.817  -8.528  1.00 0.00  ? 5   HIS A HE2  1 
ATOM   54   N N    . THR A 1 6   ? -11.312 -7.952  -2.627  1.00 9.10  ? 6   THR A N    1 
ATOM   55   C CA   . THR A 1 6   ? -10.484 -8.974  -2.016  1.00 9.58  ? 6   THR A CA   1 
ATOM   56   C C    . THR A 1 6   ? -11.287 -10.191 -1.568  1.00 9.63  ? 6   THR A C    1 
ATOM   57   O O    . THR A 1 6   ? -12.518 -10.159 -1.482  1.00 8.94  ? 6   THR A O    1 
ATOM   58   C CB   . THR A 1 6   ? -9.667  -8.406  -0.771  1.00 9.39  ? 6   THR A CB   1 
ATOM   59   O OG1  . THR A 1 6   ? -10.478 -8.490  0.384   1.00 9.62  ? 6   THR A OG1  1 
ATOM   60   C CG2  . THR A 1 6   ? -9.237  -6.955  -0.962  1.00 8.92  ? 6   THR A CG2  1 
ATOM   61   H H    . THR A 1 6   ? -11.860 -7.361  -2.067  1.00 0.00  ? 6   THR A H    1 
ATOM   62   H HG1  . THR A 1 6   ? -11.072 -7.706  0.369   1.00 0.00  ? 6   THR A HG1  1 
ATOM   63   N N    . ASN A 1 7   ? -10.636 -11.313 -1.248  1.00 11.09 ? 7   ASN A N    1 
ATOM   64   C CA   . ASN A 1 7   ? -11.331 -12.493 -0.728  1.00 11.05 ? 7   ASN A CA   1 
ATOM   65   C C    . ASN A 1 7   ? -11.826 -12.353 0.721   1.00 9.22  ? 7   ASN A C    1 
ATOM   66   O O    . ASN A 1 7   ? -12.275 -13.294 1.356   1.00 9.63  ? 7   ASN A O    1 
ATOM   67   C CB   . ASN A 1 7   ? -10.401 -13.703 -0.877  1.00 10.97 ? 7   ASN A CB   1 
ATOM   68   C CG   . ASN A 1 7   ? -9.114  -13.691 -0.067  1.00 10.77 ? 7   ASN A CG   1 
ATOM   69   O OD1  . ASN A 1 7   ? -8.688  -12.719 0.566   1.00 11.07 ? 7   ASN A OD1  1 
ATOM   70   N ND2  . ASN A 1 7   ? -8.397  -14.783 -0.059  1.00 12.41 ? 7   ASN A ND2  1 
ATOM   71   H H    . ASN A 1 7   ? -9.677  -11.344 -1.447  1.00 0.00  ? 7   ASN A H    1 
ATOM   72   H HD21 . ASN A 1 7   ? -7.602  -14.819 0.512   1.00 0.00  ? 7   ASN A HD21 1 
ATOM   73   H HD22 . ASN A 1 7   ? -8.687  -15.517 -0.631  1.00 0.00  ? 7   ASN A HD22 1 
ATOM   74   N N    . HIS A 1 8   ? -11.668 -11.177 1.327   1.00 9.48  ? 8   HIS A N    1 
ATOM   75   C CA   . HIS A 1 8   ? -12.283 -10.837 2.610   1.00 9.54  ? 8   HIS A CA   1 
ATOM   76   C C    . HIS A 1 8   ? -13.264 -9.655  2.462   1.00 7.78  ? 8   HIS A C    1 
ATOM   77   O O    . HIS A 1 8   ? -13.779 -9.107  3.425   1.00 7.62  ? 8   HIS A O    1 
ATOM   78   C CB   . HIS A 1 8   ? -11.245 -10.430 3.639   1.00 12.51 ? 8   HIS A CB   1 
ATOM   79   C CG   . HIS A 1 8   ? -10.313 -11.559 4.004   1.00 14.40 ? 8   HIS A CG   1 
ATOM   80   N ND1  . HIS A 1 8   ? -9.426  -12.200 3.241   1.00 16.20 ? 8   HIS A ND1  1 
ATOM   81   C CD2  . HIS A 1 8   ? -10.290 -12.123 5.251   1.00 16.65 ? 8   HIS A CD2  1 
ATOM   82   C CE1  . HIS A 1 8   ? -8.871  -13.131 3.964   1.00 16.45 ? 8   HIS A CE1  1 
ATOM   83   N NE2  . HIS A 1 8   ? -9.396  -13.070 5.160   1.00 17.44 ? 8   HIS A NE2  1 
ATOM   84   H H    . HIS A 1 8   ? -11.156 -10.488 0.853   1.00 0.00  ? 8   HIS A H    1 
ATOM   85   H HD1  . HIS A 1 8   ? -9.263  -12.096 2.276   1.00 0.00  ? 8   HIS A HD1  1 
ATOM   86   H HE2  . HIS A 1 8   ? -9.162  -13.679 5.893   1.00 0.00  ? 8   HIS A HE2  1 
ATOM   87   N N    . GLY A 1 9   ? -13.557 -9.229  1.239   1.00 8.32  ? 9   GLY A N    1 
ATOM   88   C CA   . GLY A 1 9   ? -14.435 -8.101  0.989   1.00 8.81  ? 9   GLY A CA   1 
ATOM   89   C C    . GLY A 1 9   ? -13.804 -6.991  0.139   1.00 9.34  ? 9   GLY A C    1 
ATOM   90   O O    . GLY A 1 9   ? -12.620 -6.925  -0.213  1.00 8.11  ? 9   GLY A O    1 
ATOM   91   H H    . GLY A 1 9   ? -13.155 -9.686  0.472   1.00 0.00  ? 9   GLY A H    1 
ATOM   92   N N    . ASP A 1 10  ? -14.677 -6.069  -0.196  1.00 11.47 ? 10  ASP A N    1 
ATOM   93   C CA   . ASP A 1 10  ? -14.376 -4.878  -0.976  1.00 10.67 ? 10  ASP A CA   1 
ATOM   94   C C    . ASP A 1 10  ? -13.922 -3.662  -0.185  1.00 8.64  ? 10  ASP A C    1 
ATOM   95   O O    . ASP A 1 10  ? -14.531 -3.282  0.817   1.00 8.90  ? 10  ASP A O    1 
ATOM   96   C CB   . ASP A 1 10  ? -15.597 -4.486  -1.775  1.00 11.58 ? 10  ASP A CB   1 
ATOM   97   C CG   . ASP A 1 10  ? -15.923 -5.363  -2.967  1.00 12.69 ? 10  ASP A CG   1 
ATOM   98   O OD1  . ASP A 1 10  ? -15.258 -6.367  -3.226  1.00 13.41 ? 10  ASP A OD1  1 
ATOM   99   O OD2  . ASP A 1 10  ? -16.860 -5.013  -3.664  1.00 15.94 ? 10  ASP A OD2  1 
ATOM   100  H H    . ASP A 1 10  ? -15.578 -6.199  0.135   1.00 0.00  ? 10  ASP A H    1 
ATOM   101  N N    . ILE A 1 11  ? -12.812 -3.098  -0.646  1.00 7.32  ? 11  ILE A N    1 
ATOM   102  C CA   . ILE A 1 11  ? -12.246 -1.859  -0.101  1.00 8.56  ? 11  ILE A CA   1 
ATOM   103  C C    . ILE A 1 11  ? -12.324 -0.744  -1.154  1.00 8.00  ? 11  ILE A C    1 
ATOM   104  O O    . ILE A 1 11  ? -11.772 -0.863  -2.250  1.00 8.74  ? 11  ILE A O    1 
ATOM   105  C CB   . ILE A 1 11  ? -10.763 -2.057  0.305   1.00 8.29  ? 11  ILE A CB   1 
ATOM   106  C CG1  . ILE A 1 11  ? -10.622 -3.228  1.264   1.00 7.86  ? 11  ILE A CG1  1 
ATOM   107  C CG2  . ILE A 1 11  ? -10.258 -0.765  0.965   1.00 6.56  ? 11  ILE A CG2  1 
ATOM   108  C CD1  . ILE A 1 11  ? -9.156  -3.682  1.417   1.00 11.51 ? 11  ILE A CD1  1 
ATOM   109  H H    . ILE A 1 11  ? -12.335 -3.577  -1.355  1.00 0.00  ? 11  ILE A H    1 
ATOM   110  N N    . VAL A 1 12  ? -13.024 0.349   -0.863  1.00 7.46  ? 12  VAL A N    1 
ATOM   111  C CA   . VAL A 1 12  ? -13.138 1.477   -1.783  1.00 7.83  ? 12  VAL A CA   1 
ATOM   112  C C    . VAL A 1 12  ? -12.206 2.644   -1.372  1.00 9.10  ? 12  VAL A C    1 
ATOM   113  O O    . VAL A 1 12  ? -12.201 3.163   -0.247  1.00 8.43  ? 12  VAL A O    1 
ATOM   114  C CB   . VAL A 1 12  ? -14.636 1.902   -1.838  1.00 7.68  ? 12  VAL A CB   1 
ATOM   115  C CG1  . VAL A 1 12  ? -14.857 2.863   -2.995  1.00 8.10  ? 12  VAL A CG1  1 
ATOM   116  C CG2  . VAL A 1 12  ? -15.527 0.691   -2.075  1.00 8.32  ? 12  VAL A CG2  1 
ATOM   117  H H    . VAL A 1 12  ? -13.465 0.378   0.012   1.00 0.00  ? 12  VAL A H    1 
ATOM   118  N N    . ILE A 1 13  ? -11.398 3.060   -2.335  1.00 7.51  ? 13  ILE A N    1 
ATOM   119  C CA   . ILE A 1 13  ? -10.335 4.046   -2.180  1.00 9.91  ? 13  ILE A CA   1 
ATOM   120  C C    . ILE A 1 13  ? -10.482 5.286   -3.064  1.00 9.90  ? 13  ILE A C    1 
ATOM   121  O O    . ILE A 1 13  ? -10.812 5.235   -4.255  1.00 8.35  ? 13  ILE A O    1 
ATOM   122  C CB   . ILE A 1 13  ? -8.970  3.339   -2.474  1.00 11.57 ? 13  ILE A CB   1 
ATOM   123  C CG1  . ILE A 1 13  ? -8.669  2.432   -1.310  1.00 11.77 ? 13  ILE A CG1  1 
ATOM   124  C CG2  . ILE A 1 13  ? -7.797  4.270   -2.595  1.00 12.08 ? 13  ILE A CG2  1 
ATOM   125  C CD1  . ILE A 1 13  ? -8.512  1.042   -1.907  1.00 17.89 ? 13  ILE A CD1  1 
ATOM   126  H H    . ILE A 1 13  ? -11.517 2.637   -3.205  1.00 0.00  ? 13  ILE A H    1 
ATOM   127  N N    . LYS A 1 14  ? -10.207 6.423   -2.453  1.00 12.41 ? 14  LYS A N    1 
ATOM   128  C CA   . LYS A 1 14  ? -10.194 7.699   -3.130  1.00 14.30 ? 14  LYS A CA   1 
ATOM   129  C C    . LYS A 1 14  ? -8.752  8.147   -3.311  1.00 13.49 ? 14  LYS A C    1 
ATOM   130  O O    . LYS A 1 14  ? -7.961  8.139   -2.366  1.00 12.75 ? 14  LYS A O    1 
ATOM   131  C CB   . LYS A 1 14  ? -10.970 8.673   -2.276  1.00 19.78 ? 14  LYS A CB   1 
ATOM   132  C CG   . LYS A 1 14  ? -11.056 10.121  -2.703  1.00 26.05 ? 14  LYS A CG   1 
ATOM   133  C CD   . LYS A 1 14  ? -10.410 10.985  -1.623  1.00 30.54 ? 14  LYS A CD   1 
ATOM   134  C CE   . LYS A 1 14  ? -11.148 10.879  -0.291  1.00 33.79 ? 14  LYS A CE   1 
ATOM   135  N NZ   . LYS A 1 14  ? -10.435 11.581  0.760   1.00 35.73 ? 14  LYS A NZ   1 
ATOM   136  H H    . LYS A 1 14  ? -9.992  6.383   -1.502  1.00 0.00  ? 14  LYS A H    1 
ATOM   137  H HZ1  . LYS A 1 14  ? -10.286 12.576  0.497   1.00 0.00  ? 14  LYS A HZ1  1 
ATOM   138  H HZ2  . LYS A 1 14  ? -10.983 11.531  1.643   1.00 0.00  ? 14  LYS A HZ2  1 
ATOM   139  H HZ3  . LYS A 1 14  ? -9.511  11.126  0.909   1.00 0.00  ? 14  LYS A HZ3  1 
ATOM   140  N N    . THR A 1 15  ? -8.358  8.525   -4.513  1.00 11.33 ? 15  THR A N    1 
ATOM   141  C CA   . THR A 1 15  ? -6.999  9.032   -4.728  1.00 11.76 ? 15  THR A CA   1 
ATOM   142  C C    . THR A 1 15  ? -6.828  10.538  -4.609  1.00 12.95 ? 15  THR A C    1 
ATOM   143  O O    . THR A 1 15  ? -7.725  11.316  -4.946  1.00 12.36 ? 15  THR A O    1 
ATOM   144  C CB   . THR A 1 15  ? -6.483  8.617   -6.112  1.00 12.53 ? 15  THR A CB   1 
ATOM   145  O OG1  . THR A 1 15  ? -7.503  8.902   -7.064  1.00 14.04 ? 15  THR A OG1  1 
ATOM   146  C CG2  . THR A 1 15  ? -6.150  7.131   -6.163  1.00 14.76 ? 15  THR A CG2  1 
ATOM   147  H H    . THR A 1 15  ? -8.995  8.489   -5.245  1.00 0.00  ? 15  THR A H    1 
ATOM   148  H HG1  . THR A 1 15  ? -7.761  8.054   -7.446  1.00 0.00  ? 15  THR A HG1  1 
ATOM   149  N N    . PHE A 1 16  ? -5.681  11.022  -4.144  1.00 11.16 ? 16  PHE A N    1 
ATOM   150  C CA   . PHE A 1 16  ? -5.400  12.453  -4.084  1.00 12.44 ? 16  PHE A CA   1 
ATOM   151  C C    . PHE A 1 16  ? -4.541  12.917  -5.255  1.00 13.11 ? 16  PHE A C    1 
ATOM   152  O O    . PHE A 1 16  ? -3.397  13.348  -5.133  1.00 11.99 ? 16  PHE A O    1 
ATOM   153  C CB   . PHE A 1 16  ? -4.685  12.802  -2.793  1.00 13.11 ? 16  PHE A CB   1 
ATOM   154  C CG   . PHE A 1 16  ? -5.459  12.456  -1.543  1.00 12.58 ? 16  PHE A CG   1 
ATOM   155  C CD1  . PHE A 1 16  ? -6.742  12.917  -1.382  1.00 14.38 ? 16  PHE A CD1  1 
ATOM   156  C CD2  . PHE A 1 16  ? -4.865  11.688  -0.568  1.00 14.21 ? 16  PHE A CD2  1 
ATOM   157  C CE1  . PHE A 1 16  ? -7.420  12.595  -0.229  1.00 16.76 ? 16  PHE A CE1  1 
ATOM   158  C CE2  . PHE A 1 16  ? -5.546  11.370  0.579   1.00 12.59 ? 16  PHE A CE2  1 
ATOM   159  C CZ   . PHE A 1 16  ? -6.827  11.823  0.751   1.00 15.25 ? 16  PHE A CZ   1 
ATOM   160  H H    . PHE A 1 16  ? -5.040  10.379  -3.797  1.00 0.00  ? 16  PHE A H    1 
ATOM   161  N N    . ASP A 1 17  ? -5.176  12.902  -6.424  1.00 15.01 ? 17  ASP A N    1 
ATOM   162  C CA   . ASP A 1 17  ? -4.544  13.207  -7.713  1.00 18.26 ? 17  ASP A CA   1 
ATOM   163  C C    . ASP A 1 17  ? -3.754  14.511  -7.771  1.00 18.20 ? 17  ASP A C    1 
ATOM   164  O O    . ASP A 1 17  ? -2.689  14.623  -8.347  1.00 19.48 ? 17  ASP A O    1 
ATOM   165  C CB   . ASP A 1 17  ? -5.610  13.256  -8.807  1.00 21.06 ? 17  ASP A CB   1 
ATOM   166  C CG   . ASP A 1 17  ? -6.430  11.984  -8.950  1.00 23.61 ? 17  ASP A CG   1 
ATOM   167  O OD1  . ASP A 1 17  ? -7.080  11.583  -7.987  1.00 23.96 ? 17  ASP A OD1  1 
ATOM   168  O OD2  . ASP A 1 17  ? -6.439  11.405  -10.039 1.00 25.11 ? 17  ASP A OD2  1 
ATOM   169  H H    . ASP A 1 17  ? -6.117  12.625  -6.394  1.00 0.00  ? 17  ASP A H    1 
ATOM   170  N N    . ASP A 1 18  ? -4.352  15.518  -7.160  1.00 20.85 ? 18  ASP A N    1 
ATOM   171  C CA   . ASP A 1 18  ? -3.827  16.873  -6.971  1.00 23.84 ? 18  ASP A CA   1 
ATOM   172  C C    . ASP A 1 18  ? -2.594  17.045  -6.055  1.00 22.30 ? 18  ASP A C    1 
ATOM   173  O O    . ASP A 1 18  ? -1.674  17.826  -6.293  1.00 22.50 ? 18  ASP A O    1 
ATOM   174  C CB   . ASP A 1 18  ? -5.001  17.709  -6.450  1.00 31.11 ? 18  ASP A CB   1 
ATOM   175  C CG   . ASP A 1 18  ? -5.682  17.195  -5.154  1.00 36.94 ? 18  ASP A CG   1 
ATOM   176  O OD1  . ASP A 1 18  ? -6.116  16.033  -5.073  1.00 38.74 ? 18  ASP A OD1  1 
ATOM   177  O OD2  . ASP A 1 18  ? -5.791  17.974  -4.205  1.00 40.47 ? 18  ASP A OD2  1 
ATOM   178  H H    . ASP A 1 18  ? -5.270  15.325  -6.897  1.00 0.00  ? 18  ASP A H    1 
ATOM   179  N N    . LYS A 1 19  ? -2.585  16.278  -4.970  1.00 18.37 ? 19  LYS A N    1 
ATOM   180  C CA   . LYS A 1 19  ? -1.534  16.331  -3.968  1.00 17.70 ? 19  LYS A CA   1 
ATOM   181  C C    . LYS A 1 19  ? -0.356  15.409  -4.241  1.00 14.70 ? 19  LYS A C    1 
ATOM   182  O O    . LYS A 1 19  ? 0.775   15.689  -3.863  1.00 12.31 ? 19  LYS A O    1 
ATOM   183  C CB   . LYS A 1 19  ? -2.178  16.010  -2.643  1.00 20.03 ? 19  LYS A CB   1 
ATOM   184  C CG   . LYS A 1 19  ? -2.440  17.327  -1.982  1.00 24.39 ? 19  LYS A CG   1 
ATOM   185  C CD   . LYS A 1 19  ? -3.598  17.313  -1.024  1.00 27.04 ? 19  LYS A CD   1 
ATOM   186  C CE   . LYS A 1 19  ? -3.592  18.647  -0.292  1.00 27.82 ? 19  LYS A CE   1 
ATOM   187  N NZ   . LYS A 1 19  ? -3.666  19.766  -1.206  1.00 29.39 ? 19  LYS A NZ   1 
ATOM   188  H H    . LYS A 1 19  ? -3.295  15.613  -4.887  1.00 0.00  ? 19  LYS A H    1 
ATOM   189  H HZ1  . LYS A 1 19  ? -4.528  19.694  -1.783  1.00 0.00  ? 19  LYS A HZ1  1 
ATOM   190  H HZ2  . LYS A 1 19  ? -3.681  20.653  -0.663  1.00 0.00  ? 19  LYS A HZ2  1 
ATOM   191  H HZ3  . LYS A 1 19  ? -2.834  19.765  -1.829  1.00 0.00  ? 19  LYS A HZ3  1 
ATOM   192  N N    . ALA A 1 20  ? -0.602  14.265  -4.869  1.00 12.16 ? 20  ALA A N    1 
ATOM   193  C CA   . ALA A 1 20  ? 0.472   13.362  -5.247  1.00 12.03 ? 20  ALA A CA   1 
ATOM   194  C C    . ALA A 1 20  ? 0.391   12.945  -6.724  1.00 12.05 ? 20  ALA A C    1 
ATOM   195  O O    . ALA A 1 20  ? 0.156   11.778  -7.027  1.00 11.45 ? 20  ALA A O    1 
ATOM   196  C CB   . ALA A 1 20  ? 0.420   12.113  -4.355  1.00 9.99  ? 20  ALA A CB   1 
ATOM   197  H H    . ALA A 1 20  ? -1.536  14.022  -5.029  1.00 0.00  ? 20  ALA A H    1 
ATOM   198  N N    . PRO A 1 21  ? 0.642   13.813  -7.720  1.00 13.20 ? 21  PRO A N    1 
ATOM   199  C CA   . PRO A 1 21  ? 0.375   13.563  -9.145  1.00 14.45 ? 21  PRO A CA   1 
ATOM   200  C C    . PRO A 1 21  ? 1.075   12.368  -9.789  1.00 13.17 ? 21  PRO A C    1 
ATOM   201  O O    . PRO A 1 21  ? 0.446   11.478  -10.373 1.00 11.29 ? 21  PRO A O    1 
ATOM   202  C CB   . PRO A 1 21  ? 0.760   14.861  -9.826  1.00 17.35 ? 21  PRO A CB   1 
ATOM   203  C CG   . PRO A 1 21  ? 0.655   15.908  -8.748  1.00 16.86 ? 21  PRO A CG   1 
ATOM   204  C CD   . PRO A 1 21  ? 1.159   15.165  -7.530  1.00 15.65 ? 21  PRO A CD   1 
ATOM   205  N N    . GLU A 1 22  ? 2.399   12.292  -9.674  1.00 12.50 ? 22  GLU A N    1 
ATOM   206  C CA   . GLU A 1 22  ? 3.134   11.147  -10.196 1.00 15.12 ? 22  GLU A CA   1 
ATOM   207  C C    . GLU A 1 22  ? 2.842   9.825   -9.515  1.00 11.82 ? 22  GLU A C    1 
ATOM   208  O O    . GLU A 1 22  ? 2.702   8.792   -10.154 1.00 12.49 ? 22  GLU A O    1 
ATOM   209  C CB   . GLU A 1 22  ? 4.639   11.368  -10.125 1.00 20.02 ? 22  GLU A CB   1 
ATOM   210  C CG   . GLU A 1 22  ? 5.133   12.479  -11.048 1.00 29.54 ? 22  GLU A CG   1 
ATOM   211  C CD   . GLU A 1 22  ? 4.515   12.492  -12.452 1.00 34.45 ? 22  GLU A CD   1 
ATOM   212  O OE1  . GLU A 1 22  ? 4.645   11.519  -13.215 1.00 37.10 ? 22  GLU A OE1  1 
ATOM   213  O OE2  . GLU A 1 22  ? 3.881   13.502  -12.765 1.00 38.80 ? 22  GLU A OE2  1 
ATOM   214  H H    . GLU A 1 22  ? 2.870   13.047  -9.277  1.00 0.00  ? 22  GLU A H    1 
ATOM   215  N N    . THR A 1 23  ? 2.660   9.867   -8.202  1.00 9.95  ? 23  THR A N    1 
ATOM   216  C CA   . THR A 1 23  ? 2.345   8.682   -7.416  1.00 8.49  ? 23  THR A CA   1 
ATOM   217  C C    . THR A 1 23  ? 0.985   8.112   -7.765  1.00 8.46  ? 23  THR A C    1 
ATOM   218  O O    . THR A 1 23  ? 0.819   6.903   -7.922  1.00 9.38  ? 23  THR A O    1 
ATOM   219  C CB   . THR A 1 23  ? 2.339   8.977   -5.913  1.00 8.31  ? 23  THR A CB   1 
ATOM   220  O OG1  . THR A 1 23  ? 3.530   9.678   -5.615  1.00 10.14 ? 23  THR A OG1  1 
ATOM   221  C CG2  . THR A 1 23  ? 2.325   7.708   -5.084  1.00 6.14  ? 23  THR A CG2  1 
ATOM   222  H H    . THR A 1 23  ? 2.804   10.710  -7.749  1.00 0.00  ? 23  THR A H    1 
ATOM   223  H HG1  . THR A 1 23  ? 3.554   9.909   -4.676  1.00 0.00  ? 23  THR A HG1  1 
ATOM   224  N N    . VAL A 1 24  ? -0.019  8.977   -7.897  1.00 8.52  ? 24  VAL A N    1 
ATOM   225  C CA   . VAL A 1 24  ? -1.351  8.550   -8.277  1.00 9.73  ? 24  VAL A CA   1 
ATOM   226  C C    . VAL A 1 24  ? -1.358  8.056   -9.715  1.00 10.28 ? 24  VAL A C    1 
ATOM   227  O O    . VAL A 1 24  ? -1.924  6.992   -9.982  1.00 10.64 ? 24  VAL A O    1 
ATOM   228  C CB   . VAL A 1 24  ? -2.303  9.729   -8.059  1.00 9.08  ? 24  VAL A CB   1 
ATOM   229  C CG1  . VAL A 1 24  ? -3.661  9.424   -8.656  1.00 12.66 ? 24  VAL A CG1  1 
ATOM   230  C CG2  . VAL A 1 24  ? -2.516  9.941   -6.569  1.00 5.90  ? 24  VAL A CG2  1 
ATOM   231  H H    . VAL A 1 24  ? 0.150   9.924   -7.699  1.00 0.00  ? 24  VAL A H    1 
ATOM   232  N N    . LYS A 1 25  ? -0.686  8.751   -10.638 1.00 10.61 ? 25  LYS A N    1 
ATOM   233  C CA   . LYS A 1 25  ? -0.558  8.272   -12.012 1.00 12.76 ? 25  LYS A CA   1 
ATOM   234  C C    . LYS A 1 25  ? 0.093   6.890   -12.074 1.00 10.51 ? 25  LYS A C    1 
ATOM   235  O O    . LYS A 1 25  ? -0.431  5.969   -12.683 1.00 11.22 ? 25  LYS A O    1 
ATOM   236  C CB   . LYS A 1 25  ? 0.254   9.288   -12.764 1.00 19.58 ? 25  LYS A CB   1 
ATOM   237  C CG   . LYS A 1 25  ? 0.324   9.148   -14.279 1.00 27.03 ? 25  LYS A CG   1 
ATOM   238  C CD   . LYS A 1 25  ? 1.251   10.257  -14.811 1.00 33.20 ? 25  LYS A CD   1 
ATOM   239  C CE   . LYS A 1 25  ? 0.791   11.694  -14.449 1.00 37.01 ? 25  LYS A CE   1 
ATOM   240  N NZ   . LYS A 1 25  ? 1.721   12.713  -14.917 1.00 38.25 ? 25  LYS A NZ   1 
ATOM   241  H H    . LYS A 1 25  ? -0.325  9.634   -10.395 1.00 0.00  ? 25  LYS A H    1 
ATOM   242  H HZ1  . LYS A 1 25  ? 2.659   12.548  -14.497 1.00 0.00  ? 25  LYS A HZ1  1 
ATOM   243  H HZ2  . LYS A 1 25  ? 1.787   12.677  -15.954 1.00 0.00  ? 25  LYS A HZ2  1 
ATOM   244  H HZ3  . LYS A 1 25  ? 1.379   13.653  -14.629 1.00 0.00  ? 25  LYS A HZ3  1 
ATOM   245  N N    . ASN A 1 26  ? 1.222   6.668   -11.414 1.00 10.60 ? 26  ASN A N    1 
ATOM   246  C CA   . ASN A 1 26  ? 1.839   5.352   -11.275 1.00 9.38  ? 26  ASN A CA   1 
ATOM   247  C C    . ASN A 1 26  ? 0.904   4.280   -10.693 1.00 8.84  ? 26  ASN A C    1 
ATOM   248  O O    . ASN A 1 26  ? 0.742   3.212   -11.267 1.00 10.50 ? 26  ASN A O    1 
ATOM   249  C CB   . ASN A 1 26  ? 3.067   5.547   -10.401 1.00 8.84  ? 26  ASN A CB   1 
ATOM   250  C CG   . ASN A 1 26  ? 3.906   4.316   -10.185 1.00 10.06 ? 26  ASN A CG   1 
ATOM   251  O OD1  . ASN A 1 26  ? 4.547   3.786   -11.087 1.00 10.20 ? 26  ASN A OD1  1 
ATOM   252  N ND2  . ASN A 1 26  ? 3.962   3.810   -8.969  1.00 9.78  ? 26  ASN A ND2  1 
ATOM   253  H H    . ASN A 1 26  ? 1.691   7.450   -11.059 1.00 0.00  ? 26  ASN A H    1 
ATOM   254  H HD21 . ASN A 1 26  ? 4.447   2.960   -8.929  1.00 0.00  ? 26  ASN A HD21 1 
ATOM   255  H HD22 . ASN A 1 26  ? 3.549   4.254   -8.213  1.00 0.00  ? 26  ASN A HD22 1 
ATOM   256  N N    . PHE A 1 27  ? 0.223   4.565   -9.574  1.00 9.92  ? 27  PHE A N    1 
ATOM   257  C CA   . PHE A 1 27  ? -0.719  3.643   -8.943  1.00 10.00 ? 27  PHE A CA   1 
ATOM   258  C C    . PHE A 1 27  ? -1.874  3.275   -9.857  1.00 9.73  ? 27  PHE A C    1 
ATOM   259  O O    . PHE A 1 27  ? -2.207  2.103   -10.027 1.00 9.96  ? 27  PHE A O    1 
ATOM   260  C CB   . PHE A 1 27  ? -1.280  4.270   -7.670  1.00 9.23  ? 27  PHE A CB   1 
ATOM   261  C CG   . PHE A 1 27  ? -2.340  3.441   -6.952  1.00 11.57 ? 27  PHE A CG   1 
ATOM   262  C CD1  . PHE A 1 27  ? -2.004  2.226   -6.372  1.00 11.75 ? 27  PHE A CD1  1 
ATOM   263  C CD2  . PHE A 1 27  ? -3.643  3.913   -6.844  1.00 12.20 ? 27  PHE A CD2  1 
ATOM   264  C CE1  . PHE A 1 27  ? -2.961  1.496   -5.690  1.00 10.52 ? 27  PHE A CE1  1 
ATOM   265  C CE2  . PHE A 1 27  ? -4.590  3.171   -6.157  1.00 10.54 ? 27  PHE A CE2  1 
ATOM   266  C CZ   . PHE A 1 27  ? -4.251  1.966   -5.580  1.00 10.51 ? 27  PHE A CZ   1 
ATOM   267  H H    . PHE A 1 27  ? 0.369   5.453   -9.185  1.00 0.00  ? 27  PHE A H    1 
ATOM   268  N N    . LEU A 1 28  ? -2.482  4.269   -10.489 1.00 10.97 ? 28  LEU A N    1 
ATOM   269  C CA   . LEU A 1 28  ? -3.581  3.981   -11.382 1.00 11.58 ? 28  LEU A CA   1 
ATOM   270  C C    . LEU A 1 28  ? -3.134  3.227   -12.611 1.00 12.84 ? 28  LEU A C    1 
ATOM   271  O O    . LEU A 1 28  ? -3.877  2.347   -13.046 1.00 13.21 ? 28  LEU A O    1 
ATOM   272  C CB   . LEU A 1 28  ? -4.276  5.251   -11.794 1.00 10.12 ? 28  LEU A CB   1 
ATOM   273  C CG   . LEU A 1 28  ? -5.085  5.875   -10.681 1.00 11.93 ? 28  LEU A CG   1 
ATOM   274  C CD1  . LEU A 1 28  ? -5.749  7.114   -11.232 1.00 12.88 ? 28  LEU A CD1  1 
ATOM   275  C CD2  . LEU A 1 28  ? -6.115  4.894   -10.136 1.00 12.04 ? 28  LEU A CD2  1 
ATOM   276  H H    . LEU A 1 28  ? -2.178  5.185   -10.343 1.00 0.00  ? 28  LEU A H    1 
ATOM   277  N N    . ASP A 1 29  ? -1.930  3.450   -13.161 1.00 14.48 ? 29  ASP A N    1 
ATOM   278  C CA   . ASP A 1 29  ? -1.470  2.645   -14.293 1.00 15.40 ? 29  ASP A CA   1 
ATOM   279  C C    . ASP A 1 29  ? -1.321  1.176   -13.987 1.00 12.01 ? 29  ASP A C    1 
ATOM   280  O O    . ASP A 1 29  ? -1.734  0.337   -14.777 1.00 11.96 ? 29  ASP A O    1 
ATOM   281  C CB   . ASP A 1 29  ? -0.139  3.125   -14.816 1.00 17.99 ? 29  ASP A CB   1 
ATOM   282  C CG   . ASP A 1 29  ? -0.224  4.379   -15.668 1.00 20.78 ? 29  ASP A CG   1 
ATOM   283  O OD1  . ASP A 1 29  ? -1.317  4.851   -16.001 1.00 24.52 ? 29  ASP A OD1  1 
ATOM   284  O OD2  . ASP A 1 29  ? 0.830   4.896   -16.013 1.00 22.73 ? 29  ASP A OD2  1 
ATOM   285  H H    . ASP A 1 29  ? -1.388  4.207   -12.845 1.00 0.00  ? 29  ASP A H    1 
ATOM   286  N N    . TYR A 1 30  ? -0.799  0.851   -12.804 1.00 9.93  ? 30  TYR A N    1 
ATOM   287  C CA   . TYR A 1 30  ? -0.751  -0.546  -12.383 1.00 10.66 ? 30  TYR A CA   1 
ATOM   288  C C    . TYR A 1 30  ? -2.156  -1.132  -12.219 1.00 9.53  ? 30  TYR A C    1 
ATOM   289  O O    . TYR A 1 30  ? -2.472  -2.233  -12.682 1.00 11.55 ? 30  TYR A O    1 
ATOM   290  C CB   . TYR A 1 30  ? 0.007   -0.686  -11.051 1.00 8.54  ? 30  TYR A CB   1 
ATOM   291  C CG   . TYR A 1 30  ? 1.529   -0.611  -11.165 1.00 11.23 ? 30  TYR A CG   1 
ATOM   292  C CD1  . TYR A 1 30  ? 2.230   -1.527  -11.930 1.00 11.19 ? 30  TYR A CD1  1 
ATOM   293  C CD2  . TYR A 1 30  ? 2.225   0.364   -10.466 1.00 10.17 ? 30  TYR A CD2  1 
ATOM   294  C CE1  . TYR A 1 30  ? 3.609   -1.474  -12.002 1.00 9.58  ? 30  TYR A CE1  1 
ATOM   295  C CE2  . TYR A 1 30  ? 3.602   0.420   -10.546 1.00 8.89  ? 30  TYR A CE2  1 
ATOM   296  C CZ   . TYR A 1 30  ? 4.288   -0.501  -11.304 1.00 8.48  ? 30  TYR A CZ   1 
ATOM   297  O OH   . TYR A 1 30  ? 5.668   -0.438  -11.351 1.00 8.31  ? 30  TYR A OH   1 
ATOM   298  H H    . TYR A 1 30  ? -0.402  1.563   -12.256 1.00 0.00  ? 30  TYR A H    1 
ATOM   299  H HH   . TYR A 1 30  ? 5.959   0.461   -11.117 1.00 0.00  ? 30  TYR A HH   1 
ATOM   300  N N    . CYS A 1 31  ? -3.049  -0.370  -11.594 1.00 11.02 ? 31  CYS A N    1 
ATOM   301  C CA   . CYS A 1 31  ? -4.435  -0.786  -11.436 1.00 11.90 ? 31  CYS A CA   1 
ATOM   302  C C    . CYS A 1 31  ? -5.107  -1.058  -12.773 1.00 16.07 ? 31  CYS A C    1 
ATOM   303  O O    . CYS A 1 31  ? -5.610  -2.163  -12.969 1.00 19.89 ? 31  CYS A O    1 
ATOM   304  C CB   . CYS A 1 31  ? -5.295  0.249   -10.744 1.00 9.94  ? 31  CYS A CB   1 
ATOM   305  S SG   . CYS A 1 31  ? -5.003  0.431   -8.986  1.00 11.13 ? 31  CYS A SG   1 
ATOM   306  H H    . CYS A 1 31  ? -2.746  0.481   -11.195 1.00 0.00  ? 31  CYS A H    1 
ATOM   307  N N    . ARG A 1 32  ? -5.053  -0.098  -13.710 1.00 17.34 ? 32  ARG A N    1 
ATOM   308  C CA   . ARG A 1 32  ? -5.658  -0.171  -15.035 1.00 20.21 ? 32  ARG A CA   1 
ATOM   309  C C    . ARG A 1 32  ? -5.061  -1.288  -15.879 1.00 20.84 ? 32  ARG A C    1 
ATOM   310  O O    . ARG A 1 32  ? -5.813  -1.876  -16.647 1.00 24.16 ? 32  ARG A O    1 
ATOM   311  C CB   . ARG A 1 32  ? -5.482  1.154   -15.776 1.00 24.04 ? 32  ARG A CB   1 
ATOM   312  C CG   . ARG A 1 32  ? -6.281  2.285   -15.157 1.00 30.44 ? 32  ARG A CG   1 
ATOM   313  C CD   . ARG A 1 32  ? -5.812  3.678   -15.619 1.00 37.44 ? 32  ARG A CD   1 
ATOM   314  N NE   . ARG A 1 32  ? -6.974  4.340   -16.168 1.00 44.67 ? 32  ARG A NE   1 
ATOM   315  C CZ   . ARG A 1 32  ? -7.778  5.210   -15.516 1.00 48.66 ? 32  ARG A CZ   1 
ATOM   316  N NH1  . ARG A 1 32  ? -7.468  5.817   -14.366 1.00 50.36 ? 32  ARG A NH1  1 
ATOM   317  N NH2  . ARG A 1 32  ? -8.900  5.572   -16.142 1.00 50.97 ? 32  ARG A NH2  1 
ATOM   318  H H    . ARG A 1 32  ? -4.522  0.687   -13.496 1.00 0.00  ? 32  ARG A H    1 
ATOM   319  H HE   . ARG A 1 32  ? -7.153  4.171   -17.121 1.00 0.00  ? 32  ARG A HE   1 
ATOM   320  H HH11 . ARG A 1 32  ? -6.558  5.691   -13.996 1.00 0.00  ? 32  ARG A HH11 1 
ATOM   321  H HH12 . ARG A 1 32  ? -8.104  6.471   -13.965 1.00 0.00  ? 32  ARG A HH12 1 
ATOM   322  H HH21 . ARG A 1 32  ? -9.113  5.175   -17.036 1.00 0.00  ? 32  ARG A HH21 1 
ATOM   323  H HH22 . ARG A 1 32  ? -9.557  6.190   -15.716 1.00 0.00  ? 32  ARG A HH22 1 
ATOM   324  N N    . GLU A 1 33  ? -3.784  -1.692  -15.768 1.00 19.54 ? 33  GLU A N    1 
ATOM   325  C CA   . GLU A 1 33  ? -3.293  -2.833  -16.554 1.00 20.91 ? 33  GLU A CA   1 
ATOM   326  C C    . GLU A 1 33  ? -3.446  -4.249  -15.952 1.00 21.90 ? 33  GLU A C    1 
ATOM   327  O O    . GLU A 1 33  ? -2.994  -5.269  -16.484 1.00 22.14 ? 33  GLU A O    1 
ATOM   328  C CB   . GLU A 1 33  ? -1.835  -2.591  -16.893 1.00 24.55 ? 33  GLU A CB   1 
ATOM   329  C CG   . GLU A 1 33  ? -0.901  -2.569  -15.713 1.00 28.35 ? 33  GLU A CG   1 
ATOM   330  C CD   . GLU A 1 33  ? 0.536   -2.223  -16.069 1.00 33.15 ? 33  GLU A CD   1 
ATOM   331  O OE1  . GLU A 1 33  ? 0.746   -1.361  -16.938 1.00 34.65 ? 33  GLU A OE1  1 
ATOM   332  O OE2  . GLU A 1 33  ? 1.441   -2.813  -15.460 1.00 33.87 ? 33  GLU A OE2  1 
ATOM   333  H H    . GLU A 1 33  ? -3.168  -1.152  -15.227 1.00 0.00  ? 33  GLU A H    1 
ATOM   334  N N    . GLY A 1 34  ? -4.108  -4.342  -14.794 1.00 17.38 ? 34  GLY A N    1 
ATOM   335  C CA   . GLY A 1 34  ? -4.316  -5.619  -14.136 1.00 13.95 ? 34  GLY A CA   1 
ATOM   336  C C    . GLY A 1 34  ? -3.145  -6.106  -13.299 1.00 9.91  ? 34  GLY A C    1 
ATOM   337  O O    . GLY A 1 34  ? -3.109  -7.265  -12.878 1.00 9.47  ? 34  GLY A O    1 
ATOM   338  H H    . GLY A 1 34  ? -4.514  -3.535  -14.418 1.00 0.00  ? 34  GLY A H    1 
ATOM   339  N N    . PHE A 1 35  ? -2.219  -5.203  -12.990 1.00 11.35 ? 35  PHE A N    1 
ATOM   340  C CA   . PHE A 1 35  ? -1.079  -5.559  -12.161 1.00 11.15 ? 35  PHE A CA   1 
ATOM   341  C C    . PHE A 1 35  ? -1.471  -6.043  -10.755 1.00 10.15 ? 35  PHE A C    1 
ATOM   342  O O    . PHE A 1 35  ? -0.914  -7.024  -10.274 1.00 9.66  ? 35  PHE A O    1 
ATOM   343  C CB   . PHE A 1 35  ? -0.100  -4.347  -12.045 1.00 10.77 ? 35  PHE A CB   1 
ATOM   344  C CG   . PHE A 1 35  ? 1.149   -4.672  -11.212 1.00 9.65  ? 35  PHE A CG   1 
ATOM   345  C CD1  . PHE A 1 35  ? 2.257   -5.238  -11.814 1.00 9.58  ? 35  PHE A CD1  1 
ATOM   346  C CD2  . PHE A 1 35  ? 1.153   -4.457  -9.836  1.00 10.51 ? 35  PHE A CD2  1 
ATOM   347  C CE1  . PHE A 1 35  ? 3.347   -5.591  -11.049 1.00 10.04 ? 35  PHE A CE1  1 
ATOM   348  C CE2  . PHE A 1 35  ? 2.250   -4.819  -9.085  1.00 8.63  ? 35  PHE A CE2  1 
ATOM   349  C CZ   . PHE A 1 35  ? 3.350   -5.386  -9.684  1.00 10.86 ? 35  PHE A CZ   1 
ATOM   350  H H    . PHE A 1 35  ? -2.318  -4.296  -13.345 1.00 0.00  ? 35  PHE A H    1 
ATOM   351  N N    . TYR A 1 36  ? -2.414  -5.408  -10.057 1.00 8.96  ? 36  TYR A N    1 
ATOM   352  C CA   . TYR A 1 36  ? -2.789  -5.855  -8.713  1.00 9.28  ? 36  TYR A CA   1 
ATOM   353  C C    . TYR A 1 36  ? -3.779  -7.024  -8.647  1.00 9.91  ? 36  TYR A C    1 
ATOM   354  O O    . TYR A 1 36  ? -4.104  -7.548  -7.577  1.00 9.50  ? 36  TYR A O    1 
ATOM   355  C CB   . TYR A 1 36  ? -3.361  -4.684  -7.922  1.00 8.62  ? 36  TYR A CB   1 
ATOM   356  C CG   . TYR A 1 36  ? -2.342  -3.587  -7.669  1.00 9.81  ? 36  TYR A CG   1 
ATOM   357  C CD1  . TYR A 1 36  ? -1.186  -3.837  -6.947  1.00 10.35 ? 36  TYR A CD1  1 
ATOM   358  C CD2  . TYR A 1 36  ? -2.576  -2.330  -8.186  1.00 11.37 ? 36  TYR A CD2  1 
ATOM   359  C CE1  . TYR A 1 36  ? -0.268  -2.825  -6.737  1.00 9.42  ? 36  TYR A CE1  1 
ATOM   360  C CE2  . TYR A 1 36  ? -1.661  -1.314  -7.973  1.00 10.74 ? 36  TYR A CE2  1 
ATOM   361  C CZ   . TYR A 1 36  ? -0.512  -1.575  -7.254  1.00 9.64  ? 36  TYR A CZ   1 
ATOM   362  O OH   . TYR A 1 36  ? 0.392   -0.556  -7.036  1.00 9.34  ? 36  TYR A OH   1 
ATOM   363  H H    . TYR A 1 36  ? -2.901  -4.681  -10.490 1.00 0.00  ? 36  TYR A H    1 
ATOM   364  H HH   . TYR A 1 36  ? -0.017  0.289   -7.215  1.00 0.00  ? 36  TYR A HH   1 
ATOM   365  N N    . ASN A 1 37  ? -4.280  -7.508  -9.779  1.00 10.99 ? 37  ASN A N    1 
ATOM   366  C CA   . ASN A 1 37  ? -5.166  -8.665  -9.777  1.00 10.85 ? 37  ASN A CA   1 
ATOM   367  C C    . ASN A 1 37  ? -4.352  -9.895  -9.406  1.00 10.22 ? 37  ASN A C    1 
ATOM   368  O O    . ASN A 1 37  ? -3.269  -10.116 -9.943  1.00 10.66 ? 37  ASN A O    1 
ATOM   369  C CB   . ASN A 1 37  ? -5.762  -8.884  -11.139 1.00 11.34 ? 37  ASN A CB   1 
ATOM   370  C CG   . ASN A 1 37  ? -6.545  -7.689  -11.643 1.00 14.19 ? 37  ASN A CG   1 
ATOM   371  O OD1  . ASN A 1 37  ? -6.765  -6.682  -10.994 1.00 15.06 ? 37  ASN A OD1  1 
ATOM   372  N ND2  . ASN A 1 37  ? -7.017  -7.679  -12.860 1.00 17.43 ? 37  ASN A ND2  1 
ATOM   373  H H    . ASN A 1 37  ? -3.940  -7.147  -10.620 1.00 0.00  ? 37  ASN A H    1 
ATOM   374  H HD21 . ASN A 1 37  ? -7.528  -6.887  -13.110 1.00 0.00  ? 37  ASN A HD21 1 
ATOM   375  H HD22 . ASN A 1 37  ? -6.840  -8.443  -13.434 1.00 0.00  ? 37  ASN A HD22 1 
ATOM   376  N N    . ASN A 1 38  ? -4.866  -10.694 -8.488  1.00 7.98  ? 38  ASN A N    1 
ATOM   377  C CA   . ASN A 1 38  ? -4.223  -11.898 -7.982  1.00 11.52 ? 38  ASN A CA   1 
ATOM   378  C C    . ASN A 1 38  ? -2.937  -11.595 -7.220  1.00 12.28 ? 38  ASN A C    1 
ATOM   379  O O    . ASN A 1 38  ? -1.912  -12.283 -7.249  1.00 14.06 ? 38  ASN A O    1 
ATOM   380  C CB   . ASN A 1 38  ? -3.937  -12.872 -9.146  1.00 15.84 ? 38  ASN A CB   1 
ATOM   381  C CG   . ASN A 1 38  ? -3.653  -14.268 -8.640  1.00 17.91 ? 38  ASN A CG   1 
ATOM   382  O OD1  . ASN A 1 38  ? -4.309  -14.799 -7.755  1.00 22.38 ? 38  ASN A OD1  1 
ATOM   383  N ND2  . ASN A 1 38  ? -2.640  -14.944 -9.103  1.00 21.70 ? 38  ASN A ND2  1 
ATOM   384  H H    . ASN A 1 38  ? -5.715  -10.409 -8.094  1.00 0.00  ? 38  ASN A H    1 
ATOM   385  H HD21 . ASN A 1 38  ? -2.580  -15.835 -8.714  1.00 0.00  ? 38  ASN A HD21 1 
ATOM   386  H HD22 . ASN A 1 38  ? -2.051  -14.527 -9.752  1.00 0.00  ? 38  ASN A HD22 1 
ATOM   387  N N    . THR A 1 39  ? -2.985  -10.482 -6.517  1.00 11.58 ? 39  THR A N    1 
ATOM   388  C CA   . THR A 1 39  ? -1.862  -10.080 -5.711  1.00 12.17 ? 39  THR A CA   1 
ATOM   389  C C    . THR A 1 39  ? -2.253  -10.202 -4.247  1.00 11.60 ? 39  THR A C    1 
ATOM   390  O O    . THR A 1 39  ? -3.427  -10.116 -3.893  1.00 11.35 ? 39  THR A O    1 
ATOM   391  C CB   . THR A 1 39  ? -1.488  -8.645  -6.181  1.00 12.92 ? 39  THR A CB   1 
ATOM   392  O OG1  . THR A 1 39  ? -0.067  -8.640  -6.173  1.00 20.34 ? 39  THR A OG1  1 
ATOM   393  C CG2  . THR A 1 39  ? -2.005  -7.510  -5.355  1.00 8.85  ? 39  THR A CG2  1 
ATOM   394  H H    . THR A 1 39  ? -3.778  -9.906  -6.592  1.00 0.00  ? 39  THR A H    1 
ATOM   395  H HG1  . THR A 1 39  ? 0.268   -9.545  -6.185  1.00 0.00  ? 39  THR A HG1  1 
ATOM   396  N N    . ILE A 1 40  ? -1.320  -10.497 -3.362  1.00 9.67  ? 40  ILE A N    1 
ATOM   397  C CA   . ILE A 1 40  ? -1.654  -10.609 -1.947  1.00 8.71  ? 40  ILE A CA   1 
ATOM   398  C C    . ILE A 1 40  ? -1.213  -9.455  -1.037  1.00 7.58  ? 40  ILE A C    1 
ATOM   399  O O    . ILE A 1 40  ? -0.401  -8.581  -1.382  1.00 8.63  ? 40  ILE A O    1 
ATOM   400  C CB   . ILE A 1 40  ? -1.074  -11.927 -1.345  1.00 6.88  ? 40  ILE A CB   1 
ATOM   401  C CG1  . ILE A 1 40  ? 0.456   -11.925 -1.344  1.00 5.59  ? 40  ILE A CG1  1 
ATOM   402  C CG2  . ILE A 1 40  ? -1.646  -13.091 -2.130  1.00 7.53  ? 40  ILE A CG2  1 
ATOM   403  C CD1  . ILE A 1 40  ? 1.034   -13.038 -0.447  1.00 7.68  ? 40  ILE A CD1  1 
ATOM   404  H H    . ILE A 1 40  ? -0.432  -10.706 -3.712  1.00 0.00  ? 40  ILE A H    1 
ATOM   405  N N    . PHE A 1 41  ? -1.800  -9.423  0.151   1.00 8.19  ? 41  PHE A N    1 
ATOM   406  C CA   . PHE A 1 41  ? -1.306  -8.571  1.225   1.00 9.12  ? 41  PHE A CA   1 
ATOM   407  C C    . PHE A 1 41  ? -0.276  -9.422  1.989   1.00 8.55  ? 41  PHE A C    1 
ATOM   408  O O    . PHE A 1 41  ? -0.590  -10.239 2.846   1.00 9.97  ? 41  PHE A O    1 
ATOM   409  C CB   . PHE A 1 41  ? -2.443  -8.117  2.188   1.00 6.57  ? 41  PHE A CB   1 
ATOM   410  C CG   . PHE A 1 41  ? -3.241  -6.924  1.651   1.00 7.07  ? 41  PHE A CG   1 
ATOM   411  C CD1  . PHE A 1 41  ? -2.790  -5.634  1.859   1.00 7.98  ? 41  PHE A CD1  1 
ATOM   412  C CD2  . PHE A 1 41  ? -4.412  -7.132  0.946   1.00 8.69  ? 41  PHE A CD2  1 
ATOM   413  C CE1  . PHE A 1 41  ? -3.510  -4.571  1.361   1.00 7.63  ? 41  PHE A CE1  1 
ATOM   414  C CE2  . PHE A 1 41  ? -5.128  -6.061  0.452   1.00 8.30  ? 41  PHE A CE2  1 
ATOM   415  C CZ   . PHE A 1 41  ? -4.676  -4.779  0.658   1.00 8.64  ? 41  PHE A CZ   1 
ATOM   416  H H    . PHE A 1 41  ? -2.592  -9.991  0.281   1.00 0.00  ? 41  PHE A H    1 
ATOM   417  N N    . HIS A 1 42  ? 0.991   -9.260  1.597   1.00 6.66  ? 42  HIS A N    1 
ATOM   418  C CA   . HIS A 1 42  ? 2.119   -10.033 2.103   1.00 7.16  ? 42  HIS A CA   1 
ATOM   419  C C    . HIS A 1 42  ? 2.703   -9.649  3.462   1.00 9.66  ? 42  HIS A C    1 
ATOM   420  O O    . HIS A 1 42  ? 3.526   -10.381 4.025   1.00 10.01 ? 42  HIS A O    1 
ATOM   421  C CB   . HIS A 1 42  ? 3.263   -10.012 1.045   1.00 8.57  ? 42  HIS A CB   1 
ATOM   422  C CG   . HIS A 1 42  ? 3.969   -8.674  0.809   1.00 8.20  ? 42  HIS A CG   1 
ATOM   423  N ND1  . HIS A 1 42  ? 5.132   -8.273  1.315   1.00 12.61 ? 42  HIS A ND1  1 
ATOM   424  C CD2  . HIS A 1 42  ? 3.523   -7.648  0.018   1.00 6.79  ? 42  HIS A CD2  1 
ATOM   425  C CE1  . HIS A 1 42  ? 5.405   -7.072  0.876   1.00 8.12  ? 42  HIS A CE1  1 
ATOM   426  N NE2  . HIS A 1 42  ? 4.427   -6.715  0.091   1.00 11.29 ? 42  HIS A NE2  1 
ATOM   427  H H    . HIS A 1 42  ? 1.094   -8.567  0.919   1.00 0.00  ? 42  HIS A H    1 
ATOM   428  H HD1  . HIS A 1 42  ? 5.672   -8.722  2.006   1.00 0.00  ? 42  HIS A HD1  1 
ATOM   429  H HE2  . HIS A 1 42  ? 4.470   -5.863  -0.404  1.00 0.00  ? 42  HIS A HE2  1 
ATOM   430  N N    . ARG A 1 43  ? 2.368   -8.459  3.968   1.00 7.75  ? 43  ARG A N    1 
ATOM   431  C CA   . ARG A 1 43  ? 2.887   -8.025  5.255   1.00 9.61  ? 43  ARG A CA   1 
ATOM   432  C C    . ARG A 1 43  ? 1.758   -7.392  6.091   1.00 10.30 ? 43  ARG A C    1 
ATOM   433  O O    . ARG A 1 43  ? 1.114   -6.409  5.711   1.00 9.67  ? 43  ARG A O    1 
ATOM   434  C CB   . ARG A 1 43  ? 4.069   -7.048  4.985   1.00 9.58  ? 43  ARG A CB   1 
ATOM   435  C CG   . ARG A 1 43  ? 4.773   -6.708  6.282   1.00 13.02 ? 43  ARG A CG   1 
ATOM   436  C CD   . ARG A 1 43  ? 6.215   -6.253  6.171   1.00 17.29 ? 43  ARG A CD   1 
ATOM   437  N NE   . ARG A 1 43  ? 6.291   -4.919  5.742   1.00 21.76 ? 43  ARG A NE   1 
ATOM   438  C CZ   . ARG A 1 43  ? 7.005   -3.992  6.330   1.00 19.84 ? 43  ARG A CZ   1 
ATOM   439  N NH1  . ARG A 1 43  ? 7.649   -4.127  7.461   1.00 20.82 ? 43  ARG A NH1  1 
ATOM   440  N NH2  . ARG A 1 43  ? 6.952   -2.755  5.847   1.00 19.76 ? 43  ARG A NH2  1 
ATOM   441  H H    . ARG A 1 43  ? 1.701   -7.905  3.505   1.00 0.00  ? 43  ARG A H    1 
ATOM   442  H HE   . ARG A 1 43  ? 5.925   -4.652  4.879   1.00 0.00  ? 43  ARG A HE   1 
ATOM   443  H HH11 . ARG A 1 43  ? 7.621   -4.999  7.952   1.00 0.00  ? 43  ARG A HH11 1 
ATOM   444  H HH12 . ARG A 1 43  ? 8.171   -3.360  7.835   1.00 0.00  ? 43  ARG A HH12 1 
ATOM   445  H HH21 . ARG A 1 43  ? 6.377   -2.552  5.054   1.00 0.00  ? 43  ARG A HH21 1 
ATOM   446  H HH22 . ARG A 1 43  ? 7.487   -2.027  6.276   1.00 0.00  ? 43  ARG A HH22 1 
ATOM   447  N N    . VAL A 1 44  ? 1.397   -8.044  7.185   1.00 7.32  ? 44  VAL A N    1 
ATOM   448  C CA   . VAL A 1 44  ? 0.328   -7.609  8.067   1.00 7.75  ? 44  VAL A CA   1 
ATOM   449  C C    . VAL A 1 44  ? 0.862   -7.495  9.493   1.00 8.35  ? 44  VAL A C    1 
ATOM   450  O O    . VAL A 1 44  ? 1.303   -8.472  10.111  1.00 7.76  ? 44  VAL A O    1 
ATOM   451  C CB   . VAL A 1 44  ? -0.868  -8.625  8.020   1.00 9.41  ? 44  VAL A CB   1 
ATOM   452  C CG1  . VAL A 1 44  ? -1.889  -8.294  9.117   1.00 7.01  ? 44  VAL A CG1  1 
ATOM   453  C CG2  . VAL A 1 44  ? -1.585  -8.548  6.659   1.00 7.06  ? 44  VAL A CG2  1 
ATOM   454  H H    . VAL A 1 44  ? 1.878   -8.870  7.389   1.00 0.00  ? 44  VAL A H    1 
ATOM   455  N N    . ILE A 1 45  ? 0.850   -6.261  9.993   1.00 8.37  ? 45  ILE A N    1 
ATOM   456  C CA   . ILE A 1 45  ? 1.314   -5.949  11.343  1.00 8.14  ? 45  ILE A CA   1 
ATOM   457  C C    . ILE A 1 45  ? 0.224   -5.147  12.050  1.00 8.15  ? 45  ILE A C    1 
ATOM   458  O O    . ILE A 1 45  ? -0.003  -3.947  11.817  1.00 7.72  ? 45  ILE A O    1 
ATOM   459  C CB   . ILE A 1 45  ? 2.651   -5.123  11.314  1.00 6.26  ? 45  ILE A CB   1 
ATOM   460  C CG1  . ILE A 1 45  ? 3.746   -5.791  10.482  1.00 8.07  ? 45  ILE A CG1  1 
ATOM   461  C CG2  . ILE A 1 45  ? 3.114   -4.980  12.756  1.00 7.03  ? 45  ILE A CG2  1 
ATOM   462  C CD1  . ILE A 1 45  ? 5.017   -4.952  10.221  1.00 9.90  ? 45  ILE A CD1  1 
ATOM   463  H H    . ILE A 1 45  ? 0.521   -5.533  9.418   1.00 0.00  ? 45  ILE A H    1 
ATOM   464  N N    . ASN A 1 46  ? -0.539  -5.878  12.869  1.00 8.97  ? 46  ASN A N    1 
ATOM   465  C CA   . ASN A 1 46  ? -1.610  -5.279  13.653  1.00 11.38 ? 46  ASN A CA   1 
ATOM   466  C C    . ASN A 1 46  ? -1.079  -4.142  14.552  1.00 11.20 ? 46  ASN A C    1 
ATOM   467  O O    . ASN A 1 46  ? 0.013   -4.175  15.142  1.00 8.11  ? 46  ASN A O    1 
ATOM   468  C CB   . ASN A 1 46  ? -2.287  -6.378  14.500  1.00 12.89 ? 46  ASN A CB   1 
ATOM   469  C CG   . ASN A 1 46  ? -3.663  -5.976  15.025  1.00 13.54 ? 46  ASN A CG   1 
ATOM   470  O OD1  . ASN A 1 46  ? -4.195  -4.913  14.722  1.00 11.53 ? 46  ASN A OD1  1 
ATOM   471  N ND2  . ASN A 1 46  ? -4.311  -6.729  15.886  1.00 14.83 ? 46  ASN A ND2  1 
ATOM   472  H H    . ASN A 1 46  ? -0.347  -6.833  12.928  1.00 0.00  ? 46  ASN A H    1 
ATOM   473  H HD21 . ASN A 1 46  ? -5.173  -6.353  16.163  1.00 0.00  ? 46  ASN A HD21 1 
ATOM   474  H HD22 . ASN A 1 46  ? -3.929  -7.576  16.173  1.00 0.00  ? 46  ASN A HD22 1 
ATOM   475  N N    . GLY A 1 47  ? -1.878  -3.080  14.623  1.00 9.86  ? 47  GLY A N    1 
ATOM   476  C CA   . GLY A 1 47  ? -1.447  -1.877  15.334  1.00 9.17  ? 47  GLY A CA   1 
ATOM   477  C C    . GLY A 1 47  ? -0.488  -1.006  14.527  1.00 6.31  ? 47  GLY A C    1 
ATOM   478  O O    . GLY A 1 47  ? 0.058   -0.054  15.052  1.00 8.91  ? 47  GLY A O    1 
ATOM   479  H H    . GLY A 1 47  ? -2.788  -3.182  14.275  1.00 0.00  ? 47  GLY A H    1 
ATOM   480  N N    . PHE A 1 48  ? -0.249  -1.294  13.249  1.00 6.47  ? 48  PHE A N    1 
ATOM   481  C CA   . PHE A 1 48  ? 0.661   -0.504  12.429  1.00 4.65  ? 48  PHE A CA   1 
ATOM   482  C C    . PHE A 1 48  ? 0.069   -0.337  11.033  1.00 6.65  ? 48  PHE A C    1 
ATOM   483  O O    . PHE A 1 48  ? -0.538  0.688   10.741  1.00 4.57  ? 48  PHE A O    1 
ATOM   484  C CB   . PHE A 1 48  ? 2.033   -1.223  12.389  1.00 4.06  ? 48  PHE A CB   1 
ATOM   485  C CG   . PHE A 1 48  ? 3.159   -0.606  11.545  1.00 6.15  ? 48  PHE A CG   1 
ATOM   486  C CD1  . PHE A 1 48  ? 3.168   0.740   11.197  1.00 6.00  ? 48  PHE A CD1  1 
ATOM   487  C CD2  . PHE A 1 48  ? 4.187   -1.427  11.132  1.00 5.15  ? 48  PHE A CD2  1 
ATOM   488  C CE1  . PHE A 1 48  ? 4.181   1.273   10.428  1.00 6.96  ? 48  PHE A CE1  1 
ATOM   489  C CE2  . PHE A 1 48  ? 5.204   -0.891  10.363  1.00 8.16  ? 48  PHE A CE2  1 
ATOM   490  C CZ   . PHE A 1 48  ? 5.200   0.454   10.002  1.00 7.34  ? 48  PHE A CZ   1 
ATOM   491  H H    . PHE A 1 48  ? -0.589  -2.144  12.909  1.00 0.00  ? 48  PHE A H    1 
ATOM   492  N N    . MET A 1 49  ? 0.127   -1.365  10.181  1.00 7.17  ? 49  MET A N    1 
ATOM   493  C CA   . MET A 1 49  ? -0.357  -1.277  8.803   1.00 8.17  ? 49  MET A CA   1 
ATOM   494  C C    . MET A 1 49  ? -0.499  -2.630  8.110   1.00 8.50  ? 49  MET A C    1 
ATOM   495  O O    . MET A 1 49  ? -0.127  -3.678  8.635   1.00 9.54  ? 49  MET A O    1 
ATOM   496  C CB   . MET A 1 49  ? 0.593   -0.394  7.955   1.00 9.05  ? 49  MET A CB   1 
ATOM   497  C CG   . MET A 1 49  ? 2.076   -0.788  7.938   1.00 9.98  ? 49  MET A CG   1 
ATOM   498  S SD   . MET A 1 49  ? 2.564   -2.137  6.837   1.00 12.50 ? 49  MET A SD   1 
ATOM   499  C CE   . MET A 1 49  ? 4.042   -1.410  6.242   1.00 15.80 ? 49  MET A CE   1 
ATOM   500  H H    . MET A 1 49  ? 0.449   -2.232  10.522  1.00 0.00  ? 49  MET A H    1 
ATOM   501  N N    . ILE A 1 50  ? -1.146  -2.638  6.957   1.00 8.00  ? 50  ILE A N    1 
ATOM   502  C CA   . ILE A 1 50  ? -1.169  -3.824  6.108   1.00 6.98  ? 50  ILE A CA   1 
ATOM   503  C C    . ILE A 1 50  ? -0.586  -3.428  4.741   1.00 6.84  ? 50  ILE A C    1 
ATOM   504  O O    . ILE A 1 50  ? -0.873  -2.364  4.169   1.00 6.72  ? 50  ILE A O    1 
ATOM   505  C CB   . ILE A 1 50  ? -2.613  -4.416  5.906   1.00 7.63  ? 50  ILE A CB   1 
ATOM   506  C CG1  . ILE A 1 50  ? -3.599  -3.445  5.291   1.00 7.61  ? 50  ILE A CG1  1 
ATOM   507  C CG2  . ILE A 1 50  ? -3.087  -4.875  7.263   1.00 7.27  ? 50  ILE A CG2  1 
ATOM   508  C CD1  . ILE A 1 50  ? -4.938  -4.128  4.944   1.00 9.27  ? 50  ILE A CD1  1 
ATOM   509  H H    . ILE A 1 50  ? -1.617  -1.822  6.689   1.00 0.00  ? 50  ILE A H    1 
ATOM   510  N N    . GLN A 1 51  ? 0.265   -4.269  4.191   1.00 5.56  ? 51  GLN A N    1 
ATOM   511  C CA   . GLN A 1 51  ? 0.970   -3.960  2.960   1.00 6.59  ? 51  GLN A CA   1 
ATOM   512  C C    . GLN A 1 51  ? 0.787   -5.001  1.865   1.00 6.37  ? 51  GLN A C    1 
ATOM   513  O O    . GLN A 1 51  ? 0.818   -6.212  2.087   1.00 5.51  ? 51  GLN A O    1 
ATOM   514  C CB   . GLN A 1 51  ? 2.449   -3.800  3.281   1.00 4.79  ? 51  GLN A CB   1 
ATOM   515  C CG   . GLN A 1 51  ? 3.400   -3.535  2.118   1.00 8.26  ? 51  GLN A CG   1 
ATOM   516  C CD   . GLN A 1 51  ? 4.840   -3.272  2.532   1.00 9.83  ? 51  GLN A CD   1 
ATOM   517  O OE1  . GLN A 1 51  ? 5.141   -2.952  3.661   1.00 11.28 ? 51  GLN A OE1  1 
ATOM   518  N NE2  . GLN A 1 51  ? 5.858   -3.389  1.729   1.00 9.03  ? 51  GLN A NE2  1 
ATOM   519  H H    . GLN A 1 51  ? 0.396   -5.122  4.641   1.00 0.00  ? 51  GLN A H    1 
ATOM   520  H HE21 . GLN A 1 51  ? 6.677   -3.097  2.181   1.00 0.00  ? 51  GLN A HE21 1 
ATOM   521  H HE22 . GLN A 1 51  ? 5.787   -3.661  0.796   1.00 0.00  ? 51  GLN A HE22 1 
ATOM   522  N N    . GLY A 1 52  ? 0.671   -4.528  0.636   1.00 6.03  ? 52  GLY A N    1 
ATOM   523  C CA   . GLY A 1 52  ? 0.482   -5.413  -0.496  1.00 6.69  ? 52  GLY A CA   1 
ATOM   524  C C    . GLY A 1 52  ? 1.027   -4.850  -1.785  1.00 8.65  ? 52  GLY A C    1 
ATOM   525  O O    . GLY A 1 52  ? 1.899   -3.994  -1.794  1.00 9.35  ? 52  GLY A O    1 
ATOM   526  H H    . GLY A 1 52  ? 0.737   -3.550  0.525   1.00 0.00  ? 52  GLY A H    1 
ATOM   527  N N    . GLY A 1 53  ? 0.554   -5.424  -2.869  1.00 10.06 ? 53  GLY A N    1 
ATOM   528  C CA   . GLY A 1 53  ? 0.898   -4.945  -4.199  1.00 11.88 ? 53  GLY A CA   1 
ATOM   529  C C    . GLY A 1 53  ? 2.227   -5.371  -4.803  1.00 13.77 ? 53  GLY A C    1 
ATOM   530  O O    . GLY A 1 53  ? 2.702   -4.766  -5.757  1.00 18.42 ? 53  GLY A O    1 
ATOM   531  H H    . GLY A 1 53  ? -0.108  -6.136  -2.778  1.00 0.00  ? 53  GLY A H    1 
ATOM   532  N N    . GLY A 1 54  ? 2.894   -6.400  -4.288  1.00 11.94 ? 54  GLY A N    1 
ATOM   533  C CA   . GLY A 1 54  ? 4.159   -6.805  -4.898  1.00 14.08 ? 54  GLY A CA   1 
ATOM   534  C C    . GLY A 1 54  ? 4.263   -8.259  -5.344  1.00 12.84 ? 54  GLY A C    1 
ATOM   535  O O    . GLY A 1 54  ? 4.985   -8.621  -6.271  1.00 13.44 ? 54  GLY A O    1 
ATOM   536  H H    . GLY A 1 54  ? 2.519   -6.853  -3.510  1.00 0.00  ? 54  GLY A H    1 
ATOM   537  N N    . PHE A 1 55  ? 3.510   -9.097  -4.639  1.00 12.27 ? 55  PHE A N    1 
ATOM   538  C CA   . PHE A 1 55  ? 3.593   -10.552 -4.750  1.00 12.80 ? 55  PHE A CA   1 
ATOM   539  C C    . PHE A 1 55  ? 2.310   -11.292 -5.088  1.00 13.24 ? 55  PHE A C    1 
ATOM   540  O O    . PHE A 1 55  ? 1.225   -10.912 -4.652  1.00 13.05 ? 55  PHE A O    1 
ATOM   541  C CB   . PHE A 1 55  ? 4.119   -11.138 -3.424  1.00 14.12 ? 55  PHE A CB   1 
ATOM   542  C CG   . PHE A 1 55  ? 5.504   -10.639 -3.043  1.00 15.23 ? 55  PHE A CG   1 
ATOM   543  C CD1  . PHE A 1 55  ? 5.666   -9.414  -2.410  1.00 16.75 ? 55  PHE A CD1  1 
ATOM   544  C CD2  . PHE A 1 55  ? 6.613   -11.405 -3.352  1.00 16.28 ? 55  PHE A CD2  1 
ATOM   545  C CE1  . PHE A 1 55  ? 6.938   -8.957  -2.096  1.00 17.36 ? 55  PHE A CE1  1 
ATOM   546  C CE2  . PHE A 1 55  ? 7.875   -10.944 -3.036  1.00 15.13 ? 55  PHE A CE2  1 
ATOM   547  C CZ   . PHE A 1 55  ? 8.045   -9.724  -2.411  1.00 17.36 ? 55  PHE A CZ   1 
ATOM   548  H H    . PHE A 1 55  ? 2.836   -8.702  -4.056  1.00 0.00  ? 55  PHE A H    1 
ATOM   549  N N    . GLU A 1 56  ? 2.398   -12.340 -5.876  1.00 12.44 ? 56  GLU A N    1 
ATOM   550  C CA   . GLU A 1 56  ? 1.287   -13.252 -6.115  1.00 14.53 ? 56  GLU A CA   1 
ATOM   551  C C    . GLU A 1 56  ? 1.304   -14.384 -5.077  1.00 14.61 ? 56  GLU A C    1 
ATOM   552  O O    . GLU A 1 56  ? 2.341   -14.607 -4.447  1.00 12.58 ? 56  GLU A O    1 
ATOM   553  C CB   . GLU A 1 56  ? 1.410   -13.837 -7.521  1.00 18.40 ? 56  GLU A CB   1 
ATOM   554  C CG   . GLU A 1 56  ? 1.146   -12.816 -8.626  1.00 23.31 ? 56  GLU A CG   1 
ATOM   555  C CD   . GLU A 1 56  ? 1.288   -13.403 -10.024 1.00 27.51 ? 56  GLU A CD   1 
ATOM   556  O OE1  . GLU A 1 56  ? 2.307   -14.038 -10.309 1.00 29.66 ? 56  GLU A OE1  1 
ATOM   557  O OE2  . GLU A 1 56  ? 0.382   -13.220 -10.833 1.00 29.74 ? 56  GLU A OE2  1 
ATOM   558  H H    . GLU A 1 56  ? 3.257   -12.485 -6.321  1.00 0.00  ? 56  GLU A H    1 
ATOM   559  N N    . PRO A 1 57  ? 0.252   -15.167 -4.831  1.00 17.18 ? 57  PRO A N    1 
ATOM   560  C CA   . PRO A 1 57  ? 0.151   -16.156 -3.755  1.00 20.02 ? 57  PRO A CA   1 
ATOM   561  C C    . PRO A 1 57  ? 1.304   -16.996 -3.242  1.00 22.52 ? 57  PRO A C    1 
ATOM   562  O O    . PRO A 1 57  ? 1.492   -17.068 -2.023  1.00 28.75 ? 57  PRO A O    1 
ATOM   563  C CB   . PRO A 1 57  ? -0.995  -17.011 -4.196  1.00 20.11 ? 57  PRO A CB   1 
ATOM   564  C CG   . PRO A 1 57  ? -1.939  -15.929 -4.633  1.00 19.67 ? 57  PRO A CG   1 
ATOM   565  C CD   . PRO A 1 57  ? -1.040  -15.051 -5.484  1.00 16.88 ? 57  PRO A CD   1 
ATOM   566  N N    . GLY A 1 58  ? 2.151   -17.623 -4.046  1.00 21.80 ? 58  GLY A N    1 
ATOM   567  C CA   . GLY A 1 58  ? 3.272   -18.351 -3.425  1.00 21.16 ? 58  GLY A CA   1 
ATOM   568  C C    . GLY A 1 58  ? 4.501   -17.465 -3.161  1.00 22.48 ? 58  GLY A C    1 
ATOM   569  O O    . GLY A 1 58  ? 5.631   -17.920 -3.321  1.00 24.08 ? 58  GLY A O    1 
ATOM   570  H H    . GLY A 1 58  ? 2.009   -17.610 -5.011  1.00 0.00  ? 58  GLY A H    1 
ATOM   571  N N    . MET A 1 59  ? 4.316   -16.200 -2.752  1.00 18.89 ? 59  MET A N    1 
ATOM   572  C CA   . MET A 1 59  ? 5.351   -15.174 -2.657  1.00 18.81 ? 59  MET A CA   1 
ATOM   573  C C    . MET A 1 59  ? 6.234   -15.007 -3.905  1.00 19.52 ? 59  MET A C    1 
ATOM   574  O O    . MET A 1 59  ? 7.455   -14.804 -3.873  1.00 20.32 ? 59  MET A O    1 
ATOM   575  C CB   . MET A 1 59  ? 6.282   -15.404 -1.453  1.00 20.52 ? 59  MET A CB   1 
ATOM   576  C CG   . MET A 1 59  ? 5.681   -15.164 -0.074  1.00 20.09 ? 59  MET A CG   1 
ATOM   577  S SD   . MET A 1 59  ? 4.871   -13.567 0.227   1.00 21.16 ? 59  MET A SD   1 
ATOM   578  C CE   . MET A 1 59  ? 6.170   -12.386 0.164   1.00 21.42 ? 59  MET A CE   1 
ATOM   579  H H    . MET A 1 59  ? 3.413   -15.977 -2.448  1.00 0.00  ? 59  MET A H    1 
ATOM   580  N N    . LYS A 1 60  ? 5.573   -15.060 -5.058  1.00 19.74 ? 60  LYS A N    1 
ATOM   581  C CA   . LYS A 1 60  ? 6.226   -14.832 -6.343  1.00 21.95 ? 60  LYS A CA   1 
ATOM   582  C C    . LYS A 1 60  ? 6.177   -13.332 -6.603  1.00 21.54 ? 60  LYS A C    1 
ATOM   583  O O    . LYS A 1 60  ? 5.090   -12.746 -6.712  1.00 21.95 ? 60  LYS A O    1 
ATOM   584  C CB   . LYS A 1 60  ? 5.523   -15.442 -7.537  1.00 24.67 ? 60  LYS A CB   1 
ATOM   585  C CG   . LYS A 1 60  ? 4.673   -16.667 -7.319  1.00 30.37 ? 60  LYS A CG   1 
ATOM   586  C CD   . LYS A 1 60  ? 5.537   -17.899 -7.308  1.00 33.18 ? 60  LYS A CD   1 
ATOM   587  C CE   . LYS A 1 60  ? 4.595   -19.085 -7.197  1.00 34.90 ? 60  LYS A CE   1 
ATOM   588  N NZ   . LYS A 1 60  ? 5.339   -20.330 -7.206  1.00 37.11 ? 60  LYS A NZ   1 
ATOM   589  H H    . LYS A 1 60  ? 4.608   -15.201 -5.008  1.00 0.00  ? 60  LYS A H    1 
ATOM   590  H HZ1  . LYS A 1 60  ? 5.893   -20.403 -8.082  1.00 0.00  ? 60  LYS A HZ1  1 
ATOM   591  H HZ2  . LYS A 1 60  ? 5.976   -20.347 -6.383  1.00 0.00  ? 60  LYS A HZ2  1 
ATOM   592  H HZ3  . LYS A 1 60  ? 4.672   -21.124 -7.143  1.00 0.00  ? 60  LYS A HZ3  1 
ATOM   593  N N    . GLN A 1 61  ? 7.318   -12.675 -6.693  1.00 21.43 ? 61  GLN A N    1 
ATOM   594  C CA   . GLN A 1 61  ? 7.333   -11.246 -6.966  1.00 22.95 ? 61  GLN A CA   1 
ATOM   595  C C    . GLN A 1 61  ? 7.062   -10.896 -8.428  1.00 20.13 ? 61  GLN A C    1 
ATOM   596  O O    . GLN A 1 61  ? 7.521   -11.557 -9.361  1.00 21.37 ? 61  GLN A O    1 
ATOM   597  C CB   . GLN A 1 61  ? 8.675   -10.608 -6.513  1.00 28.50 ? 61  GLN A CB   1 
ATOM   598  C CG   . GLN A 1 61  ? 10.064  -11.228 -6.705  1.00 35.91 ? 61  GLN A CG   1 
ATOM   599  C CD   . GLN A 1 61  ? 10.273  -12.556 -5.976  1.00 38.93 ? 61  GLN A CD   1 
ATOM   600  O OE1  . GLN A 1 61  ? 10.026  -13.639 -6.488  1.00 39.61 ? 61  GLN A OE1  1 
ATOM   601  N NE2  . GLN A 1 61  ? 10.696  -12.674 -4.744  1.00 41.18 ? 61  GLN A NE2  1 
ATOM   602  H H    . GLN A 1 61  ? 8.119   -13.235 -6.684  1.00 0.00  ? 61  GLN A H    1 
ATOM   603  H HE21 . GLN A 1 61  ? 10.496  -13.567 -4.433  1.00 0.00  ? 61  GLN A HE21 1 
ATOM   604  H HE22 . GLN A 1 61  ? 11.073  -11.905 -4.287  1.00 0.00  ? 61  GLN A HE22 1 
ATOM   605  N N    . LYS A 1 62  ? 6.192   -9.927  -8.664  1.00 18.22 ? 62  LYS A N    1 
ATOM   606  C CA   . LYS A 1 62  ? 5.879   -9.502  -10.020 1.00 16.26 ? 62  LYS A CA   1 
ATOM   607  C C    . LYS A 1 62  ? 6.859   -8.469  -10.581 1.00 18.35 ? 62  LYS A C    1 
ATOM   608  O O    . LYS A 1 62  ? 7.470   -7.685  -9.846  1.00 18.31 ? 62  LYS A O    1 
ATOM   609  C CB   . LYS A 1 62  ? 4.481   -8.917  -10.069 1.00 14.40 ? 62  LYS A CB   1 
ATOM   610  C CG   . LYS A 1 62  ? 3.433   -9.939  -9.722  1.00 15.42 ? 62  LYS A CG   1 
ATOM   611  C CD   . LYS A 1 62  ? 2.026   -9.394  -9.939  1.00 16.99 ? 62  LYS A CD   1 
ATOM   612  C CE   . LYS A 1 62  ? 1.622   -9.433  -11.398 1.00 14.97 ? 62  LYS A CE   1 
ATOM   613  N NZ   . LYS A 1 62  ? 0.177   -9.317  -11.500 1.00 18.15 ? 62  LYS A NZ   1 
ATOM   614  H H    . LYS A 1 62  ? 5.747   -9.513  -7.891  1.00 0.00  ? 62  LYS A H    1 
ATOM   615  H HZ1  . LYS A 1 62  ? -0.283  -10.086 -10.973 1.00 0.00  ? 62  LYS A HZ1  1 
ATOM   616  H HZ2  . LYS A 1 62  ? -0.121  -8.404  -11.112 1.00 0.00  ? 62  LYS A HZ2  1 
ATOM   617  H HZ3  . LYS A 1 62  ? -0.105  -9.367  -12.498 1.00 0.00  ? 62  LYS A HZ3  1 
ATOM   618  N N    . ALA A 1 63  ? 7.042   -8.424  -11.897 1.00 16.66 ? 63  ALA A N    1 
ATOM   619  C CA   . ALA A 1 63  ? 7.902   -7.416  -12.496 1.00 15.90 ? 63  ALA A CA   1 
ATOM   620  C C    . ALA A 1 63  ? 7.285   -6.011  -12.475 1.00 15.19 ? 63  ALA A C    1 
ATOM   621  O O    . ALA A 1 63  ? 6.134   -5.794  -12.859 1.00 16.86 ? 63  ALA A O    1 
ATOM   622  C CB   . ALA A 1 63  ? 8.186   -7.804  -13.928 1.00 14.79 ? 63  ALA A CB   1 
ATOM   623  H H    . ALA A 1 63  ? 6.543   -9.048  -12.460 1.00 0.00  ? 63  ALA A H    1 
ATOM   624  N N    . THR A 1 64  ? 8.018   -5.044  -11.959 1.00 15.49 ? 64  THR A N    1 
ATOM   625  C CA   . THR A 1 64  ? 7.577   -3.651  -11.915 1.00 14.13 ? 64  THR A CA   1 
ATOM   626  C C    . THR A 1 64  ? 8.254   -2.760  -12.939 1.00 13.54 ? 64  THR A C    1 
ATOM   627  O O    . THR A 1 64  ? 9.241   -3.106  -13.583 1.00 13.99 ? 64  THR A O    1 
ATOM   628  C CB   . THR A 1 64  ? 7.821   -2.972  -10.535 1.00 14.18 ? 64  THR A CB   1 
ATOM   629  O OG1  . THR A 1 64  ? 9.222   -2.989  -10.262 1.00 15.74 ? 64  THR A OG1  1 
ATOM   630  C CG2  . THR A 1 64  ? 7.036   -3.657  -9.434  1.00 15.36 ? 64  THR A CG2  1 
ATOM   631  H H    . THR A 1 64  ? 8.900   -5.278  -11.604 1.00 0.00  ? 64  THR A H    1 
ATOM   632  H HG1  . THR A 1 64  ? 9.562   -3.888  -10.300 1.00 0.00  ? 64  THR A HG1  1 
ATOM   633  N N    . LYS A 1 65  ? 7.657   -1.599  -13.136 1.00 14.77 ? 65  LYS A N    1 
ATOM   634  C CA   . LYS A 1 65  ? 8.235   -0.559  -13.970 1.00 15.81 ? 65  LYS A CA   1 
ATOM   635  C C    . LYS A 1 65  ? 9.316   0.201   -13.183 1.00 14.65 ? 65  LYS A C    1 
ATOM   636  O O    . LYS A 1 65  ? 9.604   -0.120  -12.025 1.00 17.33 ? 65  LYS A O    1 
ATOM   637  C CB   . LYS A 1 65  ? 7.132   0.389   -14.387 1.00 18.03 ? 65  LYS A CB   1 
ATOM   638  C CG   . LYS A 1 65  ? 5.950   -0.281  -15.094 1.00 21.82 ? 65  LYS A CG   1 
ATOM   639  C CD   . LYS A 1 65  ? 4.896   0.807   -15.256 1.00 25.21 ? 65  LYS A CD   1 
ATOM   640  C CE   . LYS A 1 65  ? 3.526   0.256   -15.619 1.00 27.49 ? 65  LYS A CE   1 
ATOM   641  N NZ   . LYS A 1 65  ? 2.512   1.301   -15.635 1.00 27.77 ? 65  LYS A NZ   1 
ATOM   642  H H    . LYS A 1 65  ? 6.833   -1.417  -12.637 1.00 0.00  ? 65  LYS A H    1 
ATOM   643  H HZ1  . LYS A 1 65  ? 2.467   1.764   -14.705 1.00 0.00  ? 65  LYS A HZ1  1 
ATOM   644  H HZ2  . LYS A 1 65  ? 2.743   2.006   -16.364 1.00 0.00  ? 65  LYS A HZ2  1 
ATOM   645  H HZ3  . LYS A 1 65  ? 1.588   0.872   -15.847 1.00 0.00  ? 65  LYS A HZ3  1 
ATOM   646  N N    . GLU A 1 66  ? 9.945   1.214   -13.758 1.00 13.20 ? 66  GLU A N    1 
ATOM   647  C CA   . GLU A 1 66  ? 10.923  2.022   -13.036 1.00 14.62 ? 66  GLU A CA   1 
ATOM   648  C C    . GLU A 1 66  ? 10.382  2.758   -11.795 1.00 12.70 ? 66  GLU A C    1 
ATOM   649  O O    . GLU A 1 66  ? 9.204   3.124   -11.762 1.00 12.28 ? 66  GLU A O    1 
ATOM   650  C CB   . GLU A 1 66  ? 11.546  3.037   -14.013 1.00 18.48 ? 66  GLU A CB   1 
ATOM   651  C CG   . GLU A 1 66  ? 12.502  2.421   -15.068 1.00 27.81 ? 66  GLU A CG   1 
ATOM   652  C CD   . GLU A 1 66  ? 13.801  1.780   -14.546 1.00 34.10 ? 66  GLU A CD   1 
ATOM   653  O OE1  . GLU A 1 66  ? 14.434  2.383   -13.677 1.00 37.34 ? 66  GLU A OE1  1 
ATOM   654  O OE2  . GLU A 1 66  ? 14.201  0.699   -15.004 1.00 37.69 ? 66  GLU A OE2  1 
ATOM   655  H H    . GLU A 1 66  ? 9.730   1.408   -14.691 1.00 0.00  ? 66  GLU A H    1 
ATOM   656  N N    . PRO A 1 67  ? 11.181  2.967   -10.742 1.00 10.51 ? 67  PRO A N    1 
ATOM   657  C CA   . PRO A 1 67  ? 10.784  3.663   -9.535  1.00 11.37 ? 67  PRO A CA   1 
ATOM   658  C C    . PRO A 1 67  ? 10.350  5.102   -9.743  1.00 11.55 ? 67  PRO A C    1 
ATOM   659  O O    . PRO A 1 67  ? 10.721  5.769   -10.704 1.00 13.42 ? 67  PRO A O    1 
ATOM   660  C CB   . PRO A 1 67  ? 11.975  3.595   -8.629  1.00 10.02 ? 67  PRO A CB   1 
ATOM   661  C CG   . PRO A 1 67  ? 12.830  2.506   -9.163  1.00 10.93 ? 67  PRO A CG   1 
ATOM   662  C CD   . PRO A 1 67  ? 12.584  2.588   -10.650 1.00 10.98 ? 67  PRO A CD   1 
ATOM   663  N N    . ILE A 1 68  ? 9.571   5.577   -8.790  1.00 12.01 ? 68  ILE A N    1 
ATOM   664  C CA   . ILE A 1 68  ? 9.127   6.955   -8.796  1.00 11.88 ? 68  ILE A CA   1 
ATOM   665  C C    . ILE A 1 68  ? 9.715   7.831   -7.704  1.00 10.88 ? 68  ILE A C    1 
ATOM   666  O O    . ILE A 1 68  ? 10.162  7.436   -6.626  1.00 12.07 ? 68  ILE A O    1 
ATOM   667  C CB   . ILE A 1 68  ? 7.603   7.059   -8.691  1.00 11.95 ? 68  ILE A CB   1 
ATOM   668  C CG1  . ILE A 1 68  ? 7.062   6.365   -7.459  1.00 11.55 ? 68  ILE A CG1  1 
ATOM   669  C CG2  . ILE A 1 68  ? 7.044   6.477   -10.000 1.00 13.37 ? 68  ILE A CG2  1 
ATOM   670  C CD1  . ILE A 1 68  ? 5.563   6.653   -7.214  1.00 13.29 ? 68  ILE A CD1  1 
ATOM   671  H H    . ILE A 1 68  ? 9.287   4.962   -8.082  1.00 0.00  ? 68  ILE A H    1 
ATOM   672  N N    . LYS A 1 69  ? 9.766   9.123   -8.005  1.00 10.49 ? 69  LYS A N    1 
ATOM   673  C CA   . LYS A 1 69  ? 10.186  10.112  -7.038  1.00 12.59 ? 69  LYS A CA   1 
ATOM   674  C C    . LYS A 1 69  ? 9.217   10.246  -5.892  1.00 10.10 ? 69  LYS A C    1 
ATOM   675  O O    . LYS A 1 69  ? 8.005   10.143  -6.019  1.00 11.90 ? 69  LYS A O    1 
ATOM   676  C CB   . LYS A 1 69  ? 10.338  11.487  -7.663  1.00 19.73 ? 69  LYS A CB   1 
ATOM   677  C CG   . LYS A 1 69  ? 11.687  11.603  -8.390  1.00 28.73 ? 69  LYS A CG   1 
ATOM   678  C CD   . LYS A 1 69  ? 12.290  12.994  -8.217  1.00 34.49 ? 69  LYS A CD   1 
ATOM   679  C CE   . LYS A 1 69  ? 13.815  12.958  -8.406  1.00 37.68 ? 69  LYS A CE   1 
ATOM   680  N NZ   . LYS A 1 69  ? 14.391  14.224  -7.978  1.00 37.59 ? 69  LYS A NZ   1 
ATOM   681  H H    . LYS A 1 69  ? 9.501   9.374   -8.904  1.00 0.00  ? 69  LYS A H    1 
ATOM   682  H HZ1  . LYS A 1 69  ? 14.108  14.418  -6.996  1.00 0.00  ? 69  LYS A HZ1  1 
ATOM   683  H HZ2  . LYS A 1 69  ? 15.428  14.171  -8.033  1.00 0.00  ? 69  LYS A HZ2  1 
ATOM   684  H HZ3  . LYS A 1 69  ? 14.051  14.992  -8.593  1.00 0.00  ? 69  LYS A HZ3  1 
ATOM   685  N N    . ASN A 1 70  ? 9.819   10.342  -4.731  1.00 8.16  ? 70  ASN A N    1 
ATOM   686  C CA   . ASN A 1 70  ? 9.081   10.585  -3.525  1.00 9.15  ? 70  ASN A CA   1 
ATOM   687  C C    . ASN A 1 70  ? 8.395   11.955  -3.493  1.00 7.88  ? 70  ASN A C    1 
ATOM   688  O O    . ASN A 1 70  ? 9.013   13.020  -3.542  1.00 8.95  ? 70  ASN A O    1 
ATOM   689  C CB   . ASN A 1 70  ? 10.048  10.421  -2.358  1.00 7.38  ? 70  ASN A CB   1 
ATOM   690  C CG   . ASN A 1 70  ? 9.337   10.161  -1.054  1.00 6.88  ? 70  ASN A CG   1 
ATOM   691  O OD1  . ASN A 1 70  ? 8.201   10.569  -0.855  1.00 7.48  ? 70  ASN A OD1  1 
ATOM   692  N ND2  . ASN A 1 70  ? 9.920   9.466   -0.110  1.00 7.78  ? 70  ASN A ND2  1 
ATOM   693  H H    . ASN A 1 70  ? 10.708  9.956   -4.697  1.00 0.00  ? 70  ASN A H    1 
ATOM   694  H HD21 . ASN A 1 70  ? 9.427   9.434   0.738   1.00 0.00  ? 70  ASN A HD21 1 
ATOM   695  H HD22 . ASN A 1 70  ? 10.783  9.047   -0.281  1.00 0.00  ? 70  ASN A HD22 1 
ATOM   696  N N    . GLU A 1 71  ? 7.084   11.931  -3.517  1.00 8.96  ? 71  GLU A N    1 
ATOM   697  C CA   . GLU A 1 71  ? 6.297   13.142  -3.383  1.00 7.79  ? 71  GLU A CA   1 
ATOM   698  C C    . GLU A 1 71  ? 5.766   13.383  -1.972  1.00 7.44  ? 71  GLU A C    1 
ATOM   699  O O    . GLU A 1 71  ? 4.833   14.164  -1.805  1.00 9.60  ? 71  GLU A O    1 
ATOM   700  C CB   . GLU A 1 71  ? 5.136   13.067  -4.353  1.00 10.17 ? 71  GLU A CB   1 
ATOM   701  C CG   . GLU A 1 71  ? 5.527   13.093  -5.828  1.00 11.05 ? 71  GLU A CG   1 
ATOM   702  C CD   . GLU A 1 71  ? 4.309   13.022  -6.740  1.00 10.99 ? 71  GLU A CD   1 
ATOM   703  O OE1  . GLU A 1 71  ? 3.465   12.155  -6.565  1.00 9.74  ? 71  GLU A OE1  1 
ATOM   704  O OE2  . GLU A 1 71  ? 4.200   13.837  -7.644  1.00 12.25 ? 71  GLU A OE2  1 
ATOM   705  H H    . GLU A 1 71  ? 6.656   11.078  -3.761  1.00 0.00  ? 71  GLU A H    1 
ATOM   706  N N    . ALA A 1 72  ? 6.330   12.782  -0.915  1.00 5.26  ? 72  ALA A N    1 
ATOM   707  C CA   . ALA A 1 72  ? 5.838   12.939  0.459   1.00 5.64  ? 72  ALA A CA   1 
ATOM   708  C C    . ALA A 1 72  ? 5.661   14.342  1.029   1.00 6.13  ? 72  ALA A C    1 
ATOM   709  O O    . ALA A 1 72  ? 4.802   14.537  1.907   1.00 4.43  ? 72  ALA A O    1 
ATOM   710  C CB   . ALA A 1 72  ? 6.748   12.194  1.454   1.00 7.92  ? 72  ALA A CB   1 
ATOM   711  H H    . ALA A 1 72  ? 7.097   12.194  -1.079  1.00 0.00  ? 72  ALA A H    1 
ATOM   712  N N    . ASN A 1 73  ? 6.435   15.355  0.598   1.00 7.37  ? 73  ASN A N    1 
ATOM   713  C CA   . ASN A 1 73  ? 6.180   16.725  1.080   1.00 10.26 ? 73  ASN A CA   1 
ATOM   714  C C    . ASN A 1 73  ? 4.959   17.368  0.395   1.00 8.83  ? 73  ASN A C    1 
ATOM   715  O O    . ASN A 1 73  ? 5.061   18.316  -0.374  1.00 10.50 ? 73  ASN A O    1 
ATOM   716  C CB   . ASN A 1 73  ? 7.411   17.613  0.850   1.00 8.74  ? 73  ASN A CB   1 
ATOM   717  C CG   . ASN A 1 73  ? 7.336   18.968  1.560   1.00 8.16  ? 73  ASN A CG   1 
ATOM   718  O OD1  . ASN A 1 73  ? 6.658   19.146  2.559   1.00 7.57  ? 73  ASN A OD1  1 
ATOM   719  N ND2  . ASN A 1 73  ? 8.029   20.006  1.171   1.00 9.75  ? 73  ASN A ND2  1 
ATOM   720  H H    . ASN A 1 73  ? 7.122   15.160  -0.076  1.00 0.00  ? 73  ASN A H    1 
ATOM   721  H HD21 . ASN A 1 73  ? 7.904   20.820  1.700   1.00 0.00  ? 73  ASN A HD21 1 
ATOM   722  H HD22 . ASN A 1 73  ? 8.628   19.917  0.417   1.00 0.00  ? 73  ASN A HD22 1 
ATOM   723  N N    . ASN A 1 74  ? 3.773   16.836  0.660   1.00 8.95  ? 74  ASN A N    1 
ATOM   724  C CA   . ASN A 1 74  ? 2.562   17.334  0.028   1.00 7.58  ? 74  ASN A CA   1 
ATOM   725  C C    . ASN A 1 74  ? 1.474   17.752  0.982   1.00 7.04  ? 74  ASN A C    1 
ATOM   726  O O    . ASN A 1 74  ? 0.347   18.076  0.588   1.00 11.91 ? 74  ASN A O    1 
ATOM   727  C CB   . ASN A 1 74  ? 1.999   16.277  -0.935  1.00 10.19 ? 74  ASN A CB   1 
ATOM   728  C CG   . ASN A 1 74  ? 1.565   14.938  -0.323  1.00 11.08 ? 74  ASN A CG   1 
ATOM   729  O OD1  . ASN A 1 74  ? 1.467   14.781  0.893   1.00 9.98  ? 74  ASN A OD1  1 
ATOM   730  N ND2  . ASN A 1 74  ? 1.274   13.898  -1.072  1.00 9.71  ? 74  ASN A ND2  1 
ATOM   731  H H    . ASN A 1 74  ? 3.740   16.031  1.224   1.00 0.00  ? 74  ASN A H    1 
ATOM   732  H HD21 . ASN A 1 74  ? 0.973   13.096  -0.597  1.00 0.00  ? 74  ASN A HD21 1 
ATOM   733  H HD22 . ASN A 1 74  ? 1.366   14.005  -2.038  1.00 0.00  ? 74  ASN A HD22 1 
ATOM   734  N N    . GLY A 1 75  ? 1.801   17.756  2.265   1.00 8.11  ? 75  GLY A N    1 
ATOM   735  C CA   . GLY A 1 75  ? 0.835   18.127  3.293   1.00 9.33  ? 75  GLY A CA   1 
ATOM   736  C C    . GLY A 1 75  ? -0.048  16.992  3.811   1.00 11.86 ? 75  GLY A C    1 
ATOM   737  O O    . GLY A 1 75  ? -0.733  17.168  4.821   1.00 15.60 ? 75  GLY A O    1 
ATOM   738  H H    . GLY A 1 75  ? 2.721   17.541  2.517   1.00 0.00  ? 75  GLY A H    1 
ATOM   739  N N    . LEU A 1 76  ? -0.053  15.813  3.187   1.00 11.97 ? 76  LEU A N    1 
ATOM   740  C CA   . LEU A 1 76  ? -0.854  14.678  3.656   1.00 10.62 ? 76  LEU A CA   1 
ATOM   741  C C    . LEU A 1 76  ? -0.103  13.812  4.663   1.00 10.25 ? 76  LEU A C    1 
ATOM   742  O O    . LEU A 1 76  ? 1.096   13.542  4.560   1.00 13.52 ? 76  LEU A O    1 
ATOM   743  C CB   . LEU A 1 76  ? -1.290  13.789  2.492   1.00 8.61  ? 76  LEU A CB   1 
ATOM   744  C CG   . LEU A 1 76  ? -2.056  14.480  1.379   1.00 10.00 ? 76  LEU A CG   1 
ATOM   745  C CD1  . LEU A 1 76  ? -2.164  13.511  0.225   1.00 12.57 ? 76  LEU A CD1  1 
ATOM   746  C CD2  . LEU A 1 76  ? -3.390  14.996  1.878   1.00 9.79  ? 76  LEU A CD2  1 
ATOM   747  H H    . LEU A 1 76  ? 0.522   15.687  2.403   1.00 0.00  ? 76  LEU A H    1 
ATOM   748  N N    . LYS A 1 77  ? -0.813  13.391  5.693   1.00 8.63  ? 77  LYS A N    1 
ATOM   749  C CA   . LYS A 1 77  ? -0.211  12.634  6.771   1.00 10.29 ? 77  LYS A CA   1 
ATOM   750  C C    . LYS A 1 77  ? -0.678  11.196  6.858   1.00 7.76  ? 77  LYS A C    1 
ATOM   751  O O    . LYS A 1 77  ? -1.788  10.879  6.459   1.00 7.32  ? 77  LYS A O    1 
ATOM   752  C CB   . LYS A 1 77  ? -0.494  13.334  8.089   1.00 13.20 ? 77  LYS A CB   1 
ATOM   753  C CG   . LYS A 1 77  ? 0.023   14.773  8.097   1.00 19.81 ? 77  LYS A CG   1 
ATOM   754  C CD   . LYS A 1 77  ? -0.199  15.354  9.472   1.00 26.75 ? 77  LYS A CD   1 
ATOM   755  C CE   . LYS A 1 77  ? -0.149  16.866  9.400   1.00 31.78 ? 77  LYS A CE   1 
ATOM   756  N NZ   . LYS A 1 77  ? -1.373  17.377  8.802   1.00 35.31 ? 77  LYS A NZ   1 
ATOM   757  H H    . LYS A 1 77  ? -1.777  13.577  5.700   1.00 0.00  ? 77  LYS A H    1 
ATOM   758  H HZ1  . LYS A 1 77  ? -2.179  17.076  9.389   1.00 0.00  ? 77  LYS A HZ1  1 
ATOM   759  H HZ2  . LYS A 1 77  ? -1.337  18.415  8.784   1.00 0.00  ? 77  LYS A HZ2  1 
ATOM   760  H HZ3  . LYS A 1 77  ? -1.488  17.002  7.840   1.00 0.00  ? 77  LYS A HZ3  1 
ATOM   761  N N    . ASN A 1 78  ? 0.166   10.320  7.377   1.00 6.71  ? 78  ASN A N    1 
ATOM   762  C CA   . ASN A 1 78  ? -0.133  8.899   7.569   1.00 9.51  ? 78  ASN A CA   1 
ATOM   763  C C    . ASN A 1 78  ? -1.079  8.581   8.719   1.00 7.81  ? 78  ASN A C    1 
ATOM   764  O O    . ASN A 1 78  ? -0.770  8.006   9.761   1.00 10.52 ? 78  ASN A O    1 
ATOM   765  C CB   . ASN A 1 78  ? 1.179   8.160   7.764   1.00 8.12  ? 78  ASN A CB   1 
ATOM   766  C CG   . ASN A 1 78  ? 1.922   8.052   6.453   1.00 5.17  ? 78  ASN A CG   1 
ATOM   767  O OD1  . ASN A 1 78  ? 1.678   7.133   5.690   1.00 7.86  ? 78  ASN A OD1  1 
ATOM   768  N ND2  . ASN A 1 78  ? 2.825   8.926   6.078   1.00 4.31  ? 78  ASN A ND2  1 
ATOM   769  H H    . ASN A 1 78  ? 1.062   10.657  7.573   1.00 0.00  ? 78  ASN A H    1 
ATOM   770  H HD21 . ASN A 1 78  ? 3.211   8.745   5.199   1.00 0.00  ? 78  ASN A HD21 1 
ATOM   771  H HD22 . ASN A 1 78  ? 3.043   9.673   6.670   1.00 0.00  ? 78  ASN A HD22 1 
ATOM   772  N N    . THR A 1 79  ? -2.288  9.074   8.546   1.00 9.50  ? 79  THR A N    1 
ATOM   773  C CA   . THR A 1 79  ? -3.349  8.830   9.513   1.00 9.24  ? 79  THR A CA   1 
ATOM   774  C C    . THR A 1 79  ? -4.129  7.561   9.188   1.00 9.47  ? 79  THR A C    1 
ATOM   775  O O    . THR A 1 79  ? -4.063  7.023   8.086   1.00 9.20  ? 79  THR A O    1 
ATOM   776  C CB   . THR A 1 79  ? -4.314  10.043  9.568   1.00 7.92  ? 79  THR A CB   1 
ATOM   777  O OG1  . THR A 1 79  ? -4.757  10.324  8.250   1.00 8.95  ? 79  THR A OG1  1 
ATOM   778  C CG2  . THR A 1 79  ? -3.636  11.242  10.201  1.00 6.64  ? 79  THR A CG2  1 
ATOM   779  H H    . THR A 1 79  ? -2.513  9.516   7.695   1.00 0.00  ? 79  THR A H    1 
ATOM   780  H HG1  . THR A 1 79  ? -5.385  11.051  8.254   1.00 0.00  ? 79  THR A HG1  1 
ATOM   781  N N    . ARG A 1 80  ? -4.816  6.952   10.156  1.00 9.31  ? 80  ARG A N    1 
ATOM   782  C CA   . ARG A 1 80  ? -5.631  5.766   9.933   1.00 8.98  ? 80  ARG A CA   1 
ATOM   783  C C    . ARG A 1 80  ? -6.551  5.859   8.697   1.00 9.49  ? 80  ARG A C    1 
ATOM   784  O O    . ARG A 1 80  ? -7.321  6.804   8.512   1.00 9.12  ? 80  ARG A O    1 
ATOM   785  C CB   . ARG A 1 80  ? -6.468  5.521   11.190  1.00 7.80  ? 80  ARG A CB   1 
ATOM   786  C CG   . ARG A 1 80  ? -7.360  4.303   11.008  1.00 7.80  ? 80  ARG A CG   1 
ATOM   787  C CD   . ARG A 1 80  ? -8.554  4.226   11.936  1.00 10.98 ? 80  ARG A CD   1 
ATOM   788  N NE   . ARG A 1 80  ? -8.457  2.839   12.226  1.00 17.14 ? 80  ARG A NE   1 
ATOM   789  C CZ   . ARG A 1 80  ? -9.315  1.856   12.013  1.00 14.63 ? 80  ARG A CZ   1 
ATOM   790  N NH1  . ARG A 1 80  ? -10.602 1.941   11.684  1.00 13.83 ? 80  ARG A NH1  1 
ATOM   791  N NH2  . ARG A 1 80  ? -8.768  0.694   12.276  1.00 15.34 ? 80  ARG A NH2  1 
ATOM   792  H H    . ARG A 1 80  ? -4.710  7.296   11.052  1.00 0.00  ? 80  ARG A H    1 
ATOM   793  H HE   . ARG A 1 80  ? -7.630  2.567   12.676  1.00 0.00  ? 80  ARG A HE   1 
ATOM   794  H HH11 . ARG A 1 80  ? -11.035 2.836   11.570  1.00 0.00  ? 80  ARG A HH11 1 
ATOM   795  H HH12 . ARG A 1 80  ? -11.135 1.108   11.543  1.00 0.00  ? 80  ARG A HH12 1 
ATOM   796  H HH21 . ARG A 1 80  ? -7.821  0.636   12.593  1.00 0.00  ? 80  ARG A HH21 1 
ATOM   797  H HH22 . ARG A 1 80  ? -9.332  -0.122  12.230  1.00 0.00  ? 80  ARG A HH22 1 
ATOM   798  N N    . GLY A 1 81  ? -6.408  4.871   7.827   1.00 7.85  ? 81  GLY A N    1 
ATOM   799  C CA   . GLY A 1 81  ? -7.213  4.757   6.624   1.00 8.85  ? 81  GLY A CA   1 
ATOM   800  C C    . GLY A 1 81  ? -6.523  5.281   5.379   1.00 9.00  ? 81  GLY A C    1 
ATOM   801  O O    . GLY A 1 81  ? -7.007  5.082   4.264   1.00 10.42 ? 81  GLY A O    1 
ATOM   802  H H    . GLY A 1 81  ? -5.727  4.203   8.007   1.00 0.00  ? 81  GLY A H    1 
ATOM   803  N N    . THR A 1 82  ? -5.403  5.993   5.519   1.00 8.46  ? 82  THR A N    1 
ATOM   804  C CA   . THR A 1 82  ? -4.668  6.485   4.348   1.00 9.29  ? 82  THR A CA   1 
ATOM   805  C C    . THR A 1 82  ? -3.775  5.398   3.762   1.00 8.58  ? 82  THR A C    1 
ATOM   806  O O    . THR A 1 82  ? -3.316  4.485   4.456   1.00 10.31 ? 82  THR A O    1 
ATOM   807  C CB   . THR A 1 82  ? -3.707  7.713   4.616   1.00 7.86  ? 82  THR A CB   1 
ATOM   808  O OG1  . THR A 1 82  ? -2.750  7.333   5.601   1.00 9.71  ? 82  THR A OG1  1 
ATOM   809  C CG2  . THR A 1 82  ? -4.487  8.964   5.010   1.00 8.86  ? 82  THR A CG2  1 
ATOM   810  H H    . THR A 1 82  ? -5.101  6.269   6.412   1.00 0.00  ? 82  THR A H    1 
ATOM   811  H HG1  . THR A 1 82  ? -2.666  6.377   5.551   1.00 0.00  ? 82  THR A HG1  1 
ATOM   812  N N    . LEU A 1 83  ? -3.562  5.478   2.461   1.00 7.59  ? 83  LEU A N    1 
ATOM   813  C CA   . LEU A 1 83  ? -2.629  4.657   1.723   1.00 6.79  ? 83  LEU A CA   1 
ATOM   814  C C    . LEU A 1 83  ? -1.345  5.452   1.397   1.00 7.08  ? 83  LEU A C    1 
ATOM   815  O O    . LEU A 1 83  ? -1.368  6.611   0.944   1.00 5.89  ? 83  LEU A O    1 
ATOM   816  C CB   . LEU A 1 83  ? -3.266  4.177   0.409   1.00 9.11  ? 83  LEU A CB   1 
ATOM   817  C CG   . LEU A 1 83  ? -4.353  3.076   0.400   1.00 8.98  ? 83  LEU A CG   1 
ATOM   818  C CD1  . LEU A 1 83  ? -5.693  3.566   0.910   1.00 10.28 ? 83  LEU A CD1  1 
ATOM   819  C CD2  . LEU A 1 83  ? -4.525  2.620   -1.040  1.00 12.15 ? 83  LEU A CD2  1 
ATOM   820  H H    . LEU A 1 83  ? -4.086  6.149   1.993   1.00 0.00  ? 83  LEU A H    1 
ATOM   821  N N    . ALA A 1 84  ? -0.208  4.814   1.610   1.00 5.68  ? 84  ALA A N    1 
ATOM   822  C CA   . ALA A 1 84  ? 1.076   5.399   1.261   1.00 5.15  ? 84  ALA A CA   1 
ATOM   823  C C    . ALA A 1 84  ? 1.978   4.395   0.552   1.00 5.46  ? 84  ALA A C    1 
ATOM   824  O O    . ALA A 1 84  ? 1.746   3.183   0.554   1.00 5.21  ? 84  ALA A O    1 
ATOM   825  C CB   . ALA A 1 84  ? 1.808   5.907   2.503   1.00 6.68  ? 84  ALA A CB   1 
ATOM   826  H H    . ALA A 1 84  ? -0.262  3.916   2.006   1.00 0.00  ? 84  ALA A H    1 
ATOM   827  N N    . MET A 1 85  ? 2.989   4.891   -0.126  1.00 5.76  ? 85  MET A N    1 
ATOM   828  C CA   . MET A 1 85  ? 3.886   4.007   -0.829  1.00 7.39  ? 85  MET A CA   1 
ATOM   829  C C    . MET A 1 85  ? 4.983   3.441   0.055   1.00 9.70  ? 85  MET A C    1 
ATOM   830  O O    . MET A 1 85  ? 5.649   4.113   0.865   1.00 8.04  ? 85  MET A O    1 
ATOM   831  C CB   . MET A 1 85  ? 4.540   4.719   -2.004  1.00 7.98  ? 85  MET A CB   1 
ATOM   832  C CG   . MET A 1 85  ? 3.609   5.103   -3.124  1.00 8.22  ? 85  MET A CG   1 
ATOM   833  S SD   . MET A 1 85  ? 2.629   3.761   -3.839  1.00 9.49  ? 85  MET A SD   1 
ATOM   834  C CE   . MET A 1 85  ? 3.869   2.854   -4.730  1.00 10.83 ? 85  MET A CE   1 
ATOM   835  H H    . MET A 1 85  ? 3.080   5.865   -0.159  1.00 0.00  ? 85  MET A H    1 
ATOM   836  N N    . ALA A 1 86  ? 5.132   2.130   -0.092  1.00 8.24  ? 86  ALA A N    1 
ATOM   837  C CA   . ALA A 1 86  ? 6.272   1.479   0.520   1.00 8.03  ? 86  ALA A CA   1 
ATOM   838  C C    . ALA A 1 86  ? 7.429   1.665   -0.457  1.00 9.01  ? 86  ALA A C    1 
ATOM   839  O O    . ALA A 1 86  ? 7.259   2.022   -1.632  1.00 7.03  ? 86  ALA A O    1 
ATOM   840  C CB   . ALA A 1 86  ? 6.042   -0.011  0.712   1.00 9.79  ? 86  ALA A CB   1 
ATOM   841  H H    . ALA A 1 86  ? 4.521   1.650   -0.684  1.00 0.00  ? 86  ALA A H    1 
ATOM   842  N N    . ARG A 1 87  ? 8.651   1.464   0.007   1.00 7.83  ? 87  ARG A N    1 
ATOM   843  C CA   . ARG A 1 87  ? 9.820   1.673   -0.844  1.00 8.92  ? 87  ARG A CA   1 
ATOM   844  C C    . ARG A 1 87  ? 11.059  0.999   -0.243  1.00 9.30  ? 87  ARG A C    1 
ATOM   845  O O    . ARG A 1 87  ? 10.945  0.178   0.672   1.00 13.37 ? 87  ARG A O    1 
ATOM   846  C CB   . ARG A 1 87  ? 10.049  3.191   -1.005  1.00 6.08  ? 87  ARG A CB   1 
ATOM   847  C CG   . ARG A 1 87  ? 10.196  3.942   0.289   1.00 6.66  ? 87  ARG A CG   1 
ATOM   848  C CD   . ARG A 1 87  ? 10.442  5.397   -0.029  1.00 7.07  ? 87  ARG A CD   1 
ATOM   849  N NE   . ARG A 1 87  ? 10.520  6.269   1.148   1.00 8.81  ? 87  ARG A NE   1 
ATOM   850  C CZ   . ARG A 1 87  ? 11.617  6.425   1.910   1.00 7.98  ? 87  ARG A CZ   1 
ATOM   851  N NH1  . ARG A 1 87  ? 12.697  5.657   1.777   1.00 7.42  ? 87  ARG A NH1  1 
ATOM   852  N NH2  . ARG A 1 87  ? 11.621  7.338   2.884   1.00 10.16 ? 87  ARG A NH2  1 
ATOM   853  H H    . ARG A 1 87  ? 8.756   1.155   0.934   1.00 0.00  ? 87  ARG A H    1 
ATOM   854  H HE   . ARG A 1 87  ? 9.718   6.776   1.398   1.00 0.00  ? 87  ARG A HE   1 
ATOM   855  H HH11 . ARG A 1 87  ? 12.715  4.933   1.088   1.00 0.00  ? 87  ARG A HH11 1 
ATOM   856  H HH12 . ARG A 1 87  ? 13.486  5.805   2.372   1.00 0.00  ? 87  ARG A HH12 1 
ATOM   857  H HH21 . ARG A 1 87  ? 10.812  7.902   3.036   1.00 0.00  ? 87  ARG A HH21 1 
ATOM   858  H HH22 . ARG A 1 87  ? 12.434  7.465   3.451   1.00 0.00  ? 87  ARG A HH22 1 
ATOM   859  N N    . THR A 1 88  ? 12.266  1.224   -0.732  1.00 10.34 ? 88  THR A N    1 
ATOM   860  C CA   . THR A 1 88  ? 13.438  0.678   -0.052  1.00 9.77  ? 88  THR A CA   1 
ATOM   861  C C    . THR A 1 88  ? 14.053  1.776   0.817   1.00 11.12 ? 88  THR A C    1 
ATOM   862  O O    . THR A 1 88  ? 13.381  2.765   1.120   1.00 11.60 ? 88  THR A O    1 
ATOM   863  C CB   . THR A 1 88  ? 14.475  0.170   -1.065  1.00 10.16 ? 88  THR A CB   1 
ATOM   864  O OG1  . THR A 1 88  ? 15.107  1.287   -1.667  1.00 12.60 ? 88  THR A OG1  1 
ATOM   865  C CG2  . THR A 1 88  ? 13.817  -0.706  -2.113  1.00 11.54 ? 88  THR A CG2  1 
ATOM   866  H H    . THR A 1 88  ? 12.361  1.835   -1.491  1.00 0.00  ? 88  THR A H    1 
ATOM   867  H HG1  . THR A 1 88  ? 14.764  1.411   -2.567  1.00 0.00  ? 88  THR A HG1  1 
ATOM   868  N N    . GLN A 1 89  ? 15.294  1.716   1.280   1.00 10.49 ? 89  GLN A N    1 
ATOM   869  C CA   . GLN A 1 89  ? 15.824  2.807   2.073   1.00 11.13 ? 89  GLN A CA   1 
ATOM   870  C C    . GLN A 1 89  ? 16.223  4.035   1.260   1.00 11.34 ? 89  GLN A C    1 
ATOM   871  O O    . GLN A 1 89  ? 16.463  5.116   1.802   1.00 13.74 ? 89  GLN A O    1 
ATOM   872  C CB   . GLN A 1 89  ? 16.966  2.230   2.871   1.00 12.93 ? 89  GLN A CB   1 
ATOM   873  C CG   . GLN A 1 89  ? 16.274  1.390   3.944   1.00 18.89 ? 89  GLN A CG   1 
ATOM   874  C CD   . GLN A 1 89  ? 17.147  0.401   4.693   1.00 22.48 ? 89  GLN A CD   1 
ATOM   875  O OE1  . GLN A 1 89  ? 17.927  0.761   5.565   1.00 22.51 ? 89  GLN A OE1  1 
ATOM   876  N NE2  . GLN A 1 89  ? 17.077  -0.886  4.434   1.00 24.59 ? 89  GLN A NE2  1 
ATOM   877  H H    . GLN A 1 89  ? 15.840  0.924   1.075   1.00 0.00  ? 89  GLN A H    1 
ATOM   878  H HE21 . GLN A 1 89  ? 17.647  -1.442  4.988   1.00 0.00  ? 89  GLN A HE21 1 
ATOM   879  H HE22 . GLN A 1 89  ? 16.485  -1.214  3.728   1.00 0.00  ? 89  GLN A HE22 1 
ATOM   880  N N    . ALA A 1 90  ? 16.292  3.938   -0.068  1.00 9.37  ? 90  ALA A N    1 
ATOM   881  C CA   . ALA A 1 90  ? 16.534  5.119   -0.897  1.00 9.20  ? 90  ALA A CA   1 
ATOM   882  C C    . ALA A 1 90  ? 15.215  5.881   -1.048  1.00 8.57  ? 90  ALA A C    1 
ATOM   883  O O    . ALA A 1 90  ? 14.178  5.260   -1.271  1.00 8.69  ? 90  ALA A O    1 
ATOM   884  C CB   . ALA A 1 90  ? 17.021  4.720   -2.288  1.00 8.88  ? 90  ALA A CB   1 
ATOM   885  H H    . ALA A 1 90  ? 16.222  3.047   -0.469  1.00 0.00  ? 90  ALA A H    1 
ATOM   886  N N    . PRO A 1 91  ? 15.098  7.198   -0.941  1.00 11.05 ? 91  PRO A N    1 
ATOM   887  C CA   . PRO A 1 91  ? 13.811  7.905   -1.032  1.00 10.39 ? 91  PRO A CA   1 
ATOM   888  C C    . PRO A 1 91  ? 13.024  7.760   -2.332  1.00 10.80 ? 91  PRO A C    1 
ATOM   889  O O    . PRO A 1 91  ? 11.804  7.728   -2.325  1.00 9.18  ? 91  PRO A O    1 
ATOM   890  C CB   . PRO A 1 91  ? 14.166  9.334   -0.746  1.00 10.65 ? 91  PRO A CB   1 
ATOM   891  C CG   . PRO A 1 91  ? 15.636  9.431   -1.107  1.00 11.65 ? 91  PRO A CG   1 
ATOM   892  C CD   . PRO A 1 91  ? 16.182  8.101   -0.593  1.00 8.78  ? 91  PRO A CD   1 
ATOM   893  N N    . HIS A 1 92  ? 13.696  7.692   -3.486  1.00 8.38  ? 92  HIS A N    1 
ATOM   894  C CA   . HIS A 1 92  ? 13.029  7.658   -4.790  1.00 8.29  ? 92  HIS A CA   1 
ATOM   895  C C    . HIS A 1 92  ? 12.960  6.258   -5.421  1.00 8.50  ? 92  HIS A C    1 
ATOM   896  O O    . HIS A 1 92  ? 13.147  6.029   -6.612  1.00 8.50  ? 92  HIS A O    1 
ATOM   897  C CB   . HIS A 1 92  ? 13.763  8.627   -5.702  1.00 7.43  ? 92  HIS A CB   1 
ATOM   898  C CG   . HIS A 1 92  ? 13.894  10.029  -5.088  1.00 7.83  ? 92  HIS A CG   1 
ATOM   899  N ND1  . HIS A 1 92  ? 14.986  10.770  -4.989  1.00 9.58  ? 92  HIS A ND1  1 
ATOM   900  C CD2  . HIS A 1 92  ? 12.893  10.756  -4.495  1.00 7.22  ? 92  HIS A CD2  1 
ATOM   901  C CE1  . HIS A 1 92  ? 14.699  11.890  -4.376  1.00 9.27  ? 92  HIS A CE1  1 
ATOM   902  N NE2  . HIS A 1 92  ? 13.429  11.866  -4.074  1.00 11.18 ? 92  HIS A NE2  1 
ATOM   903  H H    . HIS A 1 92  ? 14.666  7.528   -3.456  1.00 0.00  ? 92  HIS A H    1 
ATOM   904  H HD1  . HIS A 1 92  ? 15.863  10.518  -5.367  1.00 0.00  ? 92  HIS A HD1  1 
ATOM   905  H HE2  . HIS A 1 92  ? 12.943  12.615  -3.653  1.00 0.00  ? 92  HIS A HE2  1 
ATOM   906  N N    . SER A 1 93  ? 12.600  5.297   -4.580  1.00 5.84  ? 93  SER A N    1 
ATOM   907  C CA   . SER A 1 93  ? 12.615  3.902   -4.968  1.00 5.21  ? 93  SER A CA   1 
ATOM   908  C C    . SER A 1 93  ? 11.282  3.183   -5.001  1.00 7.11  ? 93  SER A C    1 
ATOM   909  O O    . SER A 1 93  ? 11.218  1.989   -5.306  1.00 5.36  ? 93  SER A O    1 
ATOM   910  C CB   . SER A 1 93  ? 13.518  3.147   -4.041  1.00 7.02  ? 93  SER A CB   1 
ATOM   911  O OG   . SER A 1 93  ? 13.021  3.206   -2.711  1.00 5.77  ? 93  SER A OG   1 
ATOM   912  H H    . SER A 1 93  ? 12.280  5.551   -3.694  1.00 0.00  ? 93  SER A H    1 
ATOM   913  H HG   . SER A 1 93  ? 13.424  3.957   -2.252  1.00 0.00  ? 93  SER A HG   1 
ATOM   914  N N    . ALA A 1 94  ? 10.174  3.859   -4.675  1.00 6.36  ? 94  ALA A N    1 
ATOM   915  C CA   . ALA A 1 94  ? 8.869   3.203   -4.710  1.00 3.96  ? 94  ALA A CA   1 
ATOM   916  C C    . ALA A 1 94  ? 8.466   2.751   -6.104  1.00 3.23  ? 94  ALA A C    1 
ATOM   917  O O    . ALA A 1 94  ? 8.754   3.399   -7.109  1.00 5.59  ? 94  ALA A O    1 
ATOM   918  C CB   . ALA A 1 94  ? 7.739   4.100   -4.240  1.00 3.17  ? 94  ALA A CB   1 
ATOM   919  H H    . ALA A 1 94  ? 10.249  4.818   -4.479  1.00 0.00  ? 94  ALA A H    1 
ATOM   920  N N    . THR A 1 95  ? 7.926   1.557   -6.195  1.00 3.22  ? 95  THR A N    1 
ATOM   921  C CA   . THR A 1 95  ? 7.420   1.106   -7.479  1.00 5.77  ? 95  THR A CA   1 
ATOM   922  C C    . THR A 1 95  ? 5.932   0.807   -7.353  1.00 6.35  ? 95  THR A C    1 
ATOM   923  O O    . THR A 1 95  ? 5.133   1.717   -7.571  1.00 7.53  ? 95  THR A O    1 
ATOM   924  C CB   . THR A 1 95  ? 8.208   -0.150  -7.986  1.00 6.40  ? 95  THR A CB   1 
ATOM   925  O OG1  . THR A 1 95  ? 8.258   -1.086  -6.914  1.00 8.17  ? 95  THR A OG1  1 
ATOM   926  C CG2  . THR A 1 95  ? 9.630   0.189   -8.433  1.00 5.81  ? 95  THR A CG2  1 
ATOM   927  H H    . THR A 1 95  ? 7.961   0.986   -5.407  1.00 0.00  ? 95  THR A H    1 
ATOM   928  H HG1  . THR A 1 95  ? 9.138   -1.033  -6.494  1.00 0.00  ? 95  THR A HG1  1 
ATOM   929  N N    . ALA A 1 96  ? 5.504   -0.385  -6.917  1.00 6.96  ? 96  ALA A N    1 
ATOM   930  C CA   . ALA A 1 96  ? 4.077   -0.744  -6.849  1.00 7.89  ? 96  ALA A CA   1 
ATOM   931  C C    . ALA A 1 96  ? 3.482   -1.086  -5.483  1.00 6.45  ? 96  ALA A C    1 
ATOM   932  O O    . ALA A 1 96  ? 2.279   -1.141  -5.274  1.00 7.94  ? 96  ALA A O    1 
ATOM   933  C CB   . ALA A 1 96  ? 3.815   -1.943  -7.748  1.00 8.30  ? 96  ALA A CB   1 
ATOM   934  H H    . ALA A 1 96  ? 6.185   -1.069  -6.747  1.00 0.00  ? 96  ALA A H    1 
ATOM   935  N N    . GLN A 1 97  ? 4.339   -1.359  -4.515  1.00 5.17  ? 97  GLN A N    1 
ATOM   936  C CA   . GLN A 1 97  ? 3.892   -1.680  -3.163  1.00 6.04  ? 97  GLN A CA   1 
ATOM   937  C C    . GLN A 1 97  ? 3.424   -0.481  -2.350  1.00 6.03  ? 97  GLN A C    1 
ATOM   938  O O    . GLN A 1 97  ? 4.059   0.578   -2.263  1.00 6.18  ? 97  GLN A O    1 
ATOM   939  C CB   . GLN A 1 97  ? 4.998   -2.369  -2.367  1.00 6.99  ? 97  GLN A CB   1 
ATOM   940  C CG   . GLN A 1 97  ? 5.303   -3.753  -2.904  1.00 10.25 ? 97  GLN A CG   1 
ATOM   941  C CD   . GLN A 1 97  ? 6.308   -4.474  -2.051  1.00 11.48 ? 97  GLN A CD   1 
ATOM   942  O OE1  . GLN A 1 97  ? 6.130   -4.668  -0.852  1.00 12.48 ? 97  GLN A OE1  1 
ATOM   943  N NE2  . GLN A 1 97  ? 7.357   -5.002  -2.614  1.00 13.41 ? 97  GLN A NE2  1 
ATOM   944  H H    . GLN A 1 97  ? 5.282   -1.375  -4.747  1.00 0.00  ? 97  GLN A H    1 
ATOM   945  H HE21 . GLN A 1 97  ? 8.025   -5.369  -2.001  1.00 0.00  ? 97  GLN A HE21 1 
ATOM   946  H HE22 . GLN A 1 97  ? 7.436   -4.967  -3.587  1.00 0.00  ? 97  GLN A HE22 1 
ATOM   947  N N    . PHE A 1 98  ? 2.278   -0.695  -1.741  1.00 6.74  ? 98  PHE A N    1 
ATOM   948  C CA   . PHE A 1 98  ? 1.619   0.321   -0.933  1.00 7.38  ? 98  PHE A CA   1 
ATOM   949  C C    . PHE A 1 98  ? 1.271   -0.323  0.396   1.00 6.28  ? 98  PHE A C    1 
ATOM   950  O O    . PHE A 1 98  ? 1.243   -1.547  0.535   1.00 8.73  ? 98  PHE A O    1 
ATOM   951  C CB   . PHE A 1 98  ? 0.311   0.823   -1.632  1.00 7.84  ? 98  PHE A CB   1 
ATOM   952  C CG   . PHE A 1 98  ? -0.696  -0.301  -1.849  1.00 8.27  ? 98  PHE A CG   1 
ATOM   953  C CD1  . PHE A 1 98  ? -1.597  -0.638  -0.867  1.00 9.86  ? 98  PHE A CD1  1 
ATOM   954  C CD2  . PHE A 1 98  ? -0.622  -1.048  -3.002  1.00 10.22 ? 98  PHE A CD2  1 
ATOM   955  C CE1  . PHE A 1 98  ? -2.412  -1.734  -1.028  1.00 13.01 ? 98  PHE A CE1  1 
ATOM   956  C CE2  . PHE A 1 98  ? -1.443  -2.146  -3.160  1.00 12.07 ? 98  PHE A CE2  1 
ATOM   957  C CZ   . PHE A 1 98  ? -2.333  -2.491  -2.175  1.00 12.48 ? 98  PHE A CZ   1 
ATOM   958  H H    . PHE A 1 98  ? 1.861   -1.578  -1.840  1.00 0.00  ? 98  PHE A H    1 
ATOM   959  N N    . PHE A 1 99  ? 0.940   0.489   1.373   1.00 6.85  ? 99  PHE A N    1 
ATOM   960  C CA   . PHE A 1 99  ? 0.410   -0.004  2.632   1.00 5.17  ? 99  PHE A CA   1 
ATOM   961  C C    . PHE A 1 99  ? -0.733  0.893   3.091   1.00 6.82  ? 99  PHE A C    1 
ATOM   962  O O    . PHE A 1 99  ? -0.840  2.081   2.752   1.00 6.66  ? 99  PHE A O    1 
ATOM   963  C CB   . PHE A 1 99  ? 1.493   -0.035  3.704   1.00 4.69  ? 99  PHE A CB   1 
ATOM   964  C CG   . PHE A 1 99  ? 2.234   1.259   4.008   1.00 6.09  ? 99  PHE A CG   1 
ATOM   965  C CD1  . PHE A 1 99  ? 3.369   1.604   3.286   1.00 6.71  ? 99  PHE A CD1  1 
ATOM   966  C CD2  . PHE A 1 99  ? 1.799   2.071   5.045   1.00 7.69  ? 99  PHE A CD2  1 
ATOM   967  C CE1  . PHE A 1 99  ? 4.064   2.756   3.607   1.00 7.51  ? 99  PHE A CE1  1 
ATOM   968  C CE2  . PHE A 1 99  ? 2.499   3.218   5.356   1.00 6.92  ? 99  PHE A CE2  1 
ATOM   969  C CZ   . PHE A 1 99  ? 3.632   3.560   4.638   1.00 8.72  ? 99  PHE A CZ   1 
ATOM   970  H H    . PHE A 1 99  ? 1.063   1.456   1.231   1.00 0.00  ? 99  PHE A H    1 
ATOM   971  N N    . ILE A 1 100 ? -1.649  0.312   3.834   1.00 7.51  ? 100 ILE A N    1 
ATOM   972  C CA   . ILE A 1 100 ? -2.752  1.041   4.434   1.00 6.19  ? 100 ILE A CA   1 
ATOM   973  C C    . ILE A 1 100 ? -2.486  1.191   5.930   1.00 5.11  ? 100 ILE A C    1 
ATOM   974  O O    . ILE A 1 100 ? -2.247  0.219   6.651   1.00 5.28  ? 100 ILE A O    1 
ATOM   975  C CB   . ILE A 1 100 ? -4.099  0.297   4.203   1.00 6.58  ? 100 ILE A CB   1 
ATOM   976  C CG1  . ILE A 1 100 ? -4.342  0.016   2.713   1.00 7.68  ? 100 ILE A CG1  1 
ATOM   977  C CG2  . ILE A 1 100 ? -5.233  1.189   4.742   1.00 7.03  ? 100 ILE A CG2  1 
ATOM   978  C CD1  . ILE A 1 100 ? -5.513  -0.929  2.445   1.00 7.38  ? 100 ILE A CD1  1 
ATOM   979  H H    . ILE A 1 100 ? -1.573  -0.652  3.970   1.00 0.00  ? 100 ILE A H    1 
ATOM   980  N N    . ASN A 1 101 ? -2.450  2.435   6.398   1.00 6.12  ? 101 ASN A N    1 
ATOM   981  C CA   . ASN A 1 101 ? -2.275  2.733   7.817   1.00 8.16  ? 101 ASN A CA   1 
ATOM   982  C C    . ASN A 1 101 ? -3.509  2.335   8.615   1.00 7.48  ? 101 ASN A C    1 
ATOM   983  O O    . ASN A 1 101 ? -4.609  2.823   8.360   1.00 8.74  ? 101 ASN A O    1 
ATOM   984  C CB   . ASN A 1 101 ? -2.011  4.229   8.025   1.00 8.05  ? 101 ASN A CB   1 
ATOM   985  C CG   . ASN A 1 101 ? -0.630  4.641   7.546   1.00 7.64  ? 101 ASN A CG   1 
ATOM   986  O OD1  . ASN A 1 101 ? 0.392   4.219   8.064   1.00 6.73  ? 101 ASN A OD1  1 
ATOM   987  N ND2  . ASN A 1 101 ? -0.483  5.480   6.564   1.00 7.21  ? 101 ASN A ND2  1 
ATOM   988  H H    . ASN A 1 101 ? -2.556  3.152   5.736   1.00 0.00  ? 101 ASN A H    1 
ATOM   989  H HD21 . ASN A 1 101 ? 0.454   5.631   6.327   1.00 0.00  ? 101 ASN A HD21 1 
ATOM   990  H HD22 . ASN A 1 101 ? -1.240  5.922   6.156   1.00 0.00  ? 101 ASN A HD22 1 
ATOM   991  N N    . VAL A 1 102 ? -3.400  1.430   9.572   1.00 7.01  ? 102 VAL A N    1 
ATOM   992  C CA   . VAL A 1 102 ? -4.593  1.045   10.333  1.00 7.60  ? 102 VAL A CA   1 
ATOM   993  C C    . VAL A 1 102 ? -4.719  1.786   11.665  1.00 9.71  ? 102 VAL A C    1 
ATOM   994  O O    . VAL A 1 102 ? -5.658  1.618   12.432  1.00 10.10 ? 102 VAL A O    1 
ATOM   995  C CB   . VAL A 1 102 ? -4.603  -0.508  10.554  1.00 7.82  ? 102 VAL A CB   1 
ATOM   996  C CG1  . VAL A 1 102 ? -4.628  -1.205  9.195   1.00 6.15  ? 102 VAL A CG1  1 
ATOM   997  C CG2  . VAL A 1 102 ? -3.398  -0.959  11.360  1.00 6.59  ? 102 VAL A CG2  1 
ATOM   998  H H    . VAL A 1 102 ? -2.521  1.012   9.712   1.00 0.00  ? 102 VAL A H    1 
ATOM   999  N N    . VAL A 1 103 ? -3.712  2.600   11.957  1.00 9.16  ? 103 VAL A N    1 
ATOM   1000 C CA   . VAL A 1 103 ? -3.687  3.556   13.064  1.00 9.39  ? 103 VAL A CA   1 
ATOM   1001 C C    . VAL A 1 103 ? -2.965  4.811   12.552  1.00 9.63  ? 103 VAL A C    1 
ATOM   1002 O O    . VAL A 1 103 ? -2.464  4.855   11.423  1.00 7.53  ? 103 VAL A O    1 
ATOM   1003 C CB   . VAL A 1 103 ? -2.908  3.058   14.337  1.00 9.29  ? 103 VAL A CB   1 
ATOM   1004 C CG1  . VAL A 1 103 ? -3.619  1.855   14.968  1.00 6.56  ? 103 VAL A CG1  1 
ATOM   1005 C CG2  . VAL A 1 103 ? -1.462  2.718   13.967  1.00 9.18  ? 103 VAL A CG2  1 
ATOM   1006 H H    . VAL A 1 103 ? -2.915  2.548   11.390  1.00 0.00  ? 103 VAL A H    1 
ATOM   1007 N N    . ASP A 1 104 ? -2.944  5.906   13.319  1.00 11.27 ? 104 ASP A N    1 
ATOM   1008 C CA   . ASP A 1 104 ? -2.164  7.088   12.937  1.00 10.30 ? 104 ASP A CA   1 
ATOM   1009 C C    . ASP A 1 104 ? -0.674  6.863   13.203  1.00 10.60 ? 104 ASP A C    1 
ATOM   1010 O O    . ASP A 1 104 ? -0.233  6.662   14.337  1.00 10.24 ? 104 ASP A O    1 
ATOM   1011 C CB   . ASP A 1 104 ? -2.579  8.330   13.726  1.00 12.12 ? 104 ASP A CB   1 
ATOM   1012 C CG   . ASP A 1 104 ? -3.974  8.906   13.502  1.00 14.57 ? 104 ASP A CG   1 
ATOM   1013 O OD1  . ASP A 1 104 ? -4.742  8.431   12.663  1.00 11.27 ? 104 ASP A OD1  1 
ATOM   1014 O OD2  . ASP A 1 104 ? -4.296  9.862   14.205  1.00 18.90 ? 104 ASP A OD2  1 
ATOM   1015 H H    . ASP A 1 104 ? -3.384  5.864   14.193  1.00 0.00  ? 104 ASP A H    1 
ATOM   1016 N N    . ASN A 1 105 ? 0.093   6.844   12.123  1.00 8.84  ? 105 ASN A N    1 
ATOM   1017 C CA   . ASN A 1 105 ? 1.526   6.626   12.189  1.00 8.47  ? 105 ASN A CA   1 
ATOM   1018 C C    . ASN A 1 105 ? 2.261   7.892   11.843  1.00 9.90  ? 105 ASN A C    1 
ATOM   1019 O O    . ASN A 1 105 ? 2.832   8.070   10.766  1.00 7.35  ? 105 ASN A O    1 
ATOM   1020 C CB   . ASN A 1 105 ? 1.911   5.531   11.228  1.00 8.01  ? 105 ASN A CB   1 
ATOM   1021 C CG   . ASN A 1 105 ? 1.340   4.225   11.700  1.00 7.64  ? 105 ASN A CG   1 
ATOM   1022 O OD1  . ASN A 1 105 ? 1.531   3.797   12.833  1.00 9.27  ? 105 ASN A OD1  1 
ATOM   1023 N ND2  . ASN A 1 105 ? 0.627   3.518   10.866  1.00 7.24  ? 105 ASN A ND2  1 
ATOM   1024 H H    . ASN A 1 105 ? -0.350  6.935   11.255  1.00 0.00  ? 105 ASN A H    1 
ATOM   1025 H HD21 . ASN A 1 105 ? 0.283   2.680   11.229  1.00 0.00  ? 105 ASN A HD21 1 
ATOM   1026 H HD22 . ASN A 1 105 ? 0.497   3.859   9.960   1.00 0.00  ? 105 ASN A HD22 1 
ATOM   1027 N N    . ASP A 1 106 ? 2.278   8.809   12.801  1.00 12.29 ? 106 ASP A N    1 
ATOM   1028 C CA   . ASP A 1 106 ? 2.860   10.119  12.561  1.00 14.08 ? 106 ASP A CA   1 
ATOM   1029 C C    . ASP A 1 106 ? 4.362   10.069  12.349  1.00 12.17 ? 106 ASP A C    1 
ATOM   1030 O O    . ASP A 1 106 ? 4.910   10.922  11.645  1.00 14.36 ? 106 ASP A O    1 
ATOM   1031 C CB   . ASP A 1 106 ? 2.507   11.047  13.736  1.00 20.24 ? 106 ASP A CB   1 
ATOM   1032 C CG   . ASP A 1 106 ? 1.017   11.440  13.807  1.00 24.89 ? 106 ASP A CG   1 
ATOM   1033 O OD1  . ASP A 1 106 ? 0.331   11.524  12.770  1.00 29.24 ? 106 ASP A OD1  1 
ATOM   1034 O OD2  . ASP A 1 106 ? 0.545   11.680  14.921  1.00 28.15 ? 106 ASP A OD2  1 
ATOM   1035 H H    . ASP A 1 106 ? 2.030   8.528   13.715  1.00 0.00  ? 106 ASP A H    1 
ATOM   1036 N N    . PHE A 1 107 ? 5.027   9.040   12.898  1.00 9.31  ? 107 PHE A N    1 
ATOM   1037 C CA   . PHE A 1 107 ? 6.443   8.800   12.633  1.00 9.78  ? 107 PHE A CA   1 
ATOM   1038 C C    . PHE A 1 107 ? 6.810   8.580   11.164  1.00 7.89  ? 107 PHE A C    1 
ATOM   1039 O O    . PHE A 1 107 ? 7.974   8.675   10.802  1.00 8.52  ? 107 PHE A O    1 
ATOM   1040 C CB   . PHE A 1 107 ? 6.940   7.584   13.474  1.00 11.92 ? 107 PHE A CB   1 
ATOM   1041 C CG   . PHE A 1 107 ? 6.257   6.226   13.266  1.00 13.96 ? 107 PHE A CG   1 
ATOM   1042 C CD1  . PHE A 1 107 ? 5.051   5.951   13.882  1.00 14.96 ? 107 PHE A CD1  1 
ATOM   1043 C CD2  . PHE A 1 107 ? 6.827   5.270   12.452  1.00 14.77 ? 107 PHE A CD2  1 
ATOM   1044 C CE1  . PHE A 1 107 ? 4.424   4.744   13.685  1.00 14.26 ? 107 PHE A CE1  1 
ATOM   1045 C CE2  . PHE A 1 107 ? 6.186   4.063   12.258  1.00 13.22 ? 107 PHE A CE2  1 
ATOM   1046 C CZ   . PHE A 1 107 ? 4.992   3.801   12.871  1.00 13.72 ? 107 PHE A CZ   1 
ATOM   1047 H H    . PHE A 1 107 ? 4.590   8.574   13.650  1.00 0.00  ? 107 PHE A H    1 
ATOM   1048 N N    . LEU A 1 108 ? 5.835   8.246   10.300  1.00 8.06  ? 108 LEU A N    1 
ATOM   1049 C CA   . LEU A 1 108 ? 6.048   8.037   8.870   1.00 6.56  ? 108 LEU A CA   1 
ATOM   1050 C C    . LEU A 1 108 ? 5.945   9.275   7.992   1.00 7.21  ? 108 LEU A C    1 
ATOM   1051 O O    . LEU A 1 108 ? 6.170   9.236   6.775   1.00 7.96  ? 108 LEU A O    1 
ATOM   1052 C CB   . LEU A 1 108 ? 5.047   7.012   8.342   1.00 7.28  ? 108 LEU A CB   1 
ATOM   1053 C CG   . LEU A 1 108 ? 5.039   5.602   8.932   1.00 4.92  ? 108 LEU A CG   1 
ATOM   1054 C CD1  . LEU A 1 108 ? 3.930   4.802   8.281   1.00 6.26  ? 108 LEU A CD1  1 
ATOM   1055 C CD2  . LEU A 1 108 ? 6.397   4.936   8.733   1.00 6.95  ? 108 LEU A CD2  1 
ATOM   1056 H H    . LEU A 1 108 ? 4.931   8.127   10.661  1.00 0.00  ? 108 LEU A H    1 
ATOM   1057 N N    . ASN A 1 109 ? 5.535   10.401  8.570   1.00 7.07  ? 109 ASN A N    1 
ATOM   1058 C CA   . ASN A 1 109 ? 5.415   11.625  7.784   1.00 9.46  ? 109 ASN A CA   1 
ATOM   1059 C C    . ASN A 1 109 ? 6.722   12.302  7.363   1.00 7.50  ? 109 ASN A C    1 
ATOM   1060 O O    . ASN A 1 109 ? 7.722   12.242  8.065   1.00 8.76  ? 109 ASN A O    1 
ATOM   1061 C CB   . ASN A 1 109 ? 4.575   12.653  8.555   1.00 9.51  ? 109 ASN A CB   1 
ATOM   1062 C CG   . ASN A 1 109 ? 3.205   12.122  8.912   1.00 10.55 ? 109 ASN A CG   1 
ATOM   1063 O OD1  . ASN A 1 109 ? 2.707   11.161  8.341   1.00 10.63 ? 109 ASN A OD1  1 
ATOM   1064 N ND2  . ASN A 1 109 ? 2.495   12.648  9.884   1.00 12.59 ? 109 ASN A ND2  1 
ATOM   1065 H H    . ASN A 1 109 ? 5.422   10.417  9.543   1.00 0.00  ? 109 ASN A H    1 
ATOM   1066 H HD21 . ASN A 1 109 ? 1.626   12.232  10.035  1.00 0.00  ? 109 ASN A HD21 1 
ATOM   1067 H HD22 . ASN A 1 109 ? 2.876   13.395  10.383  1.00 0.00  ? 109 ASN A HD22 1 
ATOM   1068 N N    . PHE A 1 110 ? 6.737   12.947  6.199   1.00 8.42  ? 110 PHE A N    1 
ATOM   1069 C CA   . PHE A 1 110 ? 7.852   13.792  5.773   1.00 8.90  ? 110 PHE A CA   1 
ATOM   1070 C C    . PHE A 1 110 ? 8.271   14.822  6.845   1.00 9.38  ? 110 PHE A C    1 
ATOM   1071 O O    . PHE A 1 110 ? 7.441   15.552  7.399   1.00 8.45  ? 110 PHE A O    1 
ATOM   1072 C CB   . PHE A 1 110 ? 7.468   14.549  4.471   1.00 6.97  ? 110 PHE A CB   1 
ATOM   1073 C CG   . PHE A 1 110 ? 8.520   15.536  3.969   1.00 6.85  ? 110 PHE A CG   1 
ATOM   1074 C CD1  . PHE A 1 110 ? 8.522   16.858  4.405   1.00 7.89  ? 110 PHE A CD1  1 
ATOM   1075 C CD2  . PHE A 1 110 ? 9.493   15.115  3.089   1.00 7.28  ? 110 PHE A CD2  1 
ATOM   1076 C CE1  . PHE A 1 110 ? 9.486   17.732  3.964   1.00 6.75  ? 110 PHE A CE1  1 
ATOM   1077 C CE2  . PHE A 1 110 ? 10.454  16.007  2.658   1.00 5.95  ? 110 PHE A CE2  1 
ATOM   1078 C CZ   . PHE A 1 110 ? 10.456  17.312  3.089   1.00 7.27  ? 110 PHE A CZ   1 
ATOM   1079 H H    . PHE A 1 110 ? 5.951   12.851  5.626   1.00 0.00  ? 110 PHE A H    1 
ATOM   1080 N N    . SER A 1 111 ? 9.545   14.903  7.192   1.00 9.00  ? 111 SER A N    1 
ATOM   1081 C CA   . SER A 1 111 ? 10.045  15.995  8.032   1.00 10.44 ? 111 SER A CA   1 
ATOM   1082 C C    . SER A 1 111 ? 11.217  16.741  7.390   1.00 10.77 ? 111 SER A C    1 
ATOM   1083 O O    . SER A 1 111 ? 11.621  17.801  7.874   1.00 13.25 ? 111 SER A O    1 
ATOM   1084 C CB   . SER A 1 111 ? 10.516  15.499  9.405   1.00 11.01 ? 111 SER A CB   1 
ATOM   1085 O OG   . SER A 1 111 ? 11.513  14.490  9.267   1.00 13.87 ? 111 SER A OG   1 
ATOM   1086 H H    . SER A 1 111 ? 10.084  14.109  7.005   1.00 0.00  ? 111 SER A H    1 
ATOM   1087 H HG   . SER A 1 111 ? 12.091  14.349  10.013  1.00 0.00  ? 111 SER A HG   1 
ATOM   1088 N N    . GLY A 1 112 ? 11.789  16.246  6.299   1.00 8.85  ? 112 GLY A N    1 
ATOM   1089 C CA   . GLY A 1 112 ? 12.880  16.936  5.621   1.00 10.07 ? 112 GLY A CA   1 
ATOM   1090 C C    . GLY A 1 112 ? 13.459  16.183  4.445   1.00 9.51  ? 112 GLY A C    1 
ATOM   1091 O O    . GLY A 1 112 ? 13.322  14.968  4.378   1.00 11.70 ? 112 GLY A O    1 
ATOM   1092 H H    . GLY A 1 112 ? 11.505  15.355  5.989   1.00 0.00  ? 112 GLY A H    1 
ATOM   1093 N N    . GLU A 1 113 ? 14.060  16.803  3.442   1.00 10.40 ? 113 GLU A N    1 
ATOM   1094 C CA   . GLU A 1 113 ? 14.634  16.036  2.345   1.00 14.18 ? 113 GLU A CA   1 
ATOM   1095 C C    . GLU A 1 113 ? 15.994  15.439  2.700   1.00 16.18 ? 113 GLU A C    1 
ATOM   1096 O O    . GLU A 1 113 ? 17.087  15.934  2.408   1.00 17.21 ? 113 GLU A O    1 
ATOM   1097 C CB   . GLU A 1 113 ? 14.762  16.914  1.107   1.00 16.63 ? 113 GLU A CB   1 
ATOM   1098 C CG   . GLU A 1 113 ? 13.423  17.403  0.543   1.00 22.51 ? 113 GLU A CG   1 
ATOM   1099 C CD   . GLU A 1 113 ? 13.482  18.264  -0.727  1.00 25.28 ? 113 GLU A CD   1 
ATOM   1100 O OE1  . GLU A 1 113 ? 14.556  18.450  -1.300  1.00 27.77 ? 113 GLU A OE1  1 
ATOM   1101 O OE2  . GLU A 1 113 ? 12.432  18.753  -1.154  1.00 25.64 ? 113 GLU A OE2  1 
ATOM   1102 H H    . GLU A 1 113 ? 14.057  17.783  3.425   1.00 0.00  ? 113 GLU A H    1 
ATOM   1103 N N    . SER A 1 114 ? 15.907  14.353  3.443   1.00 15.47 ? 114 SER A N    1 
ATOM   1104 C CA   . SER A 1 114 ? 17.088  13.629  3.905   1.00 15.53 ? 114 SER A CA   1 
ATOM   1105 C C    . SER A 1 114 ? 16.759  12.134  3.965   1.00 15.86 ? 114 SER A C    1 
ATOM   1106 O O    . SER A 1 114 ? 15.570  11.779  3.983   1.00 17.57 ? 114 SER A O    1 
ATOM   1107 C CB   . SER A 1 114 ? 17.526  14.105  5.315   1.00 13.49 ? 114 SER A CB   1 
ATOM   1108 O OG   . SER A 1 114 ? 16.809  13.458  6.363   1.00 18.96 ? 114 SER A OG   1 
ATOM   1109 H H    . SER A 1 114 ? 15.008  14.044  3.697   1.00 0.00  ? 114 SER A H    1 
ATOM   1110 H HG   . SER A 1 114 ? 17.315  13.462  7.190   1.00 0.00  ? 114 SER A HG   1 
ATOM   1111 N N    . LEU A 1 115 ? 17.742  11.221  4.030   1.00 13.36 ? 115 LEU A N    1 
ATOM   1112 C CA   . LEU A 1 115 ? 17.456  9.794   4.069   1.00 13.61 ? 115 LEU A CA   1 
ATOM   1113 C C    . LEU A 1 115 ? 16.491  9.397   5.190   1.00 14.54 ? 115 LEU A C    1 
ATOM   1114 O O    . LEU A 1 115 ? 15.588  8.604   4.990   1.00 11.94 ? 115 LEU A O    1 
ATOM   1115 C CB   . LEU A 1 115 ? 18.772  9.013   4.210   1.00 13.32 ? 115 LEU A CB   1 
ATOM   1116 C CG   . LEU A 1 115 ? 19.759  9.034   3.029   1.00 12.75 ? 115 LEU A CG   1 
ATOM   1117 C CD1  . LEU A 1 115 ? 21.028  8.309   3.397   1.00 14.36 ? 115 LEU A CD1  1 
ATOM   1118 C CD2  . LEU A 1 115 ? 19.149  8.353   1.835   1.00 14.47 ? 115 LEU A CD2  1 
ATOM   1119 H H    . LEU A 1 115 ? 18.667  11.532  3.997   1.00 0.00  ? 115 LEU A H    1 
ATOM   1120 N N    . GLN A 1 116 ? 16.591  9.990   6.381   1.00 16.68 ? 116 GLN A N    1 
ATOM   1121 C CA   . GLN A 1 116 ? 15.647  9.657   7.459   1.00 18.93 ? 116 GLN A CA   1 
ATOM   1122 C C    . GLN A 1 116 ? 14.406  10.533  7.553   1.00 15.14 ? 116 GLN A C    1 
ATOM   1123 O O    . GLN A 1 116 ? 13.401  10.165  8.155   1.00 15.82 ? 116 GLN A O    1 
ATOM   1124 C CB   . GLN A 1 116 ? 16.365  9.700   8.810   1.00 21.89 ? 116 GLN A CB   1 
ATOM   1125 C CG   . GLN A 1 116 ? 17.660  8.898   8.847   1.00 26.18 ? 116 GLN A CG   1 
ATOM   1126 C CD   . GLN A 1 116 ? 17.518  7.428   8.469   1.00 27.85 ? 116 GLN A CD   1 
ATOM   1127 O OE1  . GLN A 1 116 ? 16.656  6.718   8.960   1.00 30.38 ? 116 GLN A OE1  1 
ATOM   1128 N NE2  . GLN A 1 116 ? 18.255  6.851   7.540   1.00 27.46 ? 116 GLN A NE2  1 
ATOM   1129 H H    . GLN A 1 116 ? 17.323  10.619  6.524   1.00 0.00  ? 116 GLN A H    1 
ATOM   1130 H HE21 . GLN A 1 116 ? 18.059  5.898   7.428   1.00 0.00  ? 116 GLN A HE21 1 
ATOM   1131 H HE22 . GLN A 1 116 ? 18.904  7.366   7.040   1.00 0.00  ? 116 GLN A HE22 1 
ATOM   1132 N N    . GLY A 1 117 ? 14.479  11.720  6.961   1.00 13.21 ? 117 GLY A N    1 
ATOM   1133 C CA   . GLY A 1 117 ? 13.373  12.648  7.027   1.00 10.93 ? 117 GLY A CA   1 
ATOM   1134 C C    . GLY A 1 117 ? 12.370  12.520  5.894   1.00 9.99  ? 117 GLY A C    1 
ATOM   1135 O O    . GLY A 1 117 ? 11.231  12.944  6.085   1.00 10.23 ? 117 GLY A O    1 
ATOM   1136 H H    . GLY A 1 117 ? 15.294  11.975  6.484   1.00 0.00  ? 117 GLY A H    1 
ATOM   1137 N N    . TRP A 1 118 ? 12.706  11.940  4.730   1.00 7.85  ? 118 TRP A N    1 
ATOM   1138 C CA   . TRP A 1 118 ? 11.789  11.931  3.589   1.00 8.21  ? 118 TRP A CA   1 
ATOM   1139 C C    . TRP A 1 118 ? 10.423  11.317  3.846   1.00 6.02  ? 118 TRP A C    1 
ATOM   1140 O O    . TRP A 1 118 ? 9.403   11.755  3.309   1.00 9.83  ? 118 TRP A O    1 
ATOM   1141 C CB   . TRP A 1 118 ? 12.454  11.200  2.394   1.00 10.17 ? 118 TRP A CB   1 
ATOM   1142 C CG   . TRP A 1 118 ? 12.981  12.120  1.285   1.00 12.26 ? 118 TRP A CG   1 
ATOM   1143 C CD1  . TRP A 1 118 ? 14.333  12.227  1.049   1.00 14.41 ? 118 TRP A CD1  1 
ATOM   1144 C CD2  . TRP A 1 118 ? 12.245  12.885  0.409   1.00 12.96 ? 118 TRP A CD2  1 
ATOM   1145 N NE1  . TRP A 1 118 ? 14.472  13.059  0.039   1.00 13.99 ? 118 TRP A NE1  1 
ATOM   1146 C CE2  . TRP A 1 118 ? 13.255  13.471  -0.366  1.00 14.63 ? 118 TRP A CE2  1 
ATOM   1147 C CE3  . TRP A 1 118 ? 10.915  13.185  0.168   1.00 11.86 ? 118 TRP A CE3  1 
ATOM   1148 C CZ2  . TRP A 1 118 ? 12.979  14.354  -1.400  1.00 13.57 ? 118 TRP A CZ2  1 
ATOM   1149 C CZ3  . TRP A 1 118 ? 10.645  14.067  -0.858  1.00 13.98 ? 118 TRP A CZ3  1 
ATOM   1150 C CH2  . TRP A 1 118 ? 11.653  14.638  -1.636  1.00 13.73 ? 118 TRP A CH2  1 
ATOM   1151 H H    . TRP A 1 118 ? 13.610  11.570  4.638   1.00 0.00  ? 118 TRP A H    1 
ATOM   1152 H HE1  . TRP A 1 118 ? 15.346  13.409  -0.250  1.00 0.00  ? 118 TRP A HE1  1 
ATOM   1153 N N    . GLY A 1 119 ? 10.390  10.315  4.707   1.00 3.48  ? 119 GLY A N    1 
ATOM   1154 C CA   . GLY A 1 119 ? 9.141   9.644   5.036   1.00 6.04  ? 119 GLY A CA   1 
ATOM   1155 C C    . GLY A 1 119 ? 8.455   8.897   3.875   1.00 5.90  ? 119 GLY A C    1 
ATOM   1156 O O    . GLY A 1 119 ? 9.020   8.517   2.844   1.00 7.66  ? 119 GLY A O    1 
ATOM   1157 H H    . GLY A 1 119 ? 11.232  10.073  5.147   1.00 0.00  ? 119 GLY A H    1 
ATOM   1158 N N    . TYR A 1 120 ? 7.161   8.654   4.049   1.00 7.14  ? 120 TYR A N    1 
ATOM   1159 C CA   . TYR A 1 120 ? 6.377   7.846   3.116   1.00 4.57  ? 120 TYR A CA   1 
ATOM   1160 C C    . TYR A 1 120 ? 5.210   8.634   2.561   1.00 5.61  ? 120 TYR A C    1 
ATOM   1161 O O    . TYR A 1 120 ? 4.403   9.247   3.270   1.00 7.62  ? 120 TYR A O    1 
ATOM   1162 C CB   . TYR A 1 120 ? 5.913   6.577   3.848   1.00 5.08  ? 120 TYR A CB   1 
ATOM   1163 C CG   . TYR A 1 120 ? 7.142   5.788   4.299   1.00 4.46  ? 120 TYR A CG   1 
ATOM   1164 C CD1  . TYR A 1 120 ? 7.755   4.893   3.443   1.00 5.81  ? 120 TYR A CD1  1 
ATOM   1165 C CD2  . TYR A 1 120 ? 7.706   6.096   5.523   1.00 6.71  ? 120 TYR A CD2  1 
ATOM   1166 C CE1  . TYR A 1 120 ? 8.952   4.308   3.812   1.00 7.36  ? 120 TYR A CE1  1 
ATOM   1167 C CE2  . TYR A 1 120 ? 8.896   5.527   5.896   1.00 7.87  ? 120 TYR A CE2  1 
ATOM   1168 C CZ   . TYR A 1 120 ? 9.508   4.638   5.035   1.00 8.79  ? 120 TYR A CZ   1 
ATOM   1169 O OH   . TYR A 1 120 ? 10.753  4.140   5.388   1.00 10.98 ? 120 TYR A OH   1 
ATOM   1170 H H    . TYR A 1 120 ? 6.743   9.001   4.865   1.00 0.00  ? 120 TYR A H    1 
ATOM   1171 H HH   . TYR A 1 120 ? 11.290  4.862   5.755   1.00 0.00  ? 120 TYR A HH   1 
ATOM   1172 N N    . CYS A 1 121 ? 5.185   8.613   1.244   1.00 6.41  ? 121 CYS A N    1 
ATOM   1173 C CA   . CYS A 1 121 ? 4.222   9.392   0.484   1.00 5.06  ? 121 CYS A CA   1 
ATOM   1174 C C    . CYS A 1 121 ? 2.773   8.938   0.496   1.00 6.19  ? 121 CYS A C    1 
ATOM   1175 O O    . CYS A 1 121 ? 2.450   7.920   -0.116  1.00 6.56  ? 121 CYS A O    1 
ATOM   1176 C CB   . CYS A 1 121 ? 4.679   9.471   -0.972  1.00 7.73  ? 121 CYS A CB   1 
ATOM   1177 S SG   . CYS A 1 121 ? 3.618   10.550  -1.976  1.00 11.22 ? 121 CYS A SG   1 
ATOM   1178 H H    . CYS A 1 121 ? 5.844   8.036   0.806   1.00 0.00  ? 121 CYS A H    1 
ATOM   1179 N N    . VAL A 1 122 ? 1.906   9.677   1.196   1.00 5.62  ? 122 VAL A N    1 
ATOM   1180 C CA   . VAL A 1 122 ? 0.460   9.470   1.192   1.00 7.33  ? 122 VAL A CA   1 
ATOM   1181 C C    . VAL A 1 122 ? -0.167  9.950   -0.131  1.00 7.02  ? 122 VAL A C    1 
ATOM   1182 O O    . VAL A 1 122 ? 0.037   11.072  -0.613  1.00 7.85  ? 122 VAL A O    1 
ATOM   1183 C CB   . VAL A 1 122 ? -0.214  10.226  2.383   1.00 7.34  ? 122 VAL A CB   1 
ATOM   1184 C CG1  . VAL A 1 122 ? -1.744  9.995   2.416   1.00 8.27  ? 122 VAL A CG1  1 
ATOM   1185 C CG2  . VAL A 1 122 ? 0.355   9.712   3.673   1.00 6.17  ? 122 VAL A CG2  1 
ATOM   1186 H H    . VAL A 1 122 ? 2.268   10.406  1.752   1.00 0.00  ? 122 VAL A H    1 
ATOM   1187 N N    . PHE A 1 123 ? -0.924  9.047   -0.750  1.00 7.27  ? 123 PHE A N    1 
ATOM   1188 C CA   . PHE A 1 123 ? -1.530  9.340   -2.055  1.00 7.75  ? 123 PHE A CA   1 
ATOM   1189 C C    . PHE A 1 123 ? -3.029  9.020   -2.199  1.00 7.94  ? 123 PHE A C    1 
ATOM   1190 O O    . PHE A 1 123 ? -3.674  9.348   -3.203  1.00 8.05  ? 123 PHE A O    1 
ATOM   1191 C CB   . PHE A 1 123 ? -0.727  8.584   -3.148  1.00 6.96  ? 123 PHE A CB   1 
ATOM   1192 C CG   . PHE A 1 123 ? -0.855  7.064   -3.138  1.00 6.70  ? 123 PHE A CG   1 
ATOM   1193 C CD1  . PHE A 1 123 ? -0.072  6.310   -2.290  1.00 6.32  ? 123 PHE A CD1  1 
ATOM   1194 C CD2  . PHE A 1 123 ? -1.782  6.441   -3.958  1.00 6.30  ? 123 PHE A CD2  1 
ATOM   1195 C CE1  . PHE A 1 123 ? -0.219  4.940   -2.262  1.00 6.01  ? 123 PHE A CE1  1 
ATOM   1196 C CE2  . PHE A 1 123 ? -1.925  5.078   -3.921  1.00 5.56  ? 123 PHE A CE2  1 
ATOM   1197 C CZ   . PHE A 1 123 ? -1.147  4.319   -3.075  1.00 8.22  ? 123 PHE A CZ   1 
ATOM   1198 H H    . PHE A 1 123 ? -1.004  8.168   -0.322  1.00 0.00  ? 123 PHE A H    1 
ATOM   1199 N N    . ALA A 1 124 ? -3.593  8.357   -1.190  1.00 4.14  ? 124 ALA A N    1 
ATOM   1200 C CA   . ALA A 1 124 ? -4.975  7.893   -1.233  1.00 5.98  ? 124 ALA A CA   1 
ATOM   1201 C C    . ALA A 1 124 ? -5.540  7.612   0.145   1.00 6.51  ? 124 ALA A C    1 
ATOM   1202 O O    . ALA A 1 124 ? -4.832  7.662   1.159   1.00 7.44  ? 124 ALA A O    1 
ATOM   1203 C CB   . ALA A 1 124 ? -5.100  6.594   -2.057  1.00 4.59  ? 124 ALA A CB   1 
ATOM   1204 H H    . ALA A 1 124 ? -3.062  8.192   -0.385  1.00 0.00  ? 124 ALA A H    1 
ATOM   1205 N N    . GLU A 1 125 ? -6.832  7.329   0.187   1.00 6.93  ? 125 GLU A N    1 
ATOM   1206 C CA   . GLU A 1 125 ? -7.532  7.062   1.427   1.00 11.16 ? 125 GLU A CA   1 
ATOM   1207 C C    . GLU A 1 125 ? -8.745  6.144   1.265   1.00 10.21 ? 125 GLU A C    1 
ATOM   1208 O O    . GLU A 1 125 ? -9.463  6.181   0.268   1.00 8.62  ? 125 GLU A O    1 
ATOM   1209 C CB   . GLU A 1 125 ? -7.939  8.401   2.001   1.00 13.01 ? 125 GLU A CB   1 
ATOM   1210 C CG   . GLU A 1 125 ? -8.593  8.348   3.340   1.00 22.07 ? 125 GLU A CG   1 
ATOM   1211 C CD   . GLU A 1 125 ? -9.020  9.731   3.800   1.00 26.29 ? 125 GLU A CD   1 
ATOM   1212 O OE1  . GLU A 1 125 ? -9.801  10.393  3.105   1.00 29.09 ? 125 GLU A OE1  1 
ATOM   1213 O OE2  . GLU A 1 125 ? -8.567  10.141  4.866   1.00 29.66 ? 125 GLU A OE2  1 
ATOM   1214 H H    . GLU A 1 125 ? -7.342  7.389   -0.651  1.00 0.00  ? 125 GLU A H    1 
ATOM   1215 N N    . VAL A 1 126 ? -8.944  5.274   2.240   1.00 9.48  ? 126 VAL A N    1 
ATOM   1216 C CA   . VAL A 1 126 ? -10.074 4.359   2.283   1.00 9.32  ? 126 VAL A CA   1 
ATOM   1217 C C    . VAL A 1 126 ? -11.331 5.167   2.633   1.00 11.84 ? 126 VAL A C    1 
ATOM   1218 O O    . VAL A 1 126 ? -11.380 5.840   3.671   1.00 11.24 ? 126 VAL A O    1 
ATOM   1219 C CB   . VAL A 1 126 ? -9.847  3.254   3.361   1.00 8.54  ? 126 VAL A CB   1 
ATOM   1220 C CG1  . VAL A 1 126 ? -11.045 2.325   3.420   1.00 10.77 ? 126 VAL A CG1  1 
ATOM   1221 C CG2  . VAL A 1 126 ? -8.662  2.382   3.011   1.00 8.93  ? 126 VAL A CG2  1 
ATOM   1222 H H    . VAL A 1 126 ? -8.302  5.275   2.976   1.00 0.00  ? 126 VAL A H    1 
ATOM   1223 N N    . VAL A 1 127 ? -12.327 5.156   1.734   1.00 13.25 ? 127 VAL A N    1 
ATOM   1224 C CA   . VAL A 1 127 ? -13.618 5.800   2.011   1.00 13.16 ? 127 VAL A CA   1 
ATOM   1225 C C    . VAL A 1 127 ? -14.717 4.826   2.400   1.00 12.78 ? 127 VAL A C    1 
ATOM   1226 O O    . VAL A 1 127 ? -15.623 5.173   3.143   1.00 15.86 ? 127 VAL A O    1 
ATOM   1227 C CB   . VAL A 1 127 ? -14.117 6.642   0.819   1.00 13.43 ? 127 VAL A CB   1 
ATOM   1228 C CG1  . VAL A 1 127 ? -13.076 7.731   0.616   1.00 15.38 ? 127 VAL A CG1  1 
ATOM   1229 C CG2  . VAL A 1 127 ? -14.342 5.839   -0.432  1.00 15.00 ? 127 VAL A CG2  1 
ATOM   1230 H H    . VAL A 1 127 ? -12.116 4.742   0.874   1.00 0.00  ? 127 VAL A H    1 
ATOM   1231 N N    . ASP A 1 128 ? -14.634 3.574   1.966   1.00 11.82 ? 128 ASP A N    1 
ATOM   1232 C CA   . ASP A 1 128 ? -15.573 2.519   2.350   1.00 12.46 ? 128 ASP A CA   1 
ATOM   1233 C C    . ASP A 1 128 ? -14.859 1.196   2.550   1.00 9.75  ? 128 ASP A C    1 
ATOM   1234 O O    . ASP A 1 128 ? -13.936 0.876   1.802   1.00 8.29  ? 128 ASP A O    1 
ATOM   1235 C CB   . ASP A 1 128 ? -16.622 2.236   1.300   1.00 17.74 ? 128 ASP A CB   1 
ATOM   1236 C CG   . ASP A 1 128 ? -17.757 3.229   1.244   1.00 24.55 ? 128 ASP A CG   1 
ATOM   1237 O OD1  . ASP A 1 128 ? -18.572 3.238   2.167   1.00 27.30 ? 128 ASP A OD1  1 
ATOM   1238 O OD2  . ASP A 1 128 ? -17.835 3.971   0.262   1.00 29.73 ? 128 ASP A OD2  1 
ATOM   1239 H H    . ASP A 1 128 ? -13.878 3.349   1.385   1.00 0.00  ? 128 ASP A H    1 
ATOM   1240 N N    . GLY A 1 129 ? -15.239 0.383   3.516   1.00 11.34 ? 129 GLY A N    1 
ATOM   1241 C CA   . GLY A 1 129 ? -14.573 -0.901  3.703   1.00 11.29 ? 129 GLY A CA   1 
ATOM   1242 C C    . GLY A 1 129 ? -13.466 -0.907  4.760   1.00 10.60 ? 129 GLY A C    1 
ATOM   1243 O O    . GLY A 1 129 ? -12.641 -1.824  4.821   1.00 10.30 ? 129 GLY A O    1 
ATOM   1244 H H    . GLY A 1 129 ? -15.986 0.660   4.079   1.00 0.00  ? 129 GLY A H    1 
ATOM   1245 N N    . MET A 1 130 ? -13.375 0.077   5.652   1.00 9.44  ? 130 MET A N    1 
ATOM   1246 C CA   . MET A 1 130 ? -12.404 0.001   6.753   1.00 9.97  ? 130 MET A CA   1 
ATOM   1247 C C    . MET A 1 130 ? -12.683 -1.161  7.699   1.00 9.45  ? 130 MET A C    1 
ATOM   1248 O O    . MET A 1 130 ? -11.781 -1.662  8.344   1.00 11.48 ? 130 MET A O    1 
ATOM   1249 C CB   . MET A 1 130 ? -12.362 1.263   7.629   1.00 11.23 ? 130 MET A CB   1 
ATOM   1250 C CG   . MET A 1 130 ? -11.360 2.321   7.184   1.00 13.58 ? 130 MET A CG   1 
ATOM   1251 S SD   . MET A 1 130 ? -9.682  1.718   6.866   1.00 15.63 ? 130 MET A SD   1 
ATOM   1252 C CE   . MET A 1 130 ? -8.885  1.856   8.432   1.00 16.05 ? 130 MET A CE   1 
ATOM   1253 H H    . MET A 1 130 ? -13.919 0.877   5.515   1.00 0.00  ? 130 MET A H    1 
ATOM   1254 N N    . ASP A 1 131 ? -13.912 -1.659  7.799   1.00 10.71 ? 131 ASP A N    1 
ATOM   1255 C CA   . ASP A 1 131 ? -14.184 -2.869  8.572   1.00 14.39 ? 131 ASP A CA   1 
ATOM   1256 C C    . ASP A 1 131 ? -13.500 -4.112  7.955   1.00 14.45 ? 131 ASP A C    1 
ATOM   1257 O O    . ASP A 1 131 ? -13.003 -5.034  8.597   1.00 14.72 ? 131 ASP A O    1 
ATOM   1258 C CB   . ASP A 1 131 ? -15.719 -3.042  8.663   1.00 19.77 ? 131 ASP A CB   1 
ATOM   1259 C CG   . ASP A 1 131 ? -16.490 -3.235  7.355   1.00 24.43 ? 131 ASP A CG   1 
ATOM   1260 O OD1  . ASP A 1 131 ? -16.254 -2.541  6.369   1.00 24.72 ? 131 ASP A OD1  1 
ATOM   1261 O OD2  . ASP A 1 131 ? -17.367 -4.106  7.342   1.00 28.62 ? 131 ASP A OD2  1 
ATOM   1262 H H    . ASP A 1 131 ? -14.643 -1.128  7.424   1.00 0.00  ? 131 ASP A H    1 
ATOM   1263 N N    . GLU A 1 132 ? -13.352 -4.076  6.634   1.00 12.71 ? 132 GLU A N    1 
ATOM   1264 C CA   . GLU A 1 132 ? -12.644 -5.067  5.848   1.00 11.89 ? 132 GLU A CA   1 
ATOM   1265 C C    . GLU A 1 132 ? -11.127 -4.979  6.145   1.00 11.00 ? 132 GLU A C    1 
ATOM   1266 O O    . GLU A 1 132 ? -10.446 -5.967  6.463   1.00 6.47  ? 132 GLU A O    1 
ATOM   1267 C CB   . GLU A 1 132 ? -13.056 -4.720  4.437   1.00 17.65 ? 132 GLU A CB   1 
ATOM   1268 C CG   . GLU A 1 132 ? -13.208 -5.857  3.533   1.00 23.62 ? 132 GLU A CG   1 
ATOM   1269 C CD   . GLU A 1 132 ? -11.851 -6.472  3.269   1.00 27.89 ? 132 GLU A CD   1 
ATOM   1270 O OE1  . GLU A 1 132 ? -11.414 -7.313  4.050   1.00 34.59 ? 132 GLU A OE1  1 
ATOM   1271 O OE2  . GLU A 1 132 ? -11.218 -6.111  2.289   1.00 31.60 ? 132 GLU A OE2  1 
ATOM   1272 H H    . GLU A 1 132 ? -13.739 -3.314  6.173   1.00 0.00  ? 132 GLU A H    1 
ATOM   1273 N N    . VAL A 1 133 ? -10.585 -3.760  6.114   1.00 9.42  ? 133 VAL A N    1 
ATOM   1274 C CA   . VAL A 1 133 ? -9.199  -3.491  6.538   1.00 10.53 ? 133 VAL A CA   1 
ATOM   1275 C C    . VAL A 1 133 ? -8.936  -3.972  7.985   1.00 8.27  ? 133 VAL A C    1 
ATOM   1276 O O    . VAL A 1 133 ? -7.942  -4.638  8.299   1.00 7.80  ? 133 VAL A O    1 
ATOM   1277 C CB   . VAL A 1 133 ? -8.957  -1.965  6.379   1.00 9.05  ? 133 VAL A CB   1 
ATOM   1278 C CG1  . VAL A 1 133 ? -7.615  -1.522  6.948   1.00 10.33 ? 133 VAL A CG1  1 
ATOM   1279 C CG2  . VAL A 1 133 ? -8.951  -1.634  4.903   1.00 8.94  ? 133 VAL A CG2  1 
ATOM   1280 H H    . VAL A 1 133 ? -11.141 -3.049  5.739   1.00 0.00  ? 133 VAL A H    1 
ATOM   1281 N N    . ASP A 1 134 ? -9.854  -3.702  8.908   1.00 8.39  ? 134 ASP A N    1 
ATOM   1282 C CA   . ASP A 1 134 ? -9.743  -4.222  10.257  1.00 10.24 ? 134 ASP A CA   1 
ATOM   1283 C C    . ASP A 1 134 ? -9.893  -5.733  10.397  1.00 11.21 ? 134 ASP A C    1 
ATOM   1284 O O    . ASP A 1 134 ? -9.305  -6.293  11.312  1.00 11.28 ? 134 ASP A O    1 
ATOM   1285 C CB   . ASP A 1 134 ? -10.750 -3.502  11.141  1.00 9.99  ? 134 ASP A CB   1 
ATOM   1286 C CG   . ASP A 1 134 ? -10.321 -2.064  11.423  1.00 13.53 ? 134 ASP A CG   1 
ATOM   1287 O OD1  . ASP A 1 134 ? -9.181  -1.678  11.134  1.00 14.72 ? 134 ASP A OD1  1 
ATOM   1288 O OD2  . ASP A 1 134 ? -11.144 -1.308  11.941  1.00 16.27 ? 134 ASP A OD2  1 
ATOM   1289 H H    . ASP A 1 134 ? -10.587 -3.104  8.677   1.00 0.00  ? 134 ASP A H    1 
ATOM   1290 N N    . LYS A 1 135 ? -10.608 -6.463  9.532   1.00 11.25 ? 135 LYS A N    1 
ATOM   1291 C CA   . LYS A 1 135 ? -10.559 -7.932  9.540   1.00 12.15 ? 135 LYS A CA   1 
ATOM   1292 C C    . LYS A 1 135 ? -9.171  -8.440  9.126   1.00 11.08 ? 135 LYS A C    1 
ATOM   1293 O O    . LYS A 1 135 ? -8.533  -9.256  9.802   1.00 11.74 ? 135 LYS A O    1 
ATOM   1294 C CB   . LYS A 1 135 ? -11.593 -8.485  8.577   1.00 14.61 ? 135 LYS A CB   1 
ATOM   1295 C CG   . LYS A 1 135 ? -12.893 -8.865  9.252   1.00 22.24 ? 135 LYS A CG   1 
ATOM   1296 C CD   . LYS A 1 135 ? -14.056 -8.604  8.280   1.00 26.89 ? 135 LYS A CD   1 
ATOM   1297 C CE   . LYS A 1 135 ? -14.081 -9.485  7.022   1.00 30.11 ? 135 LYS A CE   1 
ATOM   1298 N NZ   . LYS A 1 135 ? -14.950 -8.889  6.015   1.00 28.57 ? 135 LYS A NZ   1 
ATOM   1299 H H    . LYS A 1 135 ? -11.255 -5.998  8.962   1.00 0.00  ? 135 LYS A H    1 
ATOM   1300 H HZ1  . LYS A 1 135 ? -14.598 -7.940  5.777   1.00 0.00  ? 135 LYS A HZ1  1 
ATOM   1301 H HZ2  . LYS A 1 135 ? -14.947 -9.480  5.158   1.00 0.00  ? 135 LYS A HZ2  1 
ATOM   1302 H HZ3  . LYS A 1 135 ? -15.921 -8.812  6.379   1.00 0.00  ? 135 LYS A HZ3  1 
ATOM   1303 N N    . ILE A 1 136 ? -8.614  -7.902  8.042   1.00 9.95  ? 136 ILE A N    1 
ATOM   1304 C CA   . ILE A 1 136 ? -7.285  -8.303  7.577   1.00 10.12 ? 136 ILE A CA   1 
ATOM   1305 C C    . ILE A 1 136 ? -6.136  -8.005  8.565   1.00 9.32  ? 136 ILE A C    1 
ATOM   1306 O O    . ILE A 1 136 ? -5.228  -8.822  8.715   1.00 9.23  ? 136 ILE A O    1 
ATOM   1307 C CB   . ILE A 1 136 ? -7.012  -7.614  6.197   1.00 8.68  ? 136 ILE A CB   1 
ATOM   1308 C CG1  . ILE A 1 136 ? -8.055  -8.068  5.154   1.00 9.81  ? 136 ILE A CG1  1 
ATOM   1309 C CG2  . ILE A 1 136 ? -5.597  -7.953  5.720   1.00 7.72  ? 136 ILE A CG2  1 
ATOM   1310 C CD1  . ILE A 1 136 ? -8.085  -7.244  3.823   1.00 9.58  ? 136 ILE A CD1  1 
ATOM   1311 H H    . ILE A 1 136 ? -9.121  -7.208  7.565   1.00 0.00  ? 136 ILE A H    1 
ATOM   1312 N N    . LYS A 1 137 ? -6.123  -6.879  9.292   1.00 9.42  ? 137 LYS A N    1 
ATOM   1313 C CA   . LYS A 1 137 ? -5.030  -6.560  10.230  1.00 9.05  ? 137 LYS A CA   1 
ATOM   1314 C C    . LYS A 1 137 ? -4.867  -7.532  11.396  1.00 10.74 ? 137 LYS A C    1 
ATOM   1315 O O    . LYS A 1 137 ? -3.801  -7.644  12.005  1.00 10.29 ? 137 LYS A O    1 
ATOM   1316 C CB   . LYS A 1 137 ? -5.223  -5.130  10.803  1.00 8.66  ? 137 LYS A CB   1 
ATOM   1317 C CG   . LYS A 1 137 ? -6.327  -4.921  11.842  1.00 5.89  ? 137 LYS A CG   1 
ATOM   1318 C CD   . LYS A 1 137 ? -6.288  -3.468  12.286  1.00 9.98  ? 137 LYS A CD   1 
ATOM   1319 C CE   . LYS A 1 137 ? -7.367  -3.135  13.312  1.00 12.62 ? 137 LYS A CE   1 
ATOM   1320 N NZ   . LYS A 1 137 ? -7.228  -3.917  14.519  1.00 15.37 ? 137 LYS A NZ   1 
ATOM   1321 H H    . LYS A 1 137 ? -6.838  -6.228  9.126   1.00 0.00  ? 137 LYS A H    1 
ATOM   1322 H HZ1  . LYS A 1 137 ? -7.290  -4.931  14.296  1.00 0.00  ? 137 LYS A HZ1  1 
ATOM   1323 H HZ2  . LYS A 1 137 ? -6.303  -3.712  14.950  1.00 0.00  ? 137 LYS A HZ2  1 
ATOM   1324 H HZ3  . LYS A 1 137 ? -7.983  -3.661  15.189  1.00 0.00  ? 137 LYS A HZ3  1 
ATOM   1325 N N    . GLY A 1 138 ? -5.960  -8.235  11.711  1.00 10.95 ? 138 GLY A N    1 
ATOM   1326 C CA   . GLY A 1 138 ? -5.979  -9.225  12.783  1.00 11.28 ? 138 GLY A CA   1 
ATOM   1327 C C    . GLY A 1 138 ? -5.816  -10.686 12.358  1.00 12.76 ? 138 GLY A C    1 
ATOM   1328 O O    . GLY A 1 138 ? -6.051  -11.605 13.150  1.00 13.63 ? 138 GLY A O    1 
ATOM   1329 H H    . GLY A 1 138 ? -6.789  -8.036  11.224  1.00 0.00  ? 138 GLY A H    1 
ATOM   1330 N N    . VAL A 1 139 ? -5.444  -10.994 11.118  1.00 13.66 ? 139 VAL A N    1 
ATOM   1331 C CA   . VAL A 1 139 ? -5.224  -12.395 10.751  1.00 14.36 ? 139 VAL A CA   1 
ATOM   1332 C C    . VAL A 1 139 ? -3.910  -12.964 11.319  1.00 14.19 ? 139 VAL A C    1 
ATOM   1333 O O    . VAL A 1 139 ? -2.945  -12.249 11.605  1.00 13.18 ? 139 VAL A O    1 
ATOM   1334 C CB   . VAL A 1 139 ? -5.223  -12.602 9.195   1.00 13.78 ? 139 VAL A CB   1 
ATOM   1335 C CG1  . VAL A 1 139 ? -6.595  -12.215 8.674   1.00 14.41 ? 139 VAL A CG1  1 
ATOM   1336 C CG2  . VAL A 1 139 ? -4.100  -11.817 8.510   1.00 14.59 ? 139 VAL A CG2  1 
ATOM   1337 H H    . VAL A 1 139 ? -5.300  -10.273 10.469  1.00 0.00  ? 139 VAL A H    1 
ATOM   1338 N N    . ALA A 1 140 ? -3.888  -14.279 11.568  1.00 15.23 ? 140 ALA A N    1 
ATOM   1339 C CA   . ALA A 1 140 ? -2.668  -14.978 11.969  1.00 13.11 ? 140 ALA A CA   1 
ATOM   1340 C C    . ALA A 1 140 ? -1.587  -14.941 10.887  1.00 11.95 ? 140 ALA A C    1 
ATOM   1341 O O    . ALA A 1 140 ? -1.814  -15.196 9.695   1.00 11.02 ? 140 ALA A O    1 
ATOM   1342 C CB   . ALA A 1 140 ? -2.971  -16.431 12.274  1.00 14.05 ? 140 ALA A CB   1 
ATOM   1343 H H    . ALA A 1 140 ? -4.751  -14.745 11.559  1.00 0.00  ? 140 ALA A H    1 
ATOM   1344 N N    . THR A 1 141 ? -0.418  -14.517 11.320  1.00 12.15 ? 141 THR A N    1 
ATOM   1345 C CA   . THR A 1 141 ? 0.729   -14.377 10.422  1.00 15.64 ? 141 THR A CA   1 
ATOM   1346 C C    . THR A 1 141 ? 1.924   -15.216 10.860  1.00 19.10 ? 141 THR A C    1 
ATOM   1347 O O    . THR A 1 141 ? 1.969   -15.744 11.983  1.00 19.01 ? 141 THR A O    1 
ATOM   1348 C CB   . THR A 1 141 ? 1.243   -12.911 10.313  1.00 14.46 ? 141 THR A CB   1 
ATOM   1349 O OG1  . THR A 1 141 ? 1.639   -12.509 11.619  1.00 15.65 ? 141 THR A OG1  1 
ATOM   1350 C CG2  . THR A 1 141 ? 0.208   -11.954 9.751   1.00 11.34 ? 141 THR A CG2  1 
ATOM   1351 H H    . THR A 1 141 ? -0.309  -14.321 12.278  1.00 0.00  ? 141 THR A H    1 
ATOM   1352 H HG1  . THR A 1 141 ? 0.874   -12.090 12.042  1.00 0.00  ? 141 THR A HG1  1 
ATOM   1353 N N    . GLY A 1 142 ? 2.884   -15.374 9.952   1.00 19.44 ? 142 GLY A N    1 
ATOM   1354 C CA   . GLY A 1 142 ? 4.123   -16.088 10.237  1.00 21.97 ? 142 GLY A CA   1 
ATOM   1355 C C    . GLY A 1 142 ? 5.275   -15.660 9.339   1.00 24.86 ? 142 GLY A C    1 
ATOM   1356 O O    . GLY A 1 142 ? 5.340   -14.556 8.788   1.00 27.95 ? 142 GLY A O    1 
ATOM   1357 H H    . GLY A 1 142 ? 2.722   -15.042 9.048   1.00 0.00  ? 142 GLY A H    1 
ATOM   1358 N N    . ARG A 1 143 ? 6.253   -16.533 9.171   1.00 28.38 ? 143 ARG A N    1 
ATOM   1359 C CA   . ARG A 1 143 ? 7.386   -16.257 8.292   1.00 29.26 ? 143 ARG A CA   1 
ATOM   1360 C C    . ARG A 1 143 ? 7.326   -17.050 6.989   1.00 27.05 ? 143 ARG A C    1 
ATOM   1361 O O    . ARG A 1 143 ? 6.965   -18.227 6.967   1.00 27.41 ? 143 ARG A O    1 
ATOM   1362 C CB   . ARG A 1 143 ? 8.679   -16.567 9.056   1.00 33.10 ? 143 ARG A CB   1 
ATOM   1363 C CG   . ARG A 1 143 ? 9.997   -16.195 8.388   1.00 40.74 ? 143 ARG A CG   1 
ATOM   1364 C CD   . ARG A 1 143 ? 10.930  -15.835 9.530   1.00 46.56 ? 143 ARG A CD   1 
ATOM   1365 N NE   . ARG A 1 143 ? 12.311  -16.240 9.311   1.00 51.37 ? 143 ARG A NE   1 
ATOM   1366 C CZ   . ARG A 1 143 ? 12.994  -16.912 10.259  1.00 53.76 ? 143 ARG A CZ   1 
ATOM   1367 N NH1  . ARG A 1 143 ? 12.440  -17.280 11.422  1.00 53.85 ? 143 ARG A NH1  1 
ATOM   1368 N NH2  . ARG A 1 143 ? 14.270  -17.243 10.046  1.00 54.93 ? 143 ARG A NH2  1 
ATOM   1369 H H    . ARG A 1 143 ? 6.197   -17.386 9.648   1.00 0.00  ? 143 ARG A H    1 
ATOM   1370 H HE   . ARG A 1 143 ? 12.751  -16.020 8.463   1.00 0.00  ? 143 ARG A HE   1 
ATOM   1371 H HH11 . ARG A 1 143 ? 11.486  -17.063 11.626  1.00 0.00  ? 143 ARG A HH11 1 
ATOM   1372 H HH12 . ARG A 1 143 ? 12.989  -17.779 12.093  1.00 0.00  ? 143 ARG A HH12 1 
ATOM   1373 H HH21 . ARG A 1 143 ? 14.714  -16.997 9.185   1.00 0.00  ? 143 ARG A HH21 1 
ATOM   1374 H HH22 . ARG A 1 143 ? 14.776  -17.746 10.747  1.00 0.00  ? 143 ARG A HH22 1 
ATOM   1375 N N    . SER A 1 144 ? 7.582   -16.398 5.868   1.00 23.98 ? 144 SER A N    1 
ATOM   1376 C CA   . SER A 1 144 ? 7.650   -17.076 4.585   1.00 23.14 ? 144 SER A CA   1 
ATOM   1377 C C    . SER A 1 144 ? 8.893   -16.640 3.842   1.00 21.63 ? 144 SER A C    1 
ATOM   1378 O O    . SER A 1 144 ? 9.085   -15.478 3.462   1.00 18.54 ? 144 SER A O    1 
ATOM   1379 C CB   . SER A 1 144 ? 6.451   -16.766 3.709   1.00 25.85 ? 144 SER A CB   1 
ATOM   1380 O OG   . SER A 1 144 ? 6.467   -17.660 2.602   1.00 28.80 ? 144 SER A OG   1 
ATOM   1381 H H    . SER A 1 144 ? 7.666   -15.426 5.919   1.00 0.00  ? 144 SER A H    1 
ATOM   1382 H HG   . SER A 1 144 ? 5.921   -18.425 2.822   1.00 0.00  ? 144 SER A HG   1 
ATOM   1383 N N    . GLY A 1 145 ? 9.797   -17.598 3.665   1.00 20.12 ? 145 GLY A N    1 
ATOM   1384 C CA   . GLY A 1 145 ? 11.119  -17.294 3.151   1.00 21.34 ? 145 GLY A CA   1 
ATOM   1385 C C    . GLY A 1 145 ? 11.838  -16.420 4.171   1.00 23.04 ? 145 GLY A C    1 
ATOM   1386 O O    . GLY A 1 145 ? 11.999  -16.749 5.348   1.00 26.74 ? 145 GLY A O    1 
ATOM   1387 H H    . GLY A 1 145 ? 9.552   -18.524 3.872   1.00 0.00  ? 145 GLY A H    1 
ATOM   1388 N N    . MET A 1 146 ? 12.285  -15.261 3.738   1.00 27.50 ? 146 MET A N    1 
ATOM   1389 C CA   . MET A 1 146 ? 12.856  -14.305 4.688   1.00 31.55 ? 146 MET A CA   1 
ATOM   1390 C C    . MET A 1 146 ? 11.884  -13.167 5.020   1.00 27.75 ? 146 MET A C    1 
ATOM   1391 O O    . MET A 1 146 ? 12.180  -12.148 5.635   1.00 27.18 ? 146 MET A O    1 
ATOM   1392 C CB   . MET A 1 146 ? 14.172  -13.778 4.102   1.00 39.73 ? 146 MET A CB   1 
ATOM   1393 C CG   . MET A 1 146 ? 15.456  -14.534 4.560   1.00 47.88 ? 146 MET A CG   1 
ATOM   1394 S SD   . MET A 1 146 ? 15.552  -16.359 4.429   1.00 54.06 ? 146 MET A SD   1 
ATOM   1395 C CE   . MET A 1 146 ? 15.661  -16.723 6.166   1.00 53.06 ? 146 MET A CE   1 
ATOM   1396 H H    . MET A 1 146 ? 12.277  -15.093 2.775   1.00 0.00  ? 146 MET A H    1 
ATOM   1397 N N    . HIS A 1 147 ? 10.635  -13.354 4.615   1.00 24.42 ? 147 HIS A N    1 
ATOM   1398 C CA   . HIS A 1 147 ? 9.576   -12.412 4.907   1.00 22.56 ? 147 HIS A CA   1 
ATOM   1399 C C    . HIS A 1 147 ? 8.907   -12.754 6.227   1.00 22.38 ? 147 HIS A C    1 
ATOM   1400 O O    . HIS A 1 147 ? 8.534   -13.898 6.486   1.00 19.32 ? 147 HIS A O    1 
ATOM   1401 C CB   . HIS A 1 147 ? 8.511   -12.430 3.836   1.00 21.20 ? 147 HIS A CB   1 
ATOM   1402 C CG   . HIS A 1 147 ? 8.994   -11.895 2.501   1.00 21.49 ? 147 HIS A CG   1 
ATOM   1403 N ND1  . HIS A 1 147 ? 9.243   -10.638 2.147   1.00 21.43 ? 147 HIS A ND1  1 
ATOM   1404 C CD2  . HIS A 1 147 ? 9.236   -12.688 1.412   1.00 21.87 ? 147 HIS A CD2  1 
ATOM   1405 C CE1  . HIS A 1 147 ? 9.619   -10.610 0.891   1.00 21.62 ? 147 HIS A CE1  1 
ATOM   1406 N NE2  . HIS A 1 147 ? 9.614   -11.860 0.471   1.00 22.76 ? 147 HIS A NE2  1 
ATOM   1407 H H    . HIS A 1 147 ? 10.402  -14.201 4.178   1.00 0.00  ? 147 HIS A H    1 
ATOM   1408 H HD1  . HIS A 1 147 ? 9.216   -9.868  2.753   1.00 0.00  ? 147 HIS A HD1  1 
ATOM   1409 H HE2  . HIS A 1 147 ? 9.905   -12.169 -0.416  1.00 0.00  ? 147 HIS A HE2  1 
ATOM   1410 N N    . GLN A 1 148 ? 8.867   -11.765 7.107   1.00 22.01 ? 148 GLN A N    1 
ATOM   1411 C CA   . GLN A 1 148 ? 8.133   -11.880 8.348   1.00 23.87 ? 148 GLN A CA   1 
ATOM   1412 C C    . GLN A 1 148 ? 6.742   -11.242 8.231   1.00 22.81 ? 148 GLN A C    1 
ATOM   1413 O O    . GLN A 1 148 ? 6.497   -10.405 7.361   1.00 23.61 ? 148 GLN A O    1 
ATOM   1414 C CB   . GLN A 1 148 ? 8.901   -11.214 9.479   1.00 28.78 ? 148 GLN A CB   1 
ATOM   1415 C CG   . GLN A 1 148 ? 10.011  -12.074 10.079  1.00 36.43 ? 148 GLN A CG   1 
ATOM   1416 C CD   . GLN A 1 148 ? 11.406  -11.785 9.550   1.00 40.19 ? 148 GLN A CD   1 
ATOM   1417 O OE1  . GLN A 1 148 ? 12.157  -11.042 10.152  1.00 42.82 ? 148 GLN A OE1  1 
ATOM   1418 N NE2  . GLN A 1 148 ? 11.914  -12.272 8.437   1.00 43.42 ? 148 GLN A NE2  1 
ATOM   1419 H H    . GLN A 1 148 ? 9.321   -10.919 6.896   1.00 0.00  ? 148 GLN A H    1 
ATOM   1420 H HE21 . GLN A 1 148 ? 12.811  -11.916 8.289   1.00 0.00  ? 148 GLN A HE21 1 
ATOM   1421 H HE22 . GLN A 1 148 ? 11.424  -12.873 7.856   1.00 0.00  ? 148 GLN A HE22 1 
ATOM   1422 N N    . ASP A 1 149 ? 5.810   -11.651 9.087   1.00 20.24 ? 149 ASP A N    1 
ATOM   1423 C CA   . ASP A 1 149 ? 4.439   -11.131 9.160   1.00 16.44 ? 149 ASP A CA   1 
ATOM   1424 C C    . ASP A 1 149 ? 3.604   -11.344 7.884   1.00 14.87 ? 149 ASP A C    1 
ATOM   1425 O O    . ASP A 1 149 ? 2.764   -10.545 7.475   1.00 12.97 ? 149 ASP A O    1 
ATOM   1426 C CB   . ASP A 1 149 ? 4.474   -9.631  9.524   1.00 17.60 ? 149 ASP A CB   1 
ATOM   1427 C CG   . ASP A 1 149 ? 5.272   -9.283  10.785  1.00 17.75 ? 149 ASP A CG   1 
ATOM   1428 O OD1  . ASP A 1 149 ? 4.873   -9.682  11.887  1.00 18.72 ? 149 ASP A OD1  1 
ATOM   1429 O OD2  . ASP A 1 149 ? 6.300   -8.614  10.658  1.00 18.79 ? 149 ASP A OD2  1 
ATOM   1430 H H    . ASP A 1 149 ? 6.078   -12.401 9.657   1.00 0.00  ? 149 ASP A H    1 
ATOM   1431 N N    . VAL A 1 150 ? 3.826   -12.513 7.278   1.00 10.73 ? 150 VAL A N    1 
ATOM   1432 C CA   . VAL A 1 150 ? 3.088   -12.981 6.113   1.00 9.91  ? 150 VAL A CA   1 
ATOM   1433 C C    . VAL A 1 150 ? 1.799   -13.665 6.591   1.00 11.12 ? 150 VAL A C    1 
ATOM   1434 O O    . VAL A 1 150 ? 1.889   -14.545 7.453   1.00 10.52 ? 150 VAL A O    1 
ATOM   1435 C CB   . VAL A 1 150 ? 3.924   -13.994 5.316   1.00 9.14  ? 150 VAL A CB   1 
ATOM   1436 C CG1  . VAL A 1 150 ? 3.151   -14.446 4.093   1.00 6.28  ? 150 VAL A CG1  1 
ATOM   1437 C CG2  . VAL A 1 150 ? 5.225   -13.355 4.879   1.00 9.91  ? 150 VAL A CG2  1 
ATOM   1438 H H    . VAL A 1 150 ? 4.506   -13.093 7.679   1.00 0.00  ? 150 VAL A H    1 
ATOM   1439 N N    . PRO A 1 151 ? 0.576   -13.342 6.153   1.00 10.01 ? 151 PRO A N    1 
ATOM   1440 C CA   . PRO A 1 151 ? -0.629  -14.106 6.484   1.00 11.64 ? 151 PRO A CA   1 
ATOM   1441 C C    . PRO A 1 151 ? -0.547  -15.600 6.215   1.00 12.24 ? 151 PRO A C    1 
ATOM   1442 O O    . PRO A 1 151 ? -0.119  -16.005 5.138   1.00 12.94 ? 151 PRO A O    1 
ATOM   1443 C CB   . PRO A 1 151 ? -1.714  -13.429 5.683   1.00 11.89 ? 151 PRO A CB   1 
ATOM   1444 C CG   . PRO A 1 151 ? -1.255  -11.988 5.726   1.00 9.08  ? 151 PRO A CG   1 
ATOM   1445 C CD   . PRO A 1 151 ? 0.237   -12.115 5.461   1.00 9.39  ? 151 PRO A CD   1 
ATOM   1446 N N    . LYS A 1 152 ? -0.909  -16.437 7.181   1.00 13.08 ? 152 LYS A N    1 
ATOM   1447 C CA   . LYS A 1 152 ? -0.924  -17.897 6.993   1.00 15.69 ? 152 LYS A CA   1 
ATOM   1448 C C    . LYS A 1 152 ? -1.862  -18.396 5.900   1.00 17.13 ? 152 LYS A C    1 
ATOM   1449 O O    . LYS A 1 152 ? -1.600  -19.339 5.151   1.00 20.19 ? 152 LYS A O    1 
ATOM   1450 C CB   . LYS A 1 152 ? -1.292  -18.554 8.304   1.00 17.65 ? 152 LYS A CB   1 
ATOM   1451 C CG   . LYS A 1 152 ? -0.099  -18.518 9.246   1.00 20.59 ? 152 LYS A CG   1 
ATOM   1452 C CD   . LYS A 1 152 ? -0.453  -19.148 10.566  1.00 23.75 ? 152 LYS A CD   1 
ATOM   1453 C CE   . LYS A 1 152 ? 0.715   -18.917 11.498  1.00 28.54 ? 152 LYS A CE   1 
ATOM   1454 N NZ   . LYS A 1 152 ? 0.509   -19.645 12.737  1.00 32.49 ? 152 LYS A NZ   1 
ATOM   1455 H H    . LYS A 1 152 ? -1.093  -16.053 8.061   1.00 0.00  ? 152 LYS A H    1 
ATOM   1456 H HZ1  . LYS A 1 152 ? -0.386  -19.351 13.176  1.00 0.00  ? 152 LYS A HZ1  1 
ATOM   1457 H HZ2  . LYS A 1 152 ? 0.475   -20.662 12.520  1.00 0.00  ? 152 LYS A HZ2  1 
ATOM   1458 H HZ3  . LYS A 1 152 ? 1.301   -19.466 13.388  1.00 0.00  ? 152 LYS A HZ3  1 
ATOM   1459 N N    . GLU A 1 153 ? -3.024  -17.768 5.841   1.00 18.46 ? 153 GLU A N    1 
ATOM   1460 C CA   . GLU A 1 153 ? -3.931  -17.950 4.732   1.00 19.85 ? 153 GLU A CA   1 
ATOM   1461 C C    . GLU A 1 153 ? -3.831  -16.681 3.903   1.00 17.91 ? 153 GLU A C    1 
ATOM   1462 O O    . GLU A 1 153 ? -3.886  -15.570 4.440   1.00 17.18 ? 153 GLU A O    1 
ATOM   1463 C CB   . GLU A 1 153 ? -5.386  -18.113 5.179   1.00 26.69 ? 153 GLU A CB   1 
ATOM   1464 C CG   . GLU A 1 153 ? -5.939  -19.539 5.335   1.00 36.15 ? 153 GLU A CG   1 
ATOM   1465 C CD   . GLU A 1 153 ? -5.701  -20.199 6.692   1.00 40.40 ? 153 GLU A CD   1 
ATOM   1466 O OE1  . GLU A 1 153 ? -4.666  -20.862 6.849   1.00 43.07 ? 153 GLU A OE1  1 
ATOM   1467 O OE2  . GLU A 1 153 ? -6.560  -20.056 7.577   1.00 41.93 ? 153 GLU A OE2  1 
ATOM   1468 H H    . GLU A 1 153 ? -3.275  -17.181 6.586   1.00 0.00  ? 153 GLU A H    1 
ATOM   1469 N N    . ASP A 1 154 ? -3.696  -16.820 2.590   1.00 15.88 ? 154 ASP A N    1 
ATOM   1470 C CA   . ASP A 1 154 ? -3.603  -15.681 1.689   1.00 14.08 ? 154 ASP A CA   1 
ATOM   1471 C C    . ASP A 1 154 ? -4.779  -14.726 1.634   1.00 13.27 ? 154 ASP A C    1 
ATOM   1472 O O    . ASP A 1 154 ? -5.945  -15.108 1.528   1.00 12.70 ? 154 ASP A O    1 
ATOM   1473 C CB   . ASP A 1 154 ? -3.381  -16.134 0.272   1.00 16.82 ? 154 ASP A CB   1 
ATOM   1474 C CG   . ASP A 1 154 ? -2.111  -16.922 -0.010  1.00 16.80 ? 154 ASP A CG   1 
ATOM   1475 O OD1  . ASP A 1 154 ? -1.130  -16.747 0.708   1.00 19.19 ? 154 ASP A OD1  1 
ATOM   1476 O OD2  . ASP A 1 154 ? -2.103  -17.705 -0.957  1.00 20.17 ? 154 ASP A OD2  1 
ATOM   1477 H H    . ASP A 1 154 ? -3.602  -17.728 2.240   1.00 0.00  ? 154 ASP A H    1 
ATOM   1478 N N    . VAL A 1 155 ? -4.462  -13.443 1.788   1.00 10.00 ? 155 VAL A N    1 
ATOM   1479 C CA   . VAL A 1 155 ? -5.418  -12.354 1.641   1.00 8.78  ? 155 VAL A CA   1 
ATOM   1480 C C    . VAL A 1 155 ? -5.170  -11.819 0.232   1.00 8.36  ? 155 VAL A C    1 
ATOM   1481 O O    . VAL A 1 155 ? -4.146  -11.203 -0.064  1.00 8.28  ? 155 VAL A O    1 
ATOM   1482 C CB   . VAL A 1 155 ? -5.156  -11.272 2.695   1.00 7.81  ? 155 VAL A CB   1 
ATOM   1483 C CG1  . VAL A 1 155 ? -6.158  -10.146 2.496   1.00 7.34  ? 155 VAL A CG1  1 
ATOM   1484 C CG2  . VAL A 1 155 ? -5.275  -11.867 4.102   1.00 8.29  ? 155 VAL A CG2  1 
ATOM   1485 H H    . VAL A 1 155 ? -3.544  -13.232 2.080   1.00 0.00  ? 155 VAL A H    1 
ATOM   1486 N N    . ILE A 1 156 ? -6.103  -12.108 -0.674  1.00 9.72  ? 156 ILE A N    1 
ATOM   1487 C CA   . ILE A 1 156 ? -5.904  -11.867 -2.096  1.00 10.34 ? 156 ILE A CA   1 
ATOM   1488 C C    . ILE A 1 156 ? -6.764  -10.746 -2.652  1.00 11.39 ? 156 ILE A C    1 
ATOM   1489 O O    . ILE A 1 156 ? -7.961  -10.693 -2.373  1.00 11.66 ? 156 ILE A O    1 
ATOM   1490 C CB   . ILE A 1 156 ? -6.183  -13.181 -2.901  1.00 9.49  ? 156 ILE A CB   1 
ATOM   1491 C CG1  . ILE A 1 156 ? -5.259  -14.273 -2.409  1.00 8.71  ? 156 ILE A CG1  1 
ATOM   1492 C CG2  . ILE A 1 156 ? -5.955  -12.963 -4.405  1.00 9.87  ? 156 ILE A CG2  1 
ATOM   1493 C CD1  . ILE A 1 156 ? -5.471  -15.690 -2.967  1.00 6.76  ? 156 ILE A CD1  1 
ATOM   1494 H H    . ILE A 1 156 ? -6.956  -12.465 -0.356  1.00 0.00  ? 156 ILE A H    1 
ATOM   1495 N N    . ILE A 1 157 ? -6.164  -9.813  -3.388  1.00 10.83 ? 157 ILE A N    1 
ATOM   1496 C CA   . ILE A 1 157 ? -6.894  -8.828  -4.182  1.00 10.44 ? 157 ILE A CA   1 
ATOM   1497 C C    . ILE A 1 157 ? -7.203  -9.555  -5.493  1.00 11.28 ? 157 ILE A C    1 
ATOM   1498 O O    . ILE A 1 157 ? -6.347  -9.778  -6.361  1.00 13.50 ? 157 ILE A O    1 
ATOM   1499 C CB   . ILE A 1 157 ? -6.033  -7.574  -4.465  1.00 10.60 ? 157 ILE A CB   1 
ATOM   1500 C CG1  . ILE A 1 157 ? -5.624  -6.908  -3.154  1.00 8.15  ? 157 ILE A CG1  1 
ATOM   1501 C CG2  . ILE A 1 157 ? -6.840  -6.620  -5.384  1.00 12.13 ? 157 ILE A CG2  1 
ATOM   1502 C CD1  . ILE A 1 157 ? -4.720  -5.671  -3.346  1.00 9.01  ? 157 ILE A CD1  1 
ATOM   1503 H H    . ILE A 1 157 ? -5.188  -9.803  -3.380  1.00 0.00  ? 157 ILE A H    1 
ATOM   1504 N N    . GLU A 1 158 ? -8.428  -10.020 -5.640  1.00 12.35 ? 158 GLU A N    1 
ATOM   1505 C CA   . GLU A 1 158 ? -8.790  -10.803 -6.815  1.00 15.25 ? 158 GLU A CA   1 
ATOM   1506 C C    . GLU A 1 158 ? -8.919  -10.020 -8.115  1.00 16.20 ? 158 GLU A C    1 
ATOM   1507 O O    . GLU A 1 158 ? -8.571  -10.454 -9.209  1.00 16.84 ? 158 GLU A O    1 
ATOM   1508 C CB   . GLU A 1 158 ? -10.087 -11.508 -6.542  1.00 18.88 ? 158 GLU A CB   1 
ATOM   1509 C CG   . GLU A 1 158 ? -9.909  -12.390 -5.329  1.00 24.17 ? 158 GLU A CG   1 
ATOM   1510 C CD   . GLU A 1 158 ? -11.140 -13.199 -4.971  1.00 29.02 ? 158 GLU A CD   1 
ATOM   1511 O OE1  . GLU A 1 158 ? -12.249 -12.654 -4.894  1.00 30.66 ? 158 GLU A OE1  1 
ATOM   1512 O OE2  . GLU A 1 158 ? -10.960 -14.398 -4.757  1.00 31.66 ? 158 GLU A OE2  1 
ATOM   1513 H H    . GLU A 1 158 ? -9.092  -9.830  -4.941  1.00 0.00  ? 158 GLU A H    1 
ATOM   1514 N N    . SER A 1 159 ? -9.349  -8.782  -7.944  1.00 15.03 ? 159 SER A N    1 
ATOM   1515 C CA   . SER A 1 159 ? -9.679  -7.905  -9.042  1.00 14.51 ? 159 SER A CA   1 
ATOM   1516 C C    . SER A 1 159 ? -9.694  -6.452  -8.602  1.00 14.23 ? 159 SER A C    1 
ATOM   1517 O O    . SER A 1 159 ? -9.968  -6.127  -7.436  1.00 12.40 ? 159 SER A O    1 
ATOM   1518 C CB   . SER A 1 159 ? -11.056 -8.280  -9.568  1.00 14.47 ? 159 SER A CB   1 
ATOM   1519 O OG   . SER A 1 159 ? -11.469 -7.433  -10.606 1.00 18.83 ? 159 SER A OG   1 
ATOM   1520 H H    . SER A 1 159 ? -9.408  -8.451  -7.022  1.00 0.00  ? 159 SER A H    1 
ATOM   1521 H HG   . SER A 1 159 ? -12.265 -7.767  -11.036 1.00 0.00  ? 159 SER A HG   1 
ATOM   1522 N N    . VAL A 1 160 ? -9.395  -5.541  -9.511  1.00 12.76 ? 160 VAL A N    1 
ATOM   1523 C CA   . VAL A 1 160 ? -9.455  -4.129  -9.206  1.00 11.41 ? 160 VAL A CA   1 
ATOM   1524 C C    . VAL A 1 160 ? -10.399 -3.411  -10.176 1.00 13.83 ? 160 VAL A C    1 
ATOM   1525 O O    . VAL A 1 160 ? -10.395 -3.596  -11.403 1.00 14.15 ? 160 VAL A O    1 
ATOM   1526 C CB   . VAL A 1 160 ? -8.037  -3.520  -9.273  1.00 11.83 ? 160 VAL A CB   1 
ATOM   1527 C CG1  . VAL A 1 160 ? -8.094  -2.069  -8.887  1.00 10.35 ? 160 VAL A CG1  1 
ATOM   1528 C CG2  . VAL A 1 160 ? -7.109  -4.207  -8.274  1.00 11.68 ? 160 VAL A CG2  1 
ATOM   1529 H H    . VAL A 1 160 ? -9.105  -5.864  -10.390 1.00 0.00  ? 160 VAL A H    1 
ATOM   1530 N N    . THR A 1 161 ? -11.284 -2.590  -9.616  1.00 13.17 ? 161 THR A N    1 
ATOM   1531 C CA   . THR A 1 161 ? -12.125 -1.792  -10.483 1.00 13.13 ? 161 THR A CA   1 
ATOM   1532 C C    . THR A 1 161 ? -11.705 -0.348  -10.430 1.00 10.64 ? 161 THR A C    1 
ATOM   1533 O O    . THR A 1 161 ? -11.718 0.232   -9.357  1.00 11.05 ? 161 THR A O    1 
ATOM   1534 C CB   . THR A 1 161 ? -13.588 -1.846  -10.082 1.00 13.87 ? 161 THR A CB   1 
ATOM   1535 O OG1  . THR A 1 161 ? -13.933 -3.221  -10.191 1.00 15.50 ? 161 THR A OG1  1 
ATOM   1536 C CG2  . THR A 1 161 ? -14.511 -1.010  -10.953 1.00 13.86 ? 161 THR A CG2  1 
ATOM   1537 H H    . THR A 1 161 ? -11.286 -2.471  -8.646  1.00 0.00  ? 161 THR A H    1 
ATOM   1538 H HG1  . THR A 1 161 ? -13.415 -3.579  -10.944 1.00 0.00  ? 161 THR A HG1  1 
ATOM   1539 N N    . VAL A 1 162 ? -11.286 0.239   -11.534 1.00 14.67 ? 162 VAL A N    1 
ATOM   1540 C CA   . VAL A 1 162 ? -10.988 1.679   -11.583 1.00 19.08 ? 162 VAL A CA   1 
ATOM   1541 C C    . VAL A 1 162 ? -12.177 2.443   -12.201 1.00 23.88 ? 162 VAL A C    1 
ATOM   1542 O O    . VAL A 1 162 ? -12.603 2.238   -13.345 1.00 24.27 ? 162 VAL A O    1 
ATOM   1543 C CB   . VAL A 1 162 ? -9.685  1.956   -12.422 1.00 18.09 ? 162 VAL A CB   1 
ATOM   1544 C CG1  . VAL A 1 162 ? -9.441  3.466   -12.552 1.00 16.23 ? 162 VAL A CG1  1 
ATOM   1545 C CG2  . VAL A 1 162 ? -8.486  1.305   -11.742 1.00 16.40 ? 162 VAL A CG2  1 
ATOM   1546 H H    . VAL A 1 162 ? -11.156 -0.320  -12.326 1.00 0.00  ? 162 VAL A H    1 
ATOM   1547 N N    . SER A 1 163 ? -12.804 3.281   -11.403 1.00 28.65 ? 163 SER A N    1 
ATOM   1548 C CA   . SER A 1 163 ? -13.877 4.117   -11.906 1.00 37.08 ? 163 SER A CA   1 
ATOM   1549 C C    . SER A 1 163 ? -13.466 5.564   -11.818 1.00 43.05 ? 163 SER A C    1 
ATOM   1550 O O    . SER A 1 163 ? -12.607 5.909   -10.993 1.00 45.99 ? 163 SER A O    1 
ATOM   1551 C CB   . SER A 1 163 ? -15.146 3.959   -11.095 1.00 37.54 ? 163 SER A CB   1 
ATOM   1552 O OG   . SER A 1 163 ? -14.997 4.343   -9.734  1.00 40.77 ? 163 SER A OG   1 
ATOM   1553 H H    . SER A 1 163 ? -12.546 3.341   -10.457 1.00 0.00  ? 163 SER A H    1 
ATOM   1554 H HG   . SER A 1 163 ? -15.113 5.306   -9.688  1.00 0.00  ? 163 SER A HG   1 
ATOM   1555 N N    . GLU A 1 164 ? -13.978 6.454   -12.648 1.00 51.82 ? 164 GLU A N    1 
ATOM   1556 C CA   . GLU A 1 164 ? -13.670 7.854   -12.407 1.00 59.13 ? 164 GLU A CA   1 
ATOM   1557 C C    . GLU A 1 164 ? -14.424 8.274   -11.125 1.00 62.21 ? 164 GLU A C    1 
ATOM   1558 O O    . GLU A 1 164 ? -15.659 8.179   -11.089 1.00 62.88 ? 164 GLU A O    1 
ATOM   1559 C CB   . GLU A 1 164 ? -14.094 8.677   -13.628 1.00 61.89 ? 164 GLU A CB   1 
ATOM   1560 C CG   . GLU A 1 164 ? -13.197 8.359   -14.838 1.00 65.95 ? 164 GLU A CG   1 
ATOM   1561 C CD   . GLU A 1 164 ? -13.314 9.305   -16.039 1.00 68.30 ? 164 GLU A CD   1 
ATOM   1562 O OE1  . GLU A 1 164 ? -14.422 9.726   -16.391 1.00 69.30 ? 164 GLU A OE1  1 
ATOM   1563 O OE2  . GLU A 1 164 ? -12.279 9.613   -16.640 1.00 69.30 ? 164 GLU A OE2  1 
ATOM   1564 O OXT  . GLU A 1 164 ? -13.731 8.540   -10.123 1.00 63.46 ? 164 GLU A OXT  1 
ATOM   1565 H H    . GLU A 1 164 ? -14.619 6.209   -13.339 1.00 0.00  ? 164 GLU A H    1 
HETATM 1566 C C1   . SIN B 2 1   ? 14.023  -4.421  1.863   1.00 42.19 ? 0   SIN B C1   1 
HETATM 1567 O O1   . SIN B 2 1   ? 13.203  -5.212  1.352   1.00 43.89 ? 0   SIN B O1   1 
HETATM 1568 O O2   . SIN B 2 1   ? 15.230  -4.743  1.867   1.00 43.99 ? 0   SIN B O2   1 
HETATM 1569 C C2   . SIN B 2 1   ? 13.574  -3.084  2.427   1.00 39.14 ? 0   SIN B C2   1 
HETATM 1570 C C3   . SIN B 2 1   ? 12.099  -3.031  2.888   1.00 34.32 ? 0   SIN B C3   1 
HETATM 1571 C C4   . SIN B 2 1   ? 11.718  -1.986  3.904   1.00 31.46 ? 0   SIN B C4   1 
HETATM 1572 O O3   . SIN B 2 1   ? 11.807  -2.101  5.134   1.00 32.75 ? 0   SIN B O3   1 
ATOM   1573 N N    . ALA B 2 2   ? 11.213  -0.892  3.358   1.00 24.41 ? 1   ALA B N    1 
ATOM   1574 C CA   . ALA B 2 2   ? 10.718  0.215   4.155   1.00 21.01 ? 1   ALA B CA   1 
ATOM   1575 C C    . ALA B 2 2   ? 9.202   0.486   3.986   1.00 18.92 ? 1   ALA B C    1 
ATOM   1576 O O    . ALA B 2 2   ? 8.691   0.332   2.868   1.00 17.44 ? 1   ALA B O    1 
ATOM   1577 C CB   . ALA B 2 2   ? 11.519  1.459   3.783   1.00 18.75 ? 1   ALA B CB   1 
ATOM   1578 H H    . ALA B 2 2   ? 11.173  -0.849  2.384   1.00 0.00  ? 1   ALA B H    1 
ATOM   1579 N N    . PRO B 2 3   ? 8.421   0.889   5.012   1.00 17.33 ? 2   PRO B N    1 
ATOM   1580 C CA   . PRO B 2 3   ? 8.886   1.145   6.381   1.00 16.93 ? 2   PRO B CA   1 
ATOM   1581 C C    . PRO B 2 3   ? 9.328   -0.056  7.218   1.00 16.73 ? 2   PRO B C    1 
ATOM   1582 O O    . PRO B 2 3   ? 8.792   -1.145  7.105   1.00 17.21 ? 2   PRO B O    1 
ATOM   1583 C CB   . PRO B 2 3   ? 7.727   1.912   7.024   1.00 16.88 ? 2   PRO B CB   1 
ATOM   1584 C CG   . PRO B 2 3   ? 6.504   1.333   6.344   1.00 16.71 ? 2   PRO B CG   1 
ATOM   1585 C CD   . PRO B 2 3   ? 6.982   1.163   4.903   1.00 18.27 ? 2   PRO B CD   1 
ATOM   1586 N N    . ALA B 2 4   ? 10.360  0.066   8.037   1.00 16.52 ? 3   ALA B N    1 
ATOM   1587 C CA   . ALA B 2 4   ? 10.744  -1.025  8.926   1.00 15.56 ? 3   ALA B CA   1 
ATOM   1588 C C    . ALA B 2 4   ? 9.699   -1.329  10.019  1.00 14.80 ? 3   ALA B C    1 
ATOM   1589 O O    . ALA B 2 4   ? 8.970   -0.428  10.451  1.00 15.79 ? 3   ALA B O    1 
ATOM   1590 C CB   . ALA B 2 4   ? 12.064  -0.668  9.585   1.00 16.78 ? 3   ALA B CB   1 
ATOM   1591 H H    . ALA B 2 4   ? 10.846  0.913   8.052   1.00 0.00  ? 3   ALA B H    1 
HETATM 1592 N N1   . NIT B 2 5   ? 9.580   -2.614  10.377  1.00 12.91 ? 4   NIT B N1   1 
HETATM 1593 C C1   . NIT B 2 5   ? 8.713   -3.171  11.444  1.00 12.52 ? 4   NIT B C1   1 
HETATM 1594 C C2   . NIT B 2 5   ? 7.854   -2.388  12.200  1.00 13.08 ? 4   NIT B C2   1 
HETATM 1595 C C3   . NIT B 2 5   ? 7.068   -2.960  13.182  1.00 11.54 ? 4   NIT B C3   1 
HETATM 1596 C C4   . NIT B 2 5   ? 7.140   -4.325  13.399  1.00 11.12 ? 4   NIT B C4   1 
HETATM 1597 N N4   . NIT B 2 5   ? 6.300   -4.942  14.467  1.00 11.80 ? 4   NIT B N4   1 
HETATM 1598 O ON1  . NIT B 2 5   ? 5.759   -4.216  15.282  1.00 11.45 ? 4   NIT B ON1  1 
HETATM 1599 O ON2  . NIT B 2 5   ? 6.182   -6.163  14.519  1.00 14.20 ? 4   NIT B ON2  1 
HETATM 1600 C C5   . NIT B 2 5   ? 7.995   -5.117  12.648  1.00 9.79  ? 4   NIT B C5   1 
HETATM 1601 C C6   . NIT B 2 5   ? 8.776   -4.532  11.669  1.00 11.03 ? 4   NIT B C6   1 
HETATM 1602 H HN11 . NIT B 2 5   ? 10.031  -3.227  9.766   1.00 0.00  ? 4   NIT B HN11 1 
HETATM 1603 O O    . HOH C 3 .   ? -9.061  -7.561  14.385  1.00 43.74 ? 251 HOH A O    1 
HETATM 1604 O O    . HOH C 3 .   ? -9.224  7.432   -8.812  1.00 21.07 ? 252 HOH A O    1 
HETATM 1605 O O    . HOH C 3 .   ? -10.449 9.070   -6.499  1.00 17.47 ? 253 HOH A O    1 
HETATM 1606 O O    . HOH C 3 .   ? -14.243 1.850   -7.925  1.00 17.13 ? 254 HOH A O    1 
HETATM 1607 O O    . HOH C 3 .   ? -9.361  -17.019 -1.418  1.00 34.32 ? 255 HOH A O    1 
HETATM 1608 O O    . HOH C 3 .   ? -17.367 -9.029  -0.752  1.00 11.54 ? 256 HOH A O    1 
HETATM 1609 O O    . HOH C 3 .   ? -18.011 -2.544  -3.594  1.00 21.86 ? 257 HOH A O    1 
HETATM 1610 O O    . HOH C 3 .   ? -16.796 -1.357  1.022   1.00 15.45 ? 258 HOH A O    1 
HETATM 1611 O O    . HOH C 3 .   ? 6.066   9.105   -4.232  1.00 6.48  ? 259 HOH A O    1 
HETATM 1612 O O    . HOH C 3 .   ? -4.807  -4.288  -10.999 1.00 13.30 ? 260 HOH A O    1 
HETATM 1613 O O    . HOH C 3 .   ? 0.199   -9.044  -14.664 1.00 32.92 ? 261 HOH A O    1 
HETATM 1614 O O    . HOH C 3 .   ? 2.086   -8.311  -2.314  1.00 8.44  ? 262 HOH A O    1 
HETATM 1615 O O    . HOH C 3 .   ? -1.673  -12.788 2.026   1.00 9.36  ? 263 HOH A O    1 
HETATM 1616 O O    . HOH C 3 .   ? 6.111   -9.805  4.719   1.00 22.07 ? 264 HOH A O    1 
HETATM 1617 O O    . HOH C 3 .   ? 2.312   1.860   14.763  1.00 15.54 ? 265 HOH A O    1 
HETATM 1618 O O    . HOH C 3 .   ? 6.631   -6.521  -7.223  1.00 16.08 ? 266 HOH A O    1 
HETATM 1619 O O    . HOH C 3 .   ? 8.443   9.933   -10.837 1.00 28.30 ? 267 HOH A O    1 
HETATM 1620 O O    . HOH C 3 .   ? 7.299   7.184   -2.549  1.00 5.02  ? 268 HOH A O    1 
HETATM 1621 O O    . HOH C 3 .   ? 7.048   6.681   0.175   1.00 5.03  ? 269 HOH A O    1 
HETATM 1622 O O    . HOH C 3 .   ? 9.758   6.832   -3.949  1.00 7.26  ? 270 HOH A O    1 
HETATM 1623 O O    . HOH C 3 .   ? 8.215   -8.544  3.590   1.00 18.16 ? 271 HOH A O    1 
HETATM 1624 O O    . HOH C 3 .   ? 2.856   12.399  2.351   1.00 7.40  ? 272 HOH A O    1 
HETATM 1625 O O    . HOH C 3 .   ? 4.597   11.824  4.622   1.00 20.27 ? 273 HOH A O    1 
HETATM 1626 O O    . HOH C 3 .   ? -9.383  8.085   10.386  1.00 44.58 ? 274 HOH A O    1 
HETATM 1627 O O    . HOH C 3 .   ? 7.031   0.135   -3.953  1.00 7.52  ? 275 HOH A O    1 
HETATM 1628 O O    . HOH C 3 .   ? 17.696  5.589   5.028   1.00 40.38 ? 276 HOH A O    1 
HETATM 1629 O O    . HOH C 3 .   ? 16.526  7.850   -4.124  1.00 9.45  ? 277 HOH A O    1 
HETATM 1630 O O    . HOH C 3 .   ? 13.135  0.509   -6.740  1.00 23.50 ? 278 HOH A O    1 
HETATM 1631 O O    . HOH C 3 .   ? 2.267   4.897   -6.852  1.00 10.30 ? 279 HOH A O    1 
HETATM 1632 O O    . HOH C 3 .   ? 6.179   14.073  13.806  1.00 42.99 ? 280 HOH A O    1 
HETATM 1633 O O    . HOH C 3 .   ? 3.933   15.857  7.117   1.00 26.11 ? 281 HOH A O    1 
HETATM 1634 O O    . HOH C 3 .   ? 14.329  19.805  3.487   1.00 24.12 ? 282 HOH A O    1 
HETATM 1635 O O    . HOH C 3 .   ? -5.897  11.965  4.190   1.00 35.24 ? 284 HOH A O    1 
HETATM 1636 O O    . HOH C 3 .   ? -15.467 2.181   6.069   1.00 31.86 ? 285 HOH A O    1 
HETATM 1637 O O    . HOH C 3 .   ? -13.918 -5.713  11.297  1.00 23.96 ? 286 HOH A O    1 
HETATM 1638 O O    . HOH C 3 .   ? -2.288  -9.736  12.609  1.00 12.06 ? 287 HOH A O    1 
HETATM 1639 O O    . HOH C 3 .   ? 0.039   -8.590  13.434  1.00 18.36 ? 288 HOH A O    1 
HETATM 1640 O O    . HOH C 3 .   ? -4.033  -16.098 8.078   1.00 22.48 ? 289 HOH A O    1 
HETATM 1641 O O    . HOH C 3 .   ? -5.412  -14.644 6.318   1.00 18.27 ? 290 HOH A O    1 
HETATM 1642 O O    . HOH C 3 .   ? 10.970  -19.348 6.849   1.00 31.02 ? 291 HOH A O    1 
HETATM 1643 O O    . HOH C 3 .   ? 8.662   -8.780  12.375  1.00 57.52 ? 292 HOH A O    1 
HETATM 1644 O O    . HOH C 3 .   ? 6.091   -12.684 12.090  1.00 45.22 ? 293 HOH A O    1 
HETATM 1645 O O    . HOH C 3 .   ? 2.786   -17.379 6.600   1.00 24.76 ? 294 HOH A O    1 
HETATM 1646 O O    . HOH C 3 .   ? 0.071   -14.967 2.531   1.00 13.98 ? 295 HOH A O    1 
HETATM 1647 O O    . HOH C 3 .   ? 1.553   -18.050 4.054   1.00 44.81 ? 296 HOH A O    1 
HETATM 1648 O O    . HOH C 3 .   ? -3.635  -19.563 1.785   1.00 35.96 ? 297 HOH A O    1 
HETATM 1649 O O    . HOH C 3 .   ? -7.236  -17.750 0.730   1.00 49.01 ? 298 HOH A O    1 
HETATM 1650 O O    . HOH C 3 .   ? -13.803 -12.255 5.157   1.00 27.73 ? 300 HOH A O    1 
HETATM 1651 O O    . HOH C 3 .   ? -14.795 -9.128  -3.414  1.00 28.21 ? 301 HOH A O    1 
HETATM 1652 O O    . HOH C 3 .   ? -18.463 -1.079  -0.979  1.00 20.20 ? 302 HOH A O    1 
HETATM 1653 O O    . HOH C 3 .   ? -17.128 -0.537  -5.509  1.00 31.61 ? 303 HOH A O    1 
HETATM 1654 O O    . HOH C 3 .   ? 3.477   17.157  -4.744  1.00 29.94 ? 304 HOH A O    1 
HETATM 1655 O O    . HOH C 3 .   ? 4.354   8.185   -12.729 1.00 28.99 ? 305 HOH A O    1 
HETATM 1656 O O    . HOH C 3 .   ? -7.864  -5.559  -15.049 1.00 46.82 ? 306 HOH A O    1 
HETATM 1657 O O    . HOH C 3 .   ? 4.665   -4.211  -14.533 1.00 27.74 ? 307 HOH A O    1 
HETATM 1658 O O    . HOH C 3 .   ? 9.461   -8.905  6.498   1.00 22.48 ? 308 HOH A O    1 
HETATM 1659 O O    . HOH C 3 .   ? 7.814   -7.358  8.552   1.00 26.38 ? 309 HOH A O    1 
HETATM 1660 O O    . HOH C 3 .   ? 1.341   -6.379  15.828  1.00 16.98 ? 310 HOH A O    1 
HETATM 1661 O O    . HOH C 3 .   ? -0.617  -7.694  17.945  1.00 47.59 ? 311 HOH A O    1 
HETATM 1662 O O    . HOH C 3 .   ? 2.254   -9.829  12.309  1.00 16.71 ? 312 HOH A O    1 
HETATM 1663 O O    . HOH C 3 .   ? -5.074  -1.794  15.117  1.00 20.87 ? 313 HOH A O    1 
HETATM 1664 O O    . HOH C 3 .   ? 10.673  -16.705 -6.096  1.00 24.68 ? 314 HOH A O    1 
HETATM 1665 O O    . HOH C 3 .   ? 11.813  -1.277  -10.831 1.00 34.48 ? 315 HOH A O    1 
HETATM 1666 O O    . HOH C 3 .   ? 9.461   1.839   -16.642 1.00 37.45 ? 316 HOH A O    1 
HETATM 1667 O O    . HOH C 3 .   ? 9.298   7.037   -12.839 1.00 45.56 ? 317 HOH A O    1 
HETATM 1668 O O    . HOH C 3 .   ? 6.776   2.032   -10.756 1.00 11.22 ? 318 HOH A O    1 
HETATM 1669 O O    . HOH C 3 .   ? 8.184   15.594  -1.761  1.00 12.92 ? 319 HOH A O    1 
HETATM 1670 O O    . HOH C 3 .   ? 10.527  20.781  -0.443  1.00 37.23 ? 320 HOH A O    1 
HETATM 1671 O O    . HOH C 3 .   ? 9.679   18.383  -1.369  1.00 43.28 ? 321 HOH A O    1 
HETATM 1672 O O    . HOH C 3 .   ? -3.332  15.405  6.311   1.00 37.56 ? 322 HOH A O    1 
HETATM 1673 O O    . HOH C 3 .   ? -11.734 2.021   14.875  1.00 56.01 ? 323 HOH A O    1 
HETATM 1674 O O    . HOH C 3 .   ? 9.321   -2.309  -0.247  1.00 23.09 ? 324 HOH A O    1 
HETATM 1675 O O    . HOH C 3 .   ? 12.836  8.253   5.400   1.00 24.70 ? 325 HOH A O    1 
HETATM 1676 O O    . HOH C 3 .   ? 14.810  7.065   2.846   1.00 27.45 ? 326 HOH A O    1 
HETATM 1677 O O    . HOH C 3 .   ? 15.064  -1.051  -5.461  1.00 31.39 ? 327 HOH A O    1 
HETATM 1678 O O    . HOH C 3 .   ? 16.527  -1.229  1.320   1.00 20.90 ? 328 HOH A O    1 
HETATM 1679 O O    . HOH C 3 .   ? 18.384  11.813  -5.838  1.00 39.00 ? 329 HOH A O    1 
HETATM 1680 O O    . HOH C 3 .   ? 13.988  7.399   -9.151  1.00 26.12 ? 330 HOH A O    1 
HETATM 1681 O O    . HOH C 3 .   ? 10.116  -0.516  -4.960  1.00 23.76 ? 331 HOH A O    1 
HETATM 1682 O O    . HOH C 3 .   ? 7.861   -4.601  -5.355  1.00 41.32 ? 332 HOH A O    1 
HETATM 1683 O O    . HOH C 3 .   ? 9.795   -6.093  -0.969  1.00 48.00 ? 333 HOH A O    1 
HETATM 1684 O O    . HOH C 3 .   ? 9.335   -7.715  -5.589  1.00 35.55 ? 334 HOH A O    1 
HETATM 1685 O O    . HOH C 3 .   ? 9.967   7.946   8.630   1.00 34.82 ? 335 HOH A O    1 
HETATM 1686 O O    . HOH C 3 .   ? 10.526  11.265  8.962   1.00 39.48 ? 336 HOH A O    1 
HETATM 1687 O O    . HOH C 3 .   ? 20.639  12.139  4.235   1.00 35.65 ? 337 HOH A O    1 
HETATM 1688 O O    . HOH C 3 .   ? 20.768  8.042   7.322   1.00 26.85 ? 338 HOH A O    1 
HETATM 1689 O O    . HOH C 3 .   ? 15.805  3.820   10.801  1.00 46.55 ? 339 HOH A O    1 
HETATM 1690 O O    . HOH C 3 .   ? 12.180  5.813   7.255   1.00 51.06 ? 340 HOH A O    1 
HETATM 1691 O O    . HOH C 3 .   ? -16.628 0.121   7.162   1.00 33.17 ? 341 HOH A O    1 
HETATM 1692 O O    . HOH C 3 .   ? -19.108 -0.882  7.646   1.00 51.03 ? 342 HOH A O    1 
HETATM 1693 O O    . HOH C 3 .   ? -17.469 -6.077  10.065  1.00 43.27 ? 343 HOH A O    1 
HETATM 1694 O O    . HOH C 3 .   ? -9.597  -11.243 11.569  1.00 41.51 ? 344 HOH A O    1 
HETATM 1695 O O    . HOH C 3 .   ? -6.350  -15.880 11.330  1.00 19.78 ? 345 HOH A O    1 
HETATM 1696 O O    . HOH C 3 .   ? -0.229  -14.273 14.350  1.00 38.32 ? 346 HOH A O    1 
HETATM 1697 O O    . HOH C 3 .   ? 4.819   -20.189 4.885   1.00 33.35 ? 347 HOH A O    1 
HETATM 1698 O O    . HOH C 3 .   ? 8.928   -17.931 0.149   1.00 43.63 ? 348 HOH A O    1 
HETATM 1699 O O    . HOH C 3 .   ? -0.584  -19.002 2.569   1.00 25.15 ? 350 HOH A O    1 
HETATM 1700 O O    . HOH C 3 .   ? -2.334  -19.381 13.853  1.00 33.88 ? 351 HOH A O    1 
HETATM 1701 O O    . HOH C 3 .   ? 1.317   -22.807 11.502  1.00 38.48 ? 352 HOH A O    1 
HETATM 1702 O O    . HOH C 3 .   ? -4.907  -18.359 9.605   1.00 34.82 ? 353 HOH A O    1 
HETATM 1703 O O    . HOH C 3 .   ? -8.559  9.514   -11.780 1.00 46.96 ? 356 HOH A O    1 
HETATM 1704 O O    . HOH C 3 .   ? 16.362  0.832   -4.050  1.00 25.86 ? 357 HOH A O    1 
HETATM 1705 O O    . HOH C 3 .   ? -12.785 9.504   -7.776  1.00 52.14 ? 358 HOH A O    1 
HETATM 1706 O O    . HOH C 3 .   ? 0.185   19.423  -7.896  1.00 46.63 ? 359 HOH A O    1 
HETATM 1707 O O    . HOH C 3 .   ? -8.224  -2.649  -13.593 1.00 37.88 ? 360 HOH A O    1 
HETATM 1708 O O    . HOH C 3 .   ? -7.322  -14.352 -7.562  1.00 38.42 ? 361 HOH A O    1 
HETATM 1709 O O    . HOH C 3 .   ? -0.497  -16.597 -10.379 1.00 50.50 ? 362 HOH A O    1 
HETATM 1710 O O    . HOH C 3 .   ? 8.105   -6.299  1.771   1.00 27.33 ? 363 HOH A O    1 
HETATM 1711 O O    . HOH C 3 .   ? 8.531   -2.807  2.579   1.00 32.18 ? 364 HOH A O    1 
HETATM 1712 O O    . HOH C 3 .   ? 2.968   -12.088 -13.127 1.00 49.23 ? 365 HOH A O    1 
HETATM 1713 O O    . HOH C 3 .   ? 6.092   -10.742 -13.221 1.00 38.61 ? 366 HOH A O    1 
HETATM 1714 O O    . HOH C 3 .   ? 6.344   18.997  -2.902  1.00 30.75 ? 367 HOH A O    1 
HETATM 1715 O O    . HOH C 3 .   ? -3.703  12.794  5.683   1.00 32.91 ? 368 HOH A O    1 
HETATM 1716 O O    . HOH C 3 .   ? 8.860   -1.489  -2.811  1.00 27.29 ? 369 HOH A O    1 
HETATM 1717 O O    . HOH C 3 .   ? -7.199  0.288   15.019  1.00 39.48 ? 370 HOH A O    1 
HETATM 1718 O O    . HOH C 3 .   ? 8.894   19.036  10.441  1.00 30.92 ? 371 HOH A O    1 
HETATM 1719 O O    . HOH C 3 .   ? -13.178 4.845   6.065   1.00 34.40 ? 372 HOH A O    1 
HETATM 1720 O O    . HOH C 3 .   ? -10.161 -2.439  15.902  1.00 50.24 ? 373 HOH A O    1 
HETATM 1721 O O    . HOH C 3 .   ? -6.693  -6.094  17.858  1.00 44.61 ? 374 HOH A O    1 
HETATM 1722 O O    . HOH C 3 .   ? -6.866  -10.804 16.576  1.00 55.18 ? 375 HOH A O    1 
HETATM 1723 O O    . HOH C 3 .   ? -4.379  -16.683 15.655  1.00 51.70 ? 376 HOH A O    1 
HETATM 1724 O O    . HOH C 3 .   ? -6.364  -16.689 18.140  1.00 39.70 ? 377 HOH A O    1 
HETATM 1725 O O    . HOH C 3 .   ? 5.906   -15.323 14.087  1.00 41.06 ? 378 HOH A O    1 
HETATM 1726 O O    . HOH C 3 .   ? 10.937  -18.188 13.917  1.00 44.48 ? 379 HOH A O    1 
HETATM 1727 O O    . HOH C 3 .   ? 2.382   -16.616 1.276   1.00 46.11 ? 380 HOH A O    1 
HETATM 1728 O O    . HOH C 3 .   ? 11.794  -14.946 0.318   1.00 34.29 ? 381 HOH A O    1 
HETATM 1729 O O    . HOH C 3 .   ? 10.679  -13.413 -1.979  1.00 36.87 ? 382 HOH A O    1 
HETATM 1730 O O    . HOH C 3 .   ? -11.312 -16.776 -3.046  1.00 40.97 ? 383 HOH A O    1 
HETATM 1731 O O    . HOH D 3 .   ? 11.157  3.285   8.622   1.00 40.45 ? 283 HOH B O    1 
HETATM 1732 O O    . HOH D 3 .   ? 13.977  -0.293  6.348   1.00 39.00 ? 299 HOH B O    1 
HETATM 1733 O O    . HOH D 3 .   ? 5.401   -8.882  14.792  1.00 30.27 ? 349 HOH B O    1 
HETATM 1734 O O    . HOH D 3 .   ? 9.366   2.319   11.024  1.00 42.09 ? 354 HOH B O    1 
HETATM 1735 O O    . HOH D 3 .   ? 11.101  -4.560  9.009   1.00 32.53 ? 355 HOH B O    1 
# 
